data_6CUZ
#
_entry.id   6CUZ
#
_cell.length_a   84.222
_cell.length_b   109.297
_cell.length_c   159.928
_cell.angle_alpha   90.000
_cell.angle_beta   90.000
_cell.angle_gamma   90.000
#
_symmetry.space_group_name_H-M   'P 21 21 21'
#
loop_
_entity.id
_entity.type
_entity.pdbx_description
1 polymer 'Tryptophan synthase beta chain 1'
2 polymer 'Tryptophan synthase beta chain 1'
3 non-polymer 'SODIUM ION'
4 non-polymer '(2E)-2-[(E)-({3-hydroxy-2-methyl-5-[(phosphonooxy)methyl]pyridin-4-yl}methylidene)amino]pent-2-enoic acid'
5 non-polymer 'PHOSPHATE ION'
6 water water
#
loop_
_entity_poly.entity_id
_entity_poly.type
_entity_poly.pdbx_seq_one_letter_code
_entity_poly.pdbx_strand_id
1 'polypeptide(L)'
;MWFGEFGGQYVPETLVGPLKELEKAYKRFKDDEEFNRQLNYYLKTWAGRPTPLYYAKRLTEKIGGAKIYLKREDLVHGGA
HKTNNAIGQAPLAKLMGKTRLIAETGAGQHGVATAMAGALLGMKVDIYMGAEDVERQKMNVFRMKLLGANVIPVNSGSRT
AKDAINEALRDWEATFEYTHYLIGSVVGPHPYPTIVRDFQSVIGREAKAQILEAEGQLPDVIVACVGGGSNAMGIFYPFV
NDKKVKLVGVEAGGKGLESGKHSASLNAGQVGVLHGMLSYFLQDEEGQIKPSHSIAPGLDYPGVGPEHAYLKKIQRAEYV
TVTDEEALKAFHELSRTEGIIPALESAHAVAYAMKLAKEMSRDEIIIVNLSGRGDKDLDIVLKASGNV
;
A,D
2 'polypeptide(L)'
;MWFGEFGGQYVPETLVGPLKELEKAYKRFKDDEEFNRQLNYYLKTWAGRPTPLYYAKRLTEKIGGAKIYLKREDLVHGGA
H(LLP)TNNAIGQAPLAKLMGKTRLIAETGAGQHGVATAMAGALLGMKVDIYMGAEDVERQKMNVFRMKLLGANVIPVNS
GSRTAKDAINEALRDWEATFEYTHYLIGSVVGPHPYPTIVRDFQSVIGREAKAQILEAEGQLPDVIVACVGGGSNAMGIF
YPFVNDKKVKLVGVEAGGKGLESGKHSASLNAGQVGVLHGMLSYFLQDEEGQIKPSHSIAPGLDYPGVGPEHAYLKKIQR
AEYVTVTDEEALKAFHELSRTEGIIPALESAHAVAYAMKLAKEMSRDEIIIVNLSGRGDKDLDIVLKASGNV
;
B,C
#
loop_
_chem_comp.id
_chem_comp.type
_chem_comp.name
_chem_comp.formula
FEV non-polymer '(2E)-2-[(E)-({3-hydroxy-2-methyl-5-[(phosphonooxy)methyl]pyridin-4-yl}methylidene)amino]pent-2-enoic acid' 'C13 H17 N2 O7 P'
NA non-polymer 'SODIUM ION' 'Na 1'
PO4 non-polymer 'PHOSPHATE ION' 'O4 P -3'
#
# COMPACT_ATOMS: atom_id res chain seq x y z
N MET A 1 44.37 12.58 9.84
CA MET A 1 45.13 11.77 10.83
C MET A 1 44.73 12.10 12.27
N TRP A 2 44.44 13.37 12.51
CA TRP A 2 44.16 13.86 13.85
C TRP A 2 42.70 14.29 13.99
N PHE A 3 42.16 14.09 15.18
CA PHE A 3 40.91 14.71 15.58
C PHE A 3 41.29 15.46 16.82
N GLY A 4 41.67 16.72 16.64
CA GLY A 4 42.33 17.48 17.69
C GLY A 4 43.56 16.74 18.16
N GLU A 5 43.60 16.40 19.45
CA GLU A 5 44.78 15.76 20.02
C GLU A 5 44.86 14.28 19.70
N PHE A 6 43.75 13.69 19.28
CA PHE A 6 43.61 12.25 19.25
C PHE A 6 43.74 11.67 17.85
N GLY A 7 44.29 10.46 17.77
CA GLY A 7 44.48 9.76 16.51
C GLY A 7 45.95 9.47 16.28
N GLY A 8 46.45 9.82 15.11
CA GLY A 8 47.83 9.57 14.78
C GLY A 8 48.07 8.20 14.19
N GLN A 9 49.34 7.85 14.11
CA GLN A 9 49.79 6.69 13.36
C GLN A 9 50.96 6.07 14.13
N TYR A 10 50.65 5.53 15.30
CA TYR A 10 51.67 5.08 16.22
C TYR A 10 52.01 3.63 15.98
N VAL A 11 52.80 3.41 14.94
CA VAL A 11 53.13 2.08 14.46
C VAL A 11 54.60 1.99 14.16
N PRO A 12 55.16 0.77 14.11
CA PRO A 12 56.54 0.66 13.68
C PRO A 12 56.73 1.23 12.27
N GLU A 13 57.94 1.74 12.00
CA GLU A 13 58.29 2.33 10.71
C GLU A 13 57.89 1.44 9.52
N THR A 14 58.04 0.13 9.68
CA THR A 14 57.67 -0.85 8.65
C THR A 14 56.21 -0.78 8.17
N LEU A 15 55.30 -0.22 8.97
CA LEU A 15 53.90 -0.12 8.60
C LEU A 15 53.52 1.25 8.02
N VAL A 16 54.48 2.17 7.95
CA VAL A 16 54.19 3.51 7.43
C VAL A 16 53.90 3.48 5.92
N GLY A 17 54.69 2.70 5.17
CA GLY A 17 54.45 2.51 3.74
C GLY A 17 53.07 1.94 3.46
N PRO A 18 52.76 0.77 4.02
CA PRO A 18 51.44 0.15 3.90
C PRO A 18 50.29 1.09 4.24
N LEU A 19 50.42 1.84 5.32
CA LEU A 19 49.39 2.79 5.71
C LEU A 19 49.29 3.94 4.70
N LYS A 20 50.40 4.34 4.12
CA LYS A 20 50.39 5.37 3.07
C LYS A 20 49.71 4.88 1.79
N GLU A 21 49.91 3.61 1.45
CA GLU A 21 49.30 3.02 0.25
C GLU A 21 47.79 2.76 0.43
N LEU A 22 47.39 2.42 1.65
CA LEU A 22 45.97 2.32 1.97
C LEU A 22 45.32 3.70 1.83
N GLU A 23 46.00 4.74 2.33
CA GLU A 23 45.47 6.10 2.25
C GLU A 23 45.34 6.61 0.82
N LYS A 24 46.33 6.26 -0.02
CA LYS A 24 46.31 6.64 -1.43
C LYS A 24 45.16 5.95 -2.18
N ALA A 25 45.04 4.64 -2.00
CA ALA A 25 43.98 3.86 -2.62
C ALA A 25 42.58 4.31 -2.16
N TYR A 26 42.44 4.60 -0.86
CA TYR A 26 41.17 5.05 -0.33
C TYR A 26 40.75 6.40 -0.89
N LYS A 27 41.68 7.34 -0.96
CA LYS A 27 41.44 8.64 -1.58
C LYS A 27 41.08 8.47 -3.06
N ARG A 28 41.76 7.56 -3.74
CA ARG A 28 41.49 7.28 -5.15
C ARG A 28 40.11 6.64 -5.41
N PHE A 29 39.64 5.79 -4.50
CA PHE A 29 38.40 5.05 -4.74
C PHE A 29 37.17 5.54 -3.99
N LYS A 30 37.33 6.31 -2.91
CA LYS A 30 36.17 6.69 -2.10
C LYS A 30 35.09 7.44 -2.89
N ASP A 31 35.52 8.22 -3.90
CA ASP A 31 34.62 8.98 -4.76
C ASP A 31 34.59 8.45 -6.21
N ASP A 32 35.14 7.26 -6.43
CA ASP A 32 35.12 6.64 -7.76
C ASP A 32 33.75 6.02 -7.99
N GLU A 33 33.12 6.35 -9.12
CA GLU A 33 31.73 5.93 -9.35
C GLU A 33 31.56 4.40 -9.41
N GLU A 34 32.50 3.68 -10.00
CA GLU A 34 32.40 2.22 -10.08
C GLU A 34 32.54 1.56 -8.69
N PHE A 35 33.53 2.00 -7.92
CA PHE A 35 33.72 1.49 -6.56
C PHE A 35 32.45 1.68 -5.74
N ASN A 36 31.85 2.86 -5.87
CA ASN A 36 30.62 3.17 -5.16
C ASN A 36 29.39 2.40 -5.69
N ARG A 37 29.31 2.22 -7.01
CA ARG A 37 28.23 1.44 -7.61
C ARG A 37 28.30 0.01 -7.08
N GLN A 38 29.49 -0.57 -7.11
CA GLN A 38 29.72 -1.91 -6.58
C GLN A 38 29.40 -1.99 -5.08
N LEU A 39 29.90 -1.04 -4.30
CA LEU A 39 29.65 -1.05 -2.87
C LEU A 39 28.14 -1.00 -2.58
N ASN A 40 27.46 -0.05 -3.21
CA ASN A 40 26.03 0.13 -3.01
C ASN A 40 25.21 -1.07 -3.46
N TYR A 41 25.68 -1.72 -4.52
CA TYR A 41 25.08 -2.95 -5.05
C TYR A 41 25.18 -4.11 -4.05
N TYR A 42 26.35 -4.26 -3.43
CA TYR A 42 26.54 -5.25 -2.38
C TYR A 42 25.70 -4.94 -1.15
N LEU A 43 25.67 -3.66 -0.78
CA LEU A 43 24.90 -3.23 0.38
C LEU A 43 23.41 -3.49 0.19
N LYS A 44 22.92 -3.26 -1.03
CA LYS A 44 21.52 -3.48 -1.34
C LYS A 44 21.16 -4.98 -1.45
N THR A 45 21.80 -5.67 -2.36
CA THR A 45 21.36 -7.01 -2.74
C THR A 45 21.89 -8.11 -1.82
N TRP A 46 23.03 -7.87 -1.19
CA TRP A 46 23.67 -8.88 -0.34
C TRP A 46 23.44 -8.61 1.14
N ALA A 47 23.66 -7.37 1.56
CA ALA A 47 23.49 -6.99 2.97
C ALA A 47 22.05 -6.58 3.31
N GLY A 48 21.27 -6.18 2.30
CA GLY A 48 19.85 -5.86 2.49
C GLY A 48 19.54 -4.44 2.95
N ARG A 49 20.44 -3.50 2.66
CA ARG A 49 20.18 -2.08 2.96
C ARG A 49 19.18 -1.49 1.95
N PRO A 50 18.39 -0.50 2.35
CA PRO A 50 18.44 0.14 3.67
C PRO A 50 17.76 -0.66 4.76
N THR A 51 18.23 -0.51 5.99
CA THR A 51 17.52 -1.07 7.12
C THR A 51 16.43 -0.07 7.52
N PRO A 52 15.32 -0.57 8.07
CA PRO A 52 14.22 0.33 8.44
C PRO A 52 14.50 1.14 9.72
N LEU A 53 13.73 2.21 9.88
CA LEU A 53 13.66 2.96 11.13
C LEU A 53 12.31 2.59 11.75
N TYR A 54 12.35 1.97 12.92
CA TYR A 54 11.13 1.42 13.53
C TYR A 54 10.70 2.23 14.75
N TYR A 55 9.41 2.54 14.81
CA TYR A 55 8.84 3.26 15.95
C TYR A 55 8.45 2.24 17.03
N ALA A 56 9.16 2.24 18.15
CA ALA A 56 8.81 1.38 19.27
C ALA A 56 7.62 1.98 20.04
N LYS A 57 6.44 1.81 19.47
CA LYS A 57 5.23 2.50 19.97
C LYS A 57 4.82 2.05 21.36
N ARG A 58 4.85 0.75 21.61
CA ARG A 58 4.44 0.22 22.90
C ARG A 58 5.41 0.65 24.00
N LEU A 59 6.71 0.60 23.67
CA LEU A 59 7.75 1.00 24.59
C LEU A 59 7.69 2.50 24.88
N THR A 60 7.40 3.30 23.87
CA THR A 60 7.20 4.74 24.05
C THR A 60 6.03 5.03 25.00
N GLU A 61 4.88 4.44 24.72
CA GLU A 61 3.67 4.70 25.50
C GLU A 61 3.73 4.14 26.92
N LYS A 62 4.46 3.04 27.09
CA LYS A 62 4.68 2.46 28.40
C LYS A 62 5.54 3.39 29.29
N ILE A 63 6.62 3.94 28.75
CA ILE A 63 7.47 4.89 29.50
C ILE A 63 6.77 6.25 29.67
N GLY A 64 6.04 6.67 28.64
CA GLY A 64 5.13 7.82 28.74
C GLY A 64 5.76 9.17 28.45
N GLY A 65 6.95 9.14 27.85
CA GLY A 65 7.67 10.36 27.50
C GLY A 65 7.94 10.44 26.01
N ALA A 66 9.19 10.69 25.65
CA ALA A 66 9.57 10.92 24.25
C ALA A 66 9.41 9.68 23.40
N LYS A 67 9.23 9.91 22.09
CA LYS A 67 9.15 8.85 21.12
C LYS A 67 10.51 8.20 20.96
N ILE A 68 10.54 6.88 21.04
CA ILE A 68 11.76 6.10 20.82
C ILE A 68 11.68 5.42 19.45
N TYR A 69 12.60 5.77 18.56
CA TYR A 69 12.76 5.08 17.29
C TYR A 69 14.01 4.19 17.34
N LEU A 70 13.98 3.09 16.59
CA LEU A 70 15.08 2.15 16.52
C LEU A 70 15.56 2.04 15.08
N LYS A 71 16.83 2.40 14.85
CA LYS A 71 17.49 2.16 13.57
C LYS A 71 17.89 0.67 13.51
N ARG A 72 17.32 -0.06 12.57
CA ARG A 72 17.35 -1.52 12.63
C ARG A 72 18.57 -2.17 11.97
N GLU A 73 19.76 -1.90 12.51
CA GLU A 73 20.99 -2.55 11.99
C GLU A 73 21.01 -4.04 12.31
N ASP A 74 20.21 -4.46 13.28
CA ASP A 74 20.02 -5.86 13.59
C ASP A 74 19.53 -6.68 12.39
N LEU A 75 18.96 -6.01 11.39
CA LEU A 75 18.47 -6.68 10.16
C LEU A 75 19.48 -6.77 9.02
N VAL A 76 20.66 -6.18 9.19
CA VAL A 76 21.72 -6.30 8.18
C VAL A 76 22.13 -7.77 8.11
N HIS A 77 22.49 -8.22 6.91
CA HIS A 77 23.05 -9.57 6.73
C HIS A 77 24.22 -9.78 7.69
N GLY A 78 24.14 -10.84 8.49
CA GLY A 78 25.14 -11.11 9.51
C GLY A 78 24.63 -10.79 10.91
N GLY A 79 23.65 -9.89 10.99
CA GLY A 79 22.98 -9.57 12.24
C GLY A 79 23.61 -8.40 12.98
N ALA A 80 24.43 -7.62 12.30
CA ALA A 80 25.06 -6.45 12.92
C ALA A 80 25.57 -5.45 11.88
N HIS A 81 25.78 -4.21 12.34
CA HIS A 81 26.30 -3.14 11.50
C HIS A 81 27.70 -3.41 10.93
N LYS A 82 28.44 -4.33 11.55
CA LYS A 82 29.85 -4.64 11.14
C LYS A 82 30.00 -4.98 9.67
N THR A 83 28.97 -5.58 9.10
CA THR A 83 28.96 -5.91 7.69
C THR A 83 29.18 -4.68 6.79
N ASN A 84 28.68 -3.51 7.19
CA ASN A 84 28.77 -2.32 6.33
C ASN A 84 30.23 -1.98 6.06
N ASN A 85 31.03 -2.10 7.10
CA ASN A 85 32.45 -1.80 7.02
C ASN A 85 33.19 -2.92 6.31
N ALA A 86 32.87 -4.17 6.63
CA ALA A 86 33.54 -5.32 6.03
C ALA A 86 33.46 -5.31 4.50
N ILE A 87 32.26 -5.05 3.98
CA ILE A 87 32.05 -5.04 2.54
C ILE A 87 32.51 -3.73 1.89
N GLY A 88 32.77 -2.70 2.69
CA GLY A 88 33.46 -1.51 2.19
C GLY A 88 34.94 -1.78 1.94
N GLN A 89 35.62 -2.36 2.94
CA GLN A 89 37.07 -2.57 2.87
C GLN A 89 37.50 -3.74 1.98
N ALA A 90 36.74 -4.83 2.03
CA ALA A 90 37.20 -6.06 1.37
C ALA A 90 37.42 -5.87 -0.14
N PRO A 91 36.46 -5.22 -0.85
CA PRO A 91 36.71 -4.92 -2.26
C PRO A 91 37.82 -3.89 -2.51
N LEU A 92 38.04 -2.97 -1.57
CA LEU A 92 39.18 -2.04 -1.65
C LEU A 92 40.49 -2.82 -1.61
N ALA A 93 40.57 -3.77 -0.67
CA ALA A 93 41.74 -4.66 -0.57
C ALA A 93 41.99 -5.40 -1.88
N LYS A 94 40.91 -5.88 -2.52
CA LYS A 94 41.02 -6.60 -3.80
C LYS A 94 41.60 -5.68 -4.88
N LEU A 95 41.11 -4.45 -4.96
CA LEU A 95 41.61 -3.46 -5.91
C LEU A 95 43.07 -3.09 -5.71
N MET A 96 43.54 -3.19 -4.47
CA MET A 96 44.95 -2.95 -4.14
C MET A 96 45.83 -4.18 -4.42
N GLY A 97 45.22 -5.26 -4.93
CA GLY A 97 45.95 -6.48 -5.27
C GLY A 97 46.15 -7.45 -4.12
N LYS A 98 45.39 -7.28 -3.03
CA LYS A 98 45.53 -8.13 -1.86
C LYS A 98 44.68 -9.38 -2.05
N THR A 99 45.16 -10.53 -1.58
CA THR A 99 44.45 -11.80 -1.75
C THR A 99 43.98 -12.42 -0.43
N ARG A 100 44.33 -11.79 0.69
CA ARG A 100 44.06 -12.32 2.01
C ARG A 100 43.57 -11.19 2.92
N LEU A 101 42.59 -11.49 3.78
CA LEU A 101 42.12 -10.59 4.80
C LEU A 101 42.49 -11.15 6.17
N ILE A 102 42.90 -10.26 7.08
CA ILE A 102 43.01 -10.63 8.48
C ILE A 102 42.18 -9.64 9.27
N ALA A 103 41.82 -10.04 10.48
CA ALA A 103 41.00 -9.19 11.33
C ALA A 103 41.10 -9.69 12.75
N GLU A 104 40.80 -8.79 13.67
CA GLU A 104 40.61 -9.11 15.06
C GLU A 104 39.10 -9.29 15.29
N THR A 105 38.72 -10.07 16.30
CA THR A 105 37.34 -10.06 16.75
C THR A 105 37.24 -10.43 18.23
N GLY A 106 36.21 -9.90 18.89
CA GLY A 106 35.94 -10.18 20.30
C GLY A 106 34.59 -10.88 20.48
N ALA A 107 33.54 -10.22 20.01
CA ALA A 107 32.19 -10.80 20.02
C ALA A 107 31.98 -11.75 18.84
N GLY A 108 32.83 -11.62 17.82
CA GLY A 108 32.78 -12.52 16.69
C GLY A 108 31.93 -12.01 15.54
N GLN A 109 31.25 -10.89 15.72
CA GLN A 109 30.43 -10.33 14.65
C GLN A 109 31.31 -9.71 13.58
N HIS A 110 32.38 -9.02 13.98
CA HIS A 110 33.32 -8.50 12.99
C HIS A 110 34.07 -9.63 12.30
N GLY A 111 34.46 -10.64 13.08
CA GLY A 111 35.10 -11.82 12.52
C GLY A 111 34.20 -12.54 11.52
N VAL A 112 32.93 -12.70 11.87
CA VAL A 112 31.93 -13.28 10.97
C VAL A 112 31.75 -12.40 9.75
N ALA A 113 31.64 -11.09 9.97
CA ALA A 113 31.42 -10.13 8.88
C ALA A 113 32.59 -10.11 7.89
N THR A 114 33.80 -10.21 8.43
CA THR A 114 35.01 -10.26 7.60
C THR A 114 35.05 -11.57 6.80
N ALA A 115 34.67 -12.67 7.44
CA ALA A 115 34.59 -13.97 6.78
C ALA A 115 33.53 -13.99 5.69
N MET A 116 32.37 -13.41 5.98
CA MET A 116 31.31 -13.33 4.97
C MET A 116 31.79 -12.57 3.74
N ALA A 117 32.45 -11.44 3.96
CA ALA A 117 32.91 -10.59 2.86
C ALA A 117 33.99 -11.29 2.07
N GLY A 118 34.89 -11.96 2.78
CA GLY A 118 35.97 -12.69 2.13
C GLY A 118 35.42 -13.83 1.30
N ALA A 119 34.44 -14.55 1.84
CA ALA A 119 33.82 -15.65 1.12
C ALA A 119 33.21 -15.16 -0.19
N LEU A 120 32.40 -14.11 -0.09
CA LEU A 120 31.78 -13.51 -1.27
C LEU A 120 32.79 -13.12 -2.35
N LEU A 121 33.94 -12.59 -1.93
CA LEU A 121 34.95 -12.09 -2.86
C LEU A 121 36.01 -13.14 -3.19
N GLY A 122 35.98 -14.27 -2.49
CA GLY A 122 36.85 -15.40 -2.79
C GLY A 122 38.26 -15.23 -2.25
N MET A 123 38.36 -14.54 -1.12
CA MET A 123 39.66 -14.22 -0.51
C MET A 123 39.91 -15.14 0.68
N LYS A 124 41.18 -15.36 0.97
CA LYS A 124 41.59 -16.05 2.19
C LYS A 124 41.28 -15.17 3.40
N VAL A 125 40.77 -15.77 4.47
CA VAL A 125 40.42 -15.04 5.68
C VAL A 125 40.98 -15.74 6.91
N ASP A 126 41.82 -15.02 7.67
CA ASP A 126 42.32 -15.50 8.95
C ASP A 126 41.86 -14.53 10.03
N ILE A 127 41.19 -15.05 11.06
CA ILE A 127 40.65 -14.22 12.13
C ILE A 127 41.37 -14.50 13.44
N TYR A 128 42.00 -13.46 13.99
CA TYR A 128 42.66 -13.55 15.29
C TYR A 128 41.63 -13.29 16.36
N MET A 129 41.60 -14.16 17.36
CA MET A 129 40.59 -14.09 18.40
C MET A 129 41.18 -14.59 19.72
N GLY A 130 41.01 -13.81 20.78
CA GLY A 130 41.51 -14.16 22.10
C GLY A 130 40.95 -15.49 22.59
N ALA A 131 41.82 -16.36 23.10
CA ALA A 131 41.41 -17.70 23.54
C ALA A 131 40.23 -17.65 24.51
N GLU A 132 40.27 -16.70 25.45
CA GLU A 132 39.16 -16.49 26.38
C GLU A 132 37.87 -16.09 25.64
N ASP A 133 38.02 -15.36 24.53
CA ASP A 133 36.87 -15.00 23.67
C ASP A 133 36.40 -16.15 22.78
N VAL A 134 37.33 -17.00 22.32
CA VAL A 134 37.00 -18.15 21.48
C VAL A 134 36.10 -19.13 22.25
N GLU A 135 36.49 -19.45 23.48
CA GLU A 135 35.67 -20.31 24.37
C GLU A 135 34.33 -19.65 24.67
N ARG A 136 34.35 -18.33 24.82
CA ARG A 136 33.18 -17.52 25.14
C ARG A 136 32.22 -17.39 23.96
N GLN A 137 32.77 -17.48 22.75
CA GLN A 137 32.02 -17.25 21.50
C GLN A 137 32.13 -18.43 20.55
N LYS A 138 31.88 -19.63 21.06
CA LYS A 138 32.01 -20.85 20.27
C LYS A 138 31.18 -20.81 18.98
N MET A 139 30.01 -20.16 19.04
CA MET A 139 29.08 -20.22 17.92
C MET A 139 29.51 -19.34 16.76
N ASN A 140 29.87 -18.09 17.04
CA ASN A 140 30.40 -17.20 16.01
C ASN A 140 31.69 -17.74 15.40
N VAL A 141 32.46 -18.48 16.19
CA VAL A 141 33.64 -19.18 15.68
C VAL A 141 33.24 -20.23 14.65
N PHE A 142 32.18 -20.98 14.92
CA PHE A 142 31.68 -21.97 13.97
C PHE A 142 31.14 -21.29 12.70
N ARG A 143 30.47 -20.14 12.86
CA ARG A 143 29.99 -19.37 11.71
CA ARG A 143 29.98 -19.40 11.71
C ARG A 143 31.18 -19.00 10.83
N MET A 144 32.25 -18.53 11.46
CA MET A 144 33.48 -18.18 10.74
C MET A 144 34.06 -19.39 10.00
N LYS A 145 34.10 -20.53 10.69
CA LYS A 145 34.61 -21.77 10.11
C LYS A 145 33.78 -22.21 8.90
N LEU A 146 32.46 -22.19 9.05
CA LEU A 146 31.56 -22.56 7.96
C LEU A 146 31.69 -21.62 6.76
N LEU A 147 32.02 -20.36 7.01
CA LEU A 147 32.25 -19.37 5.95
C LEU A 147 33.62 -19.50 5.27
N GLY A 148 34.46 -20.44 5.73
CA GLY A 148 35.73 -20.73 5.07
C GLY A 148 36.93 -20.01 5.65
N ALA A 149 36.74 -19.33 6.79
CA ALA A 149 37.83 -18.65 7.47
C ALA A 149 38.46 -19.54 8.53
N ASN A 150 39.74 -19.27 8.82
CA ASN A 150 40.45 -19.93 9.92
C ASN A 150 40.51 -18.99 11.10
N VAL A 151 40.10 -19.48 12.26
CA VAL A 151 40.14 -18.70 13.49
C VAL A 151 41.41 -19.10 14.25
N ILE A 152 42.31 -18.15 14.45
CA ILE A 152 43.60 -18.38 15.11
C ILE A 152 43.49 -17.95 16.56
N PRO A 153 43.44 -18.91 17.50
CA PRO A 153 43.33 -18.53 18.91
C PRO A 153 44.58 -17.81 19.40
N VAL A 154 44.39 -16.77 20.20
CA VAL A 154 45.50 -15.96 20.71
C VAL A 154 45.73 -16.27 22.19
N ASN A 155 46.92 -16.77 22.49
CA ASN A 155 47.30 -17.13 23.87
C ASN A 155 48.32 -16.15 24.47
N SER A 156 48.50 -15.00 23.82
CA SER A 156 49.35 -13.91 24.31
C SER A 156 48.61 -13.04 25.31
N GLY A 157 49.37 -12.43 26.23
CA GLY A 157 48.82 -11.50 27.22
C GLY A 157 47.57 -11.99 27.92
N SER A 158 46.53 -11.16 27.91
CA SER A 158 45.26 -11.47 28.59
C SER A 158 44.25 -12.25 27.73
N ARG A 159 44.71 -12.81 26.61
CA ARG A 159 43.90 -13.73 25.82
C ARG A 159 42.53 -13.16 25.40
N THR A 160 42.46 -11.87 25.09
CA THR A 160 41.20 -11.25 24.65
C THR A 160 41.43 -10.23 23.51
N ALA A 161 40.42 -9.41 23.22
CA ALA A 161 40.39 -8.55 22.03
C ALA A 161 41.65 -7.69 21.81
N LYS A 162 42.21 -7.12 22.88
CA LYS A 162 43.41 -6.30 22.75
C LYS A 162 44.61 -7.15 22.30
N ASP A 163 44.64 -8.40 22.78
CA ASP A 163 45.69 -9.36 22.40
C ASP A 163 45.53 -9.85 20.98
N ALA A 164 44.29 -10.03 20.54
CA ALA A 164 44.02 -10.35 19.13
C ALA A 164 44.52 -9.24 18.22
N ILE A 165 44.32 -7.97 18.61
CA ILE A 165 44.77 -6.85 17.79
C ILE A 165 46.30 -6.84 17.67
N ASN A 166 47.00 -7.07 18.78
CA ASN A 166 48.47 -7.08 18.76
C ASN A 166 49.02 -8.17 17.83
N GLU A 167 48.40 -9.34 17.83
CA GLU A 167 48.78 -10.43 16.92
C GLU A 167 48.48 -10.11 15.46
N ALA A 168 47.33 -9.49 15.21
CA ALA A 168 46.96 -9.07 13.85
C ALA A 168 47.95 -8.01 13.32
N LEU A 169 48.29 -7.06 14.17
CA LEU A 169 49.28 -6.04 13.82
C LEU A 169 50.66 -6.66 13.52
N ARG A 170 51.03 -7.68 14.29
CA ARG A 170 52.26 -8.43 14.07
C ARG A 170 52.25 -9.20 12.75
N ASP A 171 51.14 -9.89 12.49
CA ASP A 171 50.93 -10.60 11.23
C ASP A 171 51.01 -9.63 10.05
N TRP A 172 50.27 -8.53 10.14
CA TRP A 172 50.21 -7.56 9.03
C TRP A 172 51.60 -7.00 8.71
N GLU A 173 52.40 -6.75 9.74
CA GLU A 173 53.77 -6.30 9.55
C GLU A 173 54.57 -7.24 8.64
N ALA A 174 54.34 -8.53 8.78
CA ALA A 174 55.05 -9.56 8.01
C ALA A 174 54.36 -9.96 6.69
N THR A 175 53.10 -9.59 6.50
CA THR A 175 52.32 -10.06 5.34
C THR A 175 51.63 -8.97 4.51
N PHE A 176 51.98 -7.71 4.72
CA PHE A 176 51.23 -6.61 4.10
C PHE A 176 51.24 -6.57 2.56
N GLU A 177 52.22 -7.22 1.93
CA GLU A 177 52.30 -7.24 0.47
C GLU A 177 51.03 -7.82 -0.16
N TYR A 178 50.43 -8.84 0.48
CA TYR A 178 49.24 -9.50 -0.05
C TYR A 178 48.06 -9.58 0.92
N THR A 179 48.20 -9.01 2.13
CA THR A 179 47.18 -9.10 3.16
C THR A 179 46.66 -7.72 3.52
N HIS A 180 45.34 -7.58 3.58
CA HIS A 180 44.73 -6.38 4.12
C HIS A 180 44.27 -6.63 5.55
N TYR A 181 44.64 -5.75 6.46
CA TYR A 181 44.17 -5.83 7.85
C TYR A 181 42.83 -5.10 7.95
N LEU A 182 41.75 -5.88 8.00
CA LEU A 182 40.41 -5.33 8.01
C LEU A 182 40.01 -5.02 9.44
N ILE A 183 40.37 -3.82 9.89
CA ILE A 183 40.02 -3.35 11.23
C ILE A 183 38.51 -3.11 11.30
N GLY A 184 37.91 -3.54 12.41
CA GLY A 184 36.44 -3.61 12.54
C GLY A 184 35.76 -2.51 13.32
N SER A 185 36.52 -1.59 13.87
CA SER A 185 35.93 -0.42 14.53
C SER A 185 36.71 0.84 14.15
N VAL A 186 36.28 1.99 14.69
CA VAL A 186 36.88 3.28 14.32
C VAL A 186 38.11 3.56 15.15
N VAL A 187 39.05 2.60 15.07
CA VAL A 187 40.21 2.53 15.92
C VAL A 187 41.41 2.19 15.04
N GLY A 188 42.58 2.11 15.65
CA GLY A 188 43.79 1.81 14.92
C GLY A 188 44.49 3.07 14.44
N PRO A 189 45.59 2.90 13.69
CA PRO A 189 46.31 4.05 13.14
C PRO A 189 45.54 4.63 11.97
N HIS A 190 45.70 5.94 11.72
CA HIS A 190 45.17 6.54 10.49
C HIS A 190 45.64 5.73 9.28
N PRO A 191 44.79 5.48 8.27
CA PRO A 191 43.46 6.09 8.10
C PRO A 191 42.25 5.28 8.60
N TYR A 192 42.47 4.25 9.41
CA TYR A 192 41.37 3.35 9.75
C TYR A 192 40.19 4.00 10.49
N PRO A 193 40.45 4.85 11.50
CA PRO A 193 39.31 5.51 12.17
C PRO A 193 38.40 6.30 11.22
N THR A 194 38.98 6.90 10.17
CA THR A 194 38.24 7.66 9.17
C THR A 194 37.52 6.72 8.19
N ILE A 195 38.25 5.75 7.67
CA ILE A 195 37.68 4.79 6.73
C ILE A 195 36.47 4.04 7.29
N VAL A 196 36.59 3.53 8.50
CA VAL A 196 35.51 2.75 9.11
C VAL A 196 34.30 3.66 9.41
N ARG A 197 34.56 4.87 9.87
CA ARG A 197 33.49 5.85 10.07
C ARG A 197 32.79 6.12 8.74
N ASP A 198 33.56 6.32 7.67
CA ASP A 198 32.96 6.59 6.37
C ASP A 198 32.09 5.42 5.89
N PHE A 199 32.51 4.18 6.12
CA PHE A 199 31.70 3.04 5.67
C PHE A 199 30.50 2.78 6.58
N GLN A 200 30.49 3.32 7.80
CA GLN A 200 29.32 3.22 8.69
C GLN A 200 28.34 4.39 8.60
N SER A 201 28.76 5.48 7.95
CA SER A 201 27.95 6.70 7.84
C SER A 201 26.63 6.52 7.11
N VAL A 202 26.58 5.50 6.25
CA VAL A 202 25.32 5.11 5.62
C VAL A 202 24.18 4.94 6.64
N ILE A 203 24.50 4.47 7.84
CA ILE A 203 23.50 4.30 8.88
C ILE A 203 22.83 5.63 9.23
N GLY A 204 23.65 6.64 9.53
CA GLY A 204 23.13 7.96 9.85
C GLY A 204 22.42 8.62 8.68
N ARG A 205 22.94 8.43 7.48
CA ARG A 205 22.34 9.07 6.30
C ARG A 205 20.95 8.53 6.05
N GLU A 206 20.77 7.20 6.17
CA GLU A 206 19.44 6.60 6.06
C GLU A 206 18.52 7.09 7.18
N ALA A 207 18.98 6.99 8.42
CA ALA A 207 18.20 7.42 9.58
C ALA A 207 17.69 8.86 9.46
N LYS A 208 18.53 9.77 8.97
CA LYS A 208 18.13 11.15 8.74
C LYS A 208 16.98 11.24 7.75
N ALA A 209 17.13 10.57 6.62
CA ALA A 209 16.08 10.56 5.59
C ALA A 209 14.80 9.94 6.15
N GLN A 210 14.95 8.89 6.93
CA GLN A 210 13.81 8.13 7.43
C GLN A 210 13.05 8.89 8.52
N ILE A 211 13.77 9.53 9.43
CA ILE A 211 13.10 10.30 10.48
C ILE A 211 12.43 11.55 9.91
N LEU A 212 13.03 12.15 8.89
CA LEU A 212 12.40 13.29 8.19
C LEU A 212 11.09 12.85 7.52
N GLU A 213 11.04 11.62 6.99
CA GLU A 213 9.80 11.08 6.43
C GLU A 213 8.76 10.79 7.50
N ALA A 214 9.19 10.20 8.62
CA ALA A 214 8.27 9.82 9.69
C ALA A 214 7.74 11.01 10.50
N GLU A 215 8.58 12.02 10.72
CA GLU A 215 8.26 13.12 11.65
C GLU A 215 8.40 14.55 11.07
N GLY A 216 9.02 14.69 9.91
CA GLY A 216 9.22 16.02 9.30
C GLY A 216 10.33 16.85 9.93
N GLN A 217 11.07 16.28 10.87
CA GLN A 217 12.09 17.03 11.57
C GLN A 217 13.19 16.10 12.09
N LEU A 218 14.37 16.66 12.33
CA LEU A 218 15.50 15.90 12.85
C LEU A 218 15.20 15.49 14.29
N PRO A 219 15.89 14.45 14.79
CA PRO A 219 15.58 14.01 16.15
C PRO A 219 16.18 14.96 17.19
N ASP A 220 15.70 14.88 18.41
CA ASP A 220 16.21 15.69 19.51
C ASP A 220 17.47 15.04 20.11
N VAL A 221 17.52 13.71 20.11
CA VAL A 221 18.67 12.95 20.59
C VAL A 221 18.90 11.73 19.73
N ILE A 222 20.16 11.40 19.49
CA ILE A 222 20.55 10.10 18.95
C ILE A 222 21.39 9.40 20.01
N VAL A 223 21.06 8.14 20.24
CA VAL A 223 21.67 7.32 21.28
C VAL A 223 22.27 6.08 20.64
N ALA A 224 23.54 5.79 20.95
CA ALA A 224 24.21 4.63 20.40
C ALA A 224 25.20 4.09 21.42
N CYS A 225 25.33 2.77 21.48
CA CYS A 225 26.35 2.19 22.33
C CYS A 225 27.73 2.43 21.72
N VAL A 226 28.74 2.42 22.59
CA VAL A 226 30.11 2.73 22.20
C VAL A 226 31.04 1.68 22.77
N GLY A 227 31.62 0.90 21.88
CA GLY A 227 32.76 0.08 22.22
C GLY A 227 33.97 0.83 21.70
N GLY A 228 34.50 0.37 20.57
CA GLY A 228 35.47 1.15 19.83
C GLY A 228 34.85 2.39 19.24
N GLY A 229 33.56 2.31 18.87
CA GLY A 229 32.80 3.49 18.46
C GLY A 229 32.28 3.57 17.05
N SER A 230 32.31 2.47 16.30
CA SER A 230 31.92 2.51 14.88
C SER A 230 30.42 2.64 14.60
N ASN A 231 29.56 1.90 15.31
CA ASN A 231 28.12 2.06 15.07
C ASN A 231 27.67 3.47 15.47
N ALA A 232 28.24 3.99 16.55
CA ALA A 232 27.92 5.34 17.01
C ALA A 232 28.39 6.41 16.01
N MET A 233 29.64 6.32 15.54
CA MET A 233 30.09 7.31 14.53
C MET A 233 29.22 7.22 13.29
N GLY A 234 28.83 6.00 12.92
CA GLY A 234 28.05 5.79 11.71
C GLY A 234 26.73 6.54 11.76
N ILE A 235 26.02 6.42 12.88
CA ILE A 235 24.76 7.14 13.05
C ILE A 235 24.98 8.61 13.45
N PHE A 236 26.07 8.94 14.17
CA PHE A 236 26.33 10.33 14.60
C PHE A 236 26.74 11.23 13.43
N TYR A 237 27.60 10.71 12.56
CA TYR A 237 28.39 11.57 11.67
C TYR A 237 27.56 12.52 10.79
N PRO A 238 26.49 12.02 10.15
CA PRO A 238 25.71 12.92 9.30
C PRO A 238 24.90 13.98 10.05
N PHE A 239 24.78 13.86 11.37
CA PHE A 239 24.11 14.88 12.18
C PHE A 239 25.07 15.84 12.89
N VAL A 240 26.38 15.64 12.76
CA VAL A 240 27.36 16.43 13.52
C VAL A 240 27.16 17.94 13.34
N ASN A 241 26.82 18.36 12.12
CA ASN A 241 26.60 19.76 11.79
C ASN A 241 25.16 20.25 12.03
N ASP A 242 24.27 19.34 12.43
CA ASP A 242 22.94 19.71 12.90
C ASP A 242 23.06 19.94 14.40
N LYS A 243 23.25 21.21 14.78
CA LYS A 243 23.69 21.59 16.12
C LYS A 243 22.71 21.24 17.24
N LYS A 244 21.40 21.33 16.94
CA LYS A 244 20.36 21.03 17.92
C LYS A 244 20.16 19.55 18.19
N VAL A 245 20.75 18.69 17.34
CA VAL A 245 20.68 17.24 17.53
C VAL A 245 21.71 16.81 18.57
N LYS A 246 21.23 16.35 19.72
CA LYS A 246 22.11 15.84 20.77
C LYS A 246 22.54 14.43 20.43
N LEU A 247 23.81 14.13 20.70
CA LEU A 247 24.40 12.83 20.41
C LEU A 247 24.86 12.25 21.74
N VAL A 248 24.40 11.04 22.06
CA VAL A 248 24.79 10.38 23.30
C VAL A 248 25.39 9.04 23.00
N GLY A 249 26.62 8.83 23.46
CA GLY A 249 27.28 7.53 23.35
C GLY A 249 27.17 6.80 24.67
N VAL A 250 26.79 5.53 24.63
CA VAL A 250 26.63 4.72 25.83
C VAL A 250 27.73 3.68 25.94
N GLU A 251 28.57 3.83 26.97
CA GLU A 251 29.63 2.86 27.27
C GLU A 251 29.18 1.83 28.29
N ALA A 252 29.91 0.72 28.35
CA ALA A 252 29.60 -0.38 29.27
C ALA A 252 30.01 -0.04 30.69
N GLY A 253 29.02 0.14 31.56
CA GLY A 253 29.24 0.37 32.97
C GLY A 253 29.54 -0.89 33.74
N GLY A 254 29.35 -2.05 33.10
CA GLY A 254 29.70 -3.33 33.71
C GLY A 254 29.01 -3.57 35.04
N LYS A 255 29.78 -3.93 36.06
CA LYS A 255 29.24 -4.13 37.40
C LYS A 255 29.16 -2.81 38.19
N GLY A 256 29.48 -1.70 37.53
CA GLY A 256 29.49 -0.38 38.14
C GLY A 256 30.84 0.29 37.91
N LEU A 257 30.85 1.62 37.83
CA LEU A 257 32.09 2.37 37.60
C LEU A 257 33.05 2.27 38.81
N GLU A 258 32.50 2.24 40.01
CA GLU A 258 33.28 2.08 41.23
C GLU A 258 33.70 0.62 41.47
N SER A 259 33.27 -0.28 40.59
CA SER A 259 33.56 -1.71 40.70
C SER A 259 34.93 -2.07 40.12
N GLY A 260 35.44 -1.23 39.23
CA GLY A 260 36.66 -1.52 38.50
C GLY A 260 36.49 -2.61 37.46
N LYS A 261 35.23 -2.93 37.13
CA LYS A 261 34.91 -3.99 36.17
C LYS A 261 33.89 -3.43 35.18
N HIS A 262 34.41 -2.76 34.16
CA HIS A 262 33.59 -2.05 33.18
C HIS A 262 34.45 -1.80 31.94
N SER A 263 33.94 -1.03 30.99
CA SER A 263 34.64 -0.80 29.73
C SER A 263 34.46 0.64 29.24
N ALA A 264 34.35 1.56 30.19
CA ALA A 264 34.00 2.95 29.92
C ALA A 264 35.25 3.80 29.77
N SER A 265 35.90 3.67 28.61
CA SER A 265 37.16 4.34 28.32
C SER A 265 37.05 5.86 28.37
N LEU A 266 36.00 6.41 27.76
CA LEU A 266 35.78 7.86 27.76
C LEU A 266 35.43 8.39 29.14
N ASN A 267 34.63 7.64 29.87
CA ASN A 267 34.14 8.06 31.18
C ASN A 267 35.20 8.01 32.27
N ALA A 268 35.92 6.90 32.34
CA ALA A 268 36.84 6.64 33.46
C ALA A 268 38.28 6.38 33.02
N GLY A 269 38.57 6.45 31.73
CA GLY A 269 39.91 6.16 31.23
C GLY A 269 40.79 7.38 31.27
N GLN A 270 42.00 7.23 30.73
CA GLN A 270 42.90 8.35 30.58
C GLN A 270 43.58 8.26 29.23
N VAL A 271 44.21 9.36 28.82
CA VAL A 271 44.80 9.43 27.51
C VAL A 271 46.03 8.51 27.48
N GLY A 272 46.23 7.84 26.36
CA GLY A 272 47.35 6.92 26.18
C GLY A 272 47.50 6.57 24.73
N VAL A 273 48.49 5.76 24.40
CA VAL A 273 48.68 5.26 23.04
C VAL A 273 48.64 3.73 23.04
N LEU A 274 47.82 3.17 22.16
CA LEU A 274 47.80 1.73 21.93
C LEU A 274 47.18 1.41 20.57
N HIS A 275 47.67 0.36 19.93
CA HIS A 275 47.16 -0.09 18.63
C HIS A 275 47.20 0.99 17.56
N GLY A 276 48.22 1.83 17.62
CA GLY A 276 48.44 2.84 16.61
C GLY A 276 47.76 4.17 16.83
N MET A 277 47.03 4.34 17.93
CA MET A 277 46.24 5.56 18.13
C MET A 277 46.42 6.16 19.51
N LEU A 278 46.39 7.48 19.55
CA LEU A 278 46.37 8.24 20.78
C LEU A 278 44.91 8.52 21.09
N SER A 279 44.43 7.97 22.20
CA SER A 279 43.01 8.07 22.55
C SER A 279 42.83 7.78 24.03
N TYR A 280 41.60 7.54 24.46
CA TYR A 280 41.33 7.13 25.84
C TYR A 280 41.38 5.63 26.01
N PHE A 281 42.06 5.22 27.08
CA PHE A 281 42.25 3.82 27.41
C PHE A 281 42.11 3.61 28.90
N LEU A 282 41.61 2.45 29.29
CA LEU A 282 41.58 2.07 30.68
C LEU A 282 42.96 1.59 31.05
N GLN A 283 43.64 2.35 31.92
CA GLN A 283 45.01 2.04 32.32
C GLN A 283 45.16 1.98 33.84
N ASP A 284 46.09 1.14 34.30
CA ASP A 284 46.29 0.95 35.75
C ASP A 284 47.12 2.08 36.36
N GLU A 285 47.21 2.08 37.69
CA GLU A 285 47.94 3.10 38.44
C GLU A 285 49.40 3.23 37.99
N GLU A 286 50.01 2.10 37.61
CA GLU A 286 51.42 2.07 37.20
C GLU A 286 51.64 2.67 35.81
N GLY A 287 50.71 2.42 34.89
CA GLY A 287 50.78 2.99 33.53
C GLY A 287 50.44 2.09 32.34
N GLN A 288 50.18 0.81 32.59
CA GLN A 288 49.84 -0.15 31.53
C GLN A 288 48.32 -0.32 31.38
N ILE A 289 47.90 -1.03 30.33
CA ILE A 289 46.47 -1.19 30.03
C ILE A 289 45.77 -2.08 31.05
N LYS A 290 44.51 -1.72 31.34
CA LYS A 290 43.73 -2.37 32.39
C LYS A 290 42.75 -3.38 31.76
N PRO A 291 42.49 -4.51 32.44
CA PRO A 291 41.51 -5.47 31.90
C PRO A 291 40.09 -4.92 31.93
N SER A 292 39.45 -4.89 30.77
CA SER A 292 38.06 -4.42 30.69
C SER A 292 37.08 -5.58 30.86
N HIS A 293 35.83 -5.24 31.16
CA HIS A 293 34.74 -6.21 31.19
C HIS A 293 33.40 -5.57 30.79
N SER A 294 32.53 -6.39 30.19
CA SER A 294 31.12 -6.06 30.02
C SER A 294 30.33 -7.35 29.77
N ILE A 295 29.07 -7.38 30.20
CA ILE A 295 28.21 -8.53 29.87
C ILE A 295 28.09 -8.64 28.34
N ALA A 296 28.06 -7.49 27.66
CA ALA A 296 28.07 -7.44 26.21
C ALA A 296 29.51 -7.56 25.71
N PRO A 297 29.84 -8.67 25.03
CA PRO A 297 31.22 -8.96 24.64
C PRO A 297 31.79 -8.00 23.60
N GLY A 298 30.91 -7.39 22.80
CA GLY A 298 31.33 -6.40 21.81
C GLY A 298 31.77 -5.07 22.39
N LEU A 299 31.47 -4.83 23.66
CA LEU A 299 31.90 -3.62 24.36
C LEU A 299 33.14 -3.85 25.23
N ASP A 300 33.78 -5.01 25.10
CA ASP A 300 34.88 -5.38 25.99
C ASP A 300 36.23 -4.77 25.60
N TYR A 301 36.28 -3.89 24.60
CA TYR A 301 37.55 -3.23 24.24
C TYR A 301 37.91 -2.14 25.28
N PRO A 302 39.18 -2.12 25.78
CA PRO A 302 39.57 -1.15 26.81
C PRO A 302 39.89 0.27 26.30
N GLY A 303 39.82 0.48 24.99
CA GLY A 303 39.99 1.80 24.38
C GLY A 303 38.75 2.26 23.62
N VAL A 304 38.87 3.41 22.97
CA VAL A 304 37.79 3.97 22.17
C VAL A 304 38.41 4.74 21.01
N GLY A 305 37.67 4.88 19.92
CA GLY A 305 38.16 5.59 18.75
C GLY A 305 38.52 7.05 19.02
N PRO A 306 39.53 7.58 18.32
CA PRO A 306 39.94 8.97 18.55
C PRO A 306 38.87 10.02 18.25
N GLU A 307 37.99 9.76 17.28
CA GLU A 307 36.96 10.73 16.94
C GLU A 307 35.96 10.94 18.08
N HIS A 308 35.76 9.92 18.90
CA HIS A 308 34.89 10.07 20.09
C HIS A 308 35.60 10.86 21.18
N ALA A 309 36.89 10.59 21.38
CA ALA A 309 37.68 11.39 22.31
C ALA A 309 37.56 12.86 21.94
N TYR A 310 37.65 13.15 20.65
CA TYR A 310 37.47 14.49 20.11
C TYR A 310 36.09 15.09 20.35
N LEU A 311 35.03 14.36 19.99
CA LEU A 311 33.68 14.89 20.16
C LEU A 311 33.35 15.15 21.63
N LYS A 312 33.85 14.28 22.51
CA LYS A 312 33.74 14.50 23.94
C LYS A 312 34.46 15.77 24.35
N LYS A 313 35.67 15.97 23.84
CA LYS A 313 36.48 17.14 24.22
C LYS A 313 35.78 18.45 23.86
N ILE A 314 35.29 18.56 22.62
CA ILE A 314 34.60 19.78 22.18
C ILE A 314 33.13 19.83 22.63
N GLN A 315 32.70 18.83 23.38
CA GLN A 315 31.36 18.75 23.96
C GLN A 315 30.26 18.70 22.91
N ARG A 316 30.55 18.10 21.75
CA ARG A 316 29.55 17.91 20.72
C ARG A 316 28.73 16.66 21.05
N ALA A 317 29.38 15.66 21.64
CA ALA A 317 28.69 14.47 22.09
C ALA A 317 28.87 14.31 23.59
N GLU A 318 27.84 13.79 24.24
CA GLU A 318 27.84 13.48 25.65
C GLU A 318 28.03 11.97 25.73
N TYR A 319 28.80 11.51 26.70
CA TYR A 319 29.03 10.08 26.87
C TYR A 319 28.62 9.65 28.27
N VAL A 320 27.84 8.58 28.31
CA VAL A 320 27.24 8.09 29.52
C VAL A 320 27.59 6.62 29.64
N THR A 321 27.17 6.02 30.76
CA THR A 321 27.37 4.60 31.00
C THR A 321 26.08 3.95 31.48
N VAL A 322 25.96 2.66 31.20
CA VAL A 322 24.83 1.83 31.61
C VAL A 322 25.41 0.50 32.09
N THR A 323 24.82 -0.09 33.13
CA THR A 323 25.35 -1.30 33.74
C THR A 323 24.90 -2.59 33.03
N ASP A 324 25.57 -3.70 33.36
CA ASP A 324 25.18 -5.04 32.91
C ASP A 324 23.71 -5.30 33.22
N GLU A 325 23.34 -5.06 34.49
CA GLU A 325 21.97 -5.26 34.96
C GLU A 325 20.94 -4.40 34.23
N GLU A 326 21.32 -3.16 33.88
CA GLU A 326 20.42 -2.28 33.14
C GLU A 326 20.29 -2.73 31.68
N ALA A 327 21.39 -3.19 31.09
CA ALA A 327 21.40 -3.67 29.71
C ALA A 327 20.59 -4.96 29.56
N LEU A 328 20.75 -5.85 30.53
CA LEU A 328 20.00 -7.11 30.55
C LEU A 328 18.50 -6.81 30.66
N LYS A 329 18.15 -5.90 31.55
CA LYS A 329 16.76 -5.45 31.73
C LYS A 329 16.17 -4.86 30.44
N ALA A 330 17.00 -4.19 29.65
CA ALA A 330 16.58 -3.63 28.35
C ALA A 330 16.38 -4.72 27.30
N PHE A 331 17.25 -5.72 27.35
CA PHE A 331 17.21 -6.86 26.44
C PHE A 331 15.85 -7.55 26.58
N HIS A 332 15.43 -7.81 27.82
CA HIS A 332 14.13 -8.42 28.09
C HIS A 332 12.97 -7.49 27.73
N GLU A 333 13.10 -6.22 28.08
CA GLU A 333 12.03 -5.24 27.86
C GLU A 333 11.67 -5.15 26.38
N LEU A 334 12.67 -4.94 25.53
CA LEU A 334 12.44 -4.82 24.09
C LEU A 334 11.90 -6.12 23.48
N SER A 335 12.39 -7.26 23.96
CA SER A 335 11.95 -8.56 23.47
C SER A 335 10.45 -8.79 23.67
N ARG A 336 9.96 -8.50 24.88
CA ARG A 336 8.54 -8.68 25.23
C ARG A 336 7.65 -7.55 24.71
N THR A 337 8.16 -6.33 24.71
CA THR A 337 7.38 -5.15 24.37
C THR A 337 7.26 -4.94 22.84
N GLU A 338 8.33 -5.21 22.11
CA GLU A 338 8.39 -4.93 20.67
C GLU A 338 8.67 -6.13 19.78
N GLY A 339 8.95 -7.29 20.38
CA GLY A 339 9.24 -8.49 19.62
C GLY A 339 10.55 -8.42 18.86
N ILE A 340 11.50 -7.67 19.38
CA ILE A 340 12.82 -7.57 18.79
C ILE A 340 13.85 -7.95 19.84
N ILE A 341 14.63 -8.99 19.56
CA ILE A 341 15.66 -9.45 20.48
C ILE A 341 16.97 -8.74 20.08
N PRO A 342 17.39 -7.75 20.89
CA PRO A 342 18.57 -6.96 20.57
C PRO A 342 19.86 -7.63 20.99
N ALA A 343 20.96 -7.27 20.34
CA ALA A 343 22.29 -7.60 20.86
C ALA A 343 22.48 -6.93 22.21
N LEU A 344 23.26 -7.58 23.08
CA LEU A 344 23.52 -7.03 24.40
C LEU A 344 24.21 -5.66 24.30
N GLU A 345 25.05 -5.49 23.27
CA GLU A 345 25.72 -4.20 23.05
C GLU A 345 24.65 -3.14 22.87
N SER A 346 23.75 -3.39 21.90
CA SER A 346 22.68 -2.47 21.54
C SER A 346 21.72 -2.18 22.69
N ALA A 347 21.52 -3.18 23.55
CA ALA A 347 20.66 -3.04 24.72
C ALA A 347 21.12 -1.93 25.67
N HIS A 348 22.42 -1.62 25.66
CA HIS A 348 22.94 -0.50 26.46
C HIS A 348 22.32 0.81 25.99
N ALA A 349 22.26 0.97 24.68
CA ALA A 349 21.66 2.15 24.08
C ALA A 349 20.16 2.17 24.38
N VAL A 350 19.51 1.02 24.23
CA VAL A 350 18.08 0.91 24.54
C VAL A 350 17.84 1.34 25.98
N ALA A 351 18.70 0.87 26.88
CA ALA A 351 18.54 1.13 28.30
C ALA A 351 18.61 2.62 28.60
N TYR A 352 19.62 3.30 28.07
CA TYR A 352 19.76 4.74 28.31
C TYR A 352 18.62 5.54 27.68
N ALA A 353 18.19 5.14 26.49
CA ALA A 353 17.09 5.81 25.82
C ALA A 353 15.81 5.75 26.67
N MET A 354 15.61 4.62 27.32
CA MET A 354 14.45 4.44 28.20
C MET A 354 14.50 5.42 29.39
N LYS A 355 15.67 5.59 29.99
CA LYS A 355 15.85 6.59 31.06
C LYS A 355 15.56 8.00 30.58
N LEU A 356 16.13 8.34 29.42
CA LEU A 356 16.09 9.70 28.90
C LEU A 356 14.69 10.08 28.44
N ALA A 357 14.01 9.13 27.79
CA ALA A 357 12.65 9.32 27.30
C ALA A 357 11.68 9.71 28.42
N LYS A 358 11.79 9.01 29.55
CA LYS A 358 10.97 9.29 30.74
C LYS A 358 11.10 10.75 31.19
N GLU A 359 12.34 11.25 31.16
CA GLU A 359 12.64 12.63 31.56
C GLU A 359 12.23 13.67 30.51
N MET A 360 12.02 13.23 29.27
CA MET A 360 11.69 14.10 28.16
C MET A 360 10.18 14.16 27.93
N SER A 361 9.74 15.06 27.06
CA SER A 361 8.31 15.27 26.83
C SER A 361 7.80 14.44 25.64
N ARG A 362 6.48 14.35 25.53
CA ARG A 362 5.83 13.42 24.59
C ARG A 362 6.12 13.71 23.10
N ASP A 363 6.33 14.97 22.75
CA ASP A 363 6.57 15.36 21.35
C ASP A 363 8.05 15.42 20.95
N GLU A 364 8.95 15.07 21.86
CA GLU A 364 10.37 14.99 21.52
C GLU A 364 10.68 13.59 20.95
N ILE A 365 11.82 13.48 20.26
CA ILE A 365 12.16 12.29 19.50
C ILE A 365 13.59 11.79 19.78
N ILE A 366 13.71 10.49 20.08
CA ILE A 366 15.00 9.83 20.21
C ILE A 366 15.13 8.76 19.14
N ILE A 367 16.30 8.71 18.49
CA ILE A 367 16.66 7.58 17.64
C ILE A 367 17.74 6.78 18.35
N VAL A 368 17.49 5.48 18.53
CA VAL A 368 18.42 4.56 19.14
C VAL A 368 18.98 3.69 18.01
N ASN A 369 20.29 3.60 17.92
CA ASN A 369 20.91 2.73 16.92
C ASN A 369 20.91 1.31 17.46
N LEU A 370 20.07 0.44 16.89
CA LEU A 370 20.04 -0.97 17.29
C LEU A 370 21.09 -1.72 16.48
N SER A 371 22.30 -1.81 17.04
CA SER A 371 23.47 -2.21 16.28
C SER A 371 23.48 -3.66 15.84
N GLY A 372 22.82 -4.54 16.60
CA GLY A 372 22.71 -5.94 16.19
C GLY A 372 21.54 -6.71 16.80
N ARG A 373 21.38 -7.95 16.34
CA ARG A 373 20.39 -8.87 16.92
C ARG A 373 20.99 -9.69 18.08
N GLY A 374 20.13 -10.20 18.95
CA GLY A 374 20.55 -10.88 20.19
C GLY A 374 20.78 -12.38 20.13
N ASP A 375 20.57 -12.99 18.97
CA ASP A 375 20.74 -14.44 18.78
C ASP A 375 22.06 -14.96 19.36
N LYS A 376 23.14 -14.22 19.13
CA LYS A 376 24.46 -14.61 19.60
C LYS A 376 24.61 -14.60 21.11
N ASP A 377 23.70 -13.93 21.82
CA ASP A 377 23.84 -13.72 23.26
C ASP A 377 22.90 -14.56 24.13
N LEU A 378 22.19 -15.51 23.53
CA LEU A 378 21.17 -16.27 24.27
C LEU A 378 21.75 -17.05 25.45
N ASP A 379 22.86 -17.75 25.23
CA ASP A 379 23.54 -18.47 26.32
C ASP A 379 23.99 -17.54 27.46
N ILE A 380 24.43 -16.32 27.11
CA ILE A 380 24.87 -15.35 28.12
C ILE A 380 23.70 -14.84 28.96
N VAL A 381 22.58 -14.53 28.29
CA VAL A 381 21.39 -14.00 28.97
C VAL A 381 20.79 -15.05 29.91
N LEU A 382 20.86 -16.32 29.52
CA LEU A 382 20.44 -17.43 30.40
C LEU A 382 21.09 -17.31 31.77
N LYS A 383 22.37 -16.96 31.78
CA LYS A 383 23.12 -16.69 33.02
C LYS A 383 22.80 -15.27 33.50
N MET B 1 -12.41 -23.01 -1.14
CA MET B 1 -12.56 -24.25 -0.33
C MET B 1 -11.58 -25.33 -0.80
N TRP B 2 -11.59 -25.57 -2.11
CA TRP B 2 -10.83 -26.67 -2.70
C TRP B 2 -9.83 -26.17 -3.73
N PHE B 3 -8.85 -27.01 -4.04
CA PHE B 3 -7.92 -26.81 -5.15
C PHE B 3 -7.95 -28.12 -5.91
N GLY B 4 -8.74 -28.16 -6.97
CA GLY B 4 -9.14 -29.43 -7.57
C GLY B 4 -9.96 -30.18 -6.54
N GLU B 5 -9.68 -31.48 -6.38
CA GLU B 5 -10.28 -32.28 -5.32
C GLU B 5 -9.67 -32.05 -3.93
N PHE B 6 -8.53 -31.36 -3.89
CA PHE B 6 -7.73 -31.25 -2.66
C PHE B 6 -8.14 -30.08 -1.79
N GLY B 7 -7.81 -30.18 -0.51
CA GLY B 7 -8.09 -29.12 0.44
C GLY B 7 -9.34 -29.45 1.22
N GLY B 8 -10.29 -28.53 1.21
CA GLY B 8 -11.59 -28.78 1.85
C GLY B 8 -11.55 -28.46 3.34
N GLN B 9 -12.57 -28.92 4.05
CA GLN B 9 -12.80 -28.54 5.44
C GLN B 9 -13.44 -29.71 6.20
N TYR B 10 -12.64 -30.73 6.48
CA TYR B 10 -13.15 -31.96 7.12
C TYR B 10 -12.79 -31.95 8.59
N VAL B 11 -13.67 -31.38 9.40
CA VAL B 11 -13.42 -31.16 10.82
C VAL B 11 -14.67 -31.46 11.64
N PRO B 12 -14.53 -31.62 12.97
CA PRO B 12 -15.74 -31.80 13.76
C PRO B 12 -16.66 -30.59 13.62
N GLU B 13 -17.96 -30.80 13.82
CA GLU B 13 -18.95 -29.73 13.65
C GLU B 13 -18.64 -28.52 14.52
N THR B 14 -18.04 -28.78 15.68
CA THR B 14 -17.70 -27.74 16.63
C THR B 14 -16.66 -26.70 16.11
N LEU B 15 -15.91 -27.05 15.07
CA LEU B 15 -14.96 -26.12 14.45
C LEU B 15 -15.53 -25.39 13.22
N VAL B 16 -16.69 -25.80 12.74
CA VAL B 16 -17.26 -25.24 11.51
C VAL B 16 -17.65 -23.77 11.71
N GLY B 17 -18.22 -23.46 12.88
CA GLY B 17 -18.58 -22.09 13.21
C GLY B 17 -17.38 -21.15 13.22
N PRO B 18 -16.36 -21.48 14.04
CA PRO B 18 -15.09 -20.75 14.11
C PRO B 18 -14.41 -20.54 12.76
N LEU B 19 -14.32 -21.59 11.97
CA LEU B 19 -13.72 -21.52 10.63
C LEU B 19 -14.55 -20.60 9.71
N LYS B 20 -15.87 -20.69 9.82
CA LYS B 20 -16.78 -19.82 9.05
C LYS B 20 -16.59 -18.34 9.43
N GLU B 21 -16.47 -18.06 10.72
CA GLU B 21 -16.22 -16.68 11.15
C GLU B 21 -14.85 -16.19 10.68
N LEU B 22 -13.86 -17.08 10.65
CA LEU B 22 -12.52 -16.74 10.14
C LEU B 22 -12.58 -16.37 8.66
N GLU B 23 -13.30 -17.19 7.87
CA GLU B 23 -13.51 -16.94 6.45
C GLU B 23 -14.10 -15.56 6.22
N LYS B 24 -15.14 -15.23 6.99
CA LYS B 24 -15.88 -13.99 6.81
C LYS B 24 -15.03 -12.77 7.19
N ALA B 25 -14.34 -12.88 8.32
CA ALA B 25 -13.45 -11.81 8.77
C ALA B 25 -12.32 -11.58 7.76
N TYR B 26 -11.76 -12.67 7.25
CA TYR B 26 -10.71 -12.57 6.25
C TYR B 26 -11.22 -11.90 4.96
N LYS B 27 -12.39 -12.32 4.48
CA LYS B 27 -13.06 -11.64 3.35
C LYS B 27 -13.25 -10.14 3.59
N ARG B 28 -13.65 -9.78 4.80
CA ARG B 28 -13.90 -8.38 5.17
C ARG B 28 -12.61 -7.56 5.15
N PHE B 29 -11.54 -8.13 5.67
CA PHE B 29 -10.32 -7.39 5.92
C PHE B 29 -9.20 -7.57 4.89
N LYS B 30 -9.24 -8.66 4.11
CA LYS B 30 -8.13 -8.97 3.19
C LYS B 30 -7.77 -7.82 2.26
N ASP B 31 -8.78 -7.11 1.77
CA ASP B 31 -8.57 -5.97 0.89
C ASP B 31 -9.02 -4.64 1.51
N ASP B 32 -9.19 -4.62 2.83
CA ASP B 32 -9.49 -3.40 3.57
C ASP B 32 -8.25 -2.49 3.52
N GLU B 33 -8.45 -1.24 3.11
CA GLU B 33 -7.36 -0.27 2.97
C GLU B 33 -6.55 -0.13 4.26
N GLU B 34 -7.23 0.04 5.38
CA GLU B 34 -6.57 0.23 6.67
C GLU B 34 -5.81 -1.01 7.16
N PHE B 35 -6.43 -2.17 7.04
CA PHE B 35 -5.79 -3.44 7.43
C PHE B 35 -4.47 -3.62 6.68
N ASN B 36 -4.50 -3.38 5.37
CA ASN B 36 -3.29 -3.46 4.55
C ASN B 36 -2.28 -2.35 4.87
N ARG B 37 -2.75 -1.16 5.20
CA ARG B 37 -1.84 -0.08 5.62
C ARG B 37 -1.03 -0.49 6.86
N GLN B 38 -1.71 -1.01 7.88
CA GLN B 38 -1.06 -1.51 9.10
C GLN B 38 -0.07 -2.63 8.77
N LEU B 39 -0.55 -3.61 8.01
CA LEU B 39 0.26 -4.78 7.65
C LEU B 39 1.52 -4.40 6.90
N ASN B 40 1.38 -3.54 5.89
CA ASN B 40 2.52 -3.10 5.10
C ASN B 40 3.51 -2.26 5.92
N TYR B 41 2.99 -1.44 6.83
CA TYR B 41 3.82 -0.63 7.73
C TYR B 41 4.66 -1.51 8.66
N TYR B 42 4.06 -2.55 9.24
CA TYR B 42 4.81 -3.52 10.05
C TYR B 42 5.80 -4.34 9.20
N LEU B 43 5.37 -4.77 8.01
CA LEU B 43 6.27 -5.50 7.10
C LEU B 43 7.47 -4.65 6.70
N LYS B 44 7.26 -3.35 6.54
CA LYS B 44 8.36 -2.43 6.20
C LYS B 44 9.25 -2.11 7.39
N THR B 45 8.68 -1.51 8.44
CA THR B 45 9.47 -0.95 9.52
C THR B 45 9.89 -1.98 10.57
N TRP B 46 9.09 -3.02 10.75
CA TRP B 46 9.35 -4.02 11.77
C TRP B 46 10.05 -5.24 11.19
N ALA B 47 9.54 -5.75 10.06
CA ALA B 47 10.08 -6.96 9.43
C ALA B 47 11.22 -6.69 8.45
N GLY B 48 11.31 -5.45 7.96
CA GLY B 48 12.34 -5.08 6.99
C GLY B 48 12.10 -5.51 5.55
N ARG B 49 10.84 -5.59 5.13
CA ARG B 49 10.52 -5.80 3.72
C ARG B 49 10.68 -4.49 2.94
N PRO B 50 11.10 -4.55 1.67
CA PRO B 50 11.30 -5.80 0.93
C PRO B 50 12.65 -6.42 1.21
N THR B 51 12.73 -7.73 1.04
CA THR B 51 14.02 -8.42 1.06
C THR B 51 14.62 -8.37 -0.33
N PRO B 52 15.95 -8.33 -0.41
CA PRO B 52 16.58 -8.20 -1.71
C PRO B 52 16.54 -9.49 -2.54
N LEU B 53 16.75 -9.34 -3.84
CA LEU B 53 17.00 -10.43 -4.74
C LEU B 53 18.47 -10.39 -5.10
N TYR B 54 19.19 -11.46 -4.79
CA TYR B 54 20.65 -11.47 -4.86
C TYR B 54 21.14 -12.36 -5.98
N TYR B 55 22.02 -11.83 -6.83
CA TYR B 55 22.64 -12.60 -7.90
C TYR B 55 23.86 -13.32 -7.34
N ALA B 56 23.78 -14.64 -7.23
CA ALA B 56 24.87 -15.45 -6.73
C ALA B 56 25.89 -15.68 -7.85
N LYS B 57 26.77 -14.71 -8.04
CA LYS B 57 27.70 -14.70 -9.18
C LYS B 57 28.80 -15.77 -9.11
N ARG B 58 29.50 -15.87 -7.98
CA ARG B 58 30.54 -16.89 -7.80
C ARG B 58 29.96 -18.29 -7.99
N LEU B 59 28.81 -18.54 -7.37
CA LEU B 59 28.14 -19.83 -7.45
C LEU B 59 27.76 -20.14 -8.89
N THR B 60 27.13 -19.15 -9.54
CA THR B 60 26.72 -19.26 -10.94
C THR B 60 27.88 -19.60 -11.85
N GLU B 61 28.99 -18.87 -11.71
CA GLU B 61 30.14 -19.04 -12.60
C GLU B 61 30.86 -20.37 -12.39
N LYS B 62 30.91 -20.81 -11.13
CA LYS B 62 31.50 -22.10 -10.76
C LYS B 62 30.75 -23.26 -11.42
N ILE B 63 29.42 -23.21 -11.38
CA ILE B 63 28.58 -24.28 -11.93
C ILE B 63 28.59 -24.25 -13.46
N GLY B 64 28.61 -23.04 -14.03
CA GLY B 64 28.82 -22.86 -15.46
C GLY B 64 27.58 -22.88 -16.34
N GLY B 65 26.40 -22.70 -15.74
CA GLY B 65 25.13 -22.72 -16.49
C GLY B 65 24.26 -21.50 -16.21
N ALA B 66 23.02 -21.75 -15.77
CA ALA B 66 22.05 -20.67 -15.57
C ALA B 66 22.42 -19.75 -14.42
N LYS B 67 21.95 -18.51 -14.53
CA LYS B 67 22.14 -17.52 -13.47
C LYS B 67 21.31 -17.92 -12.27
N ILE B 68 21.96 -17.94 -11.11
CA ILE B 68 21.29 -18.29 -9.87
C ILE B 68 21.08 -17.03 -9.08
N TYR B 69 19.81 -16.71 -8.85
CA TYR B 69 19.41 -15.59 -8.03
C TYR B 69 18.80 -16.17 -6.75
N LEU B 70 18.98 -15.47 -5.62
CA LEU B 70 18.43 -15.91 -4.33
C LEU B 70 17.49 -14.84 -3.77
N LYS B 71 16.25 -15.22 -3.50
CA LYS B 71 15.29 -14.30 -2.85
C LYS B 71 15.56 -14.38 -1.36
N ARG B 72 16.01 -13.27 -0.78
CA ARG B 72 16.66 -13.30 0.52
C ARG B 72 15.72 -13.22 1.73
N GLU B 73 14.84 -14.21 1.88
CA GLU B 73 13.96 -14.25 3.05
C GLU B 73 14.73 -14.54 4.34
N ASP B 74 15.98 -14.97 4.18
CA ASP B 74 16.90 -15.10 5.31
C ASP B 74 17.09 -13.79 6.06
N LEU B 75 16.86 -12.66 5.37
CA LEU B 75 17.04 -11.33 5.96
C LEU B 75 15.78 -10.77 6.64
N VAL B 76 14.64 -11.44 6.50
CA VAL B 76 13.45 -11.00 7.19
C VAL B 76 13.70 -11.06 8.69
N HIS B 77 13.16 -10.09 9.43
CA HIS B 77 13.24 -10.08 10.89
C HIS B 77 12.79 -11.42 11.42
N GLY B 78 13.64 -12.01 12.27
CA GLY B 78 13.39 -13.37 12.77
C GLY B 78 14.19 -14.43 12.05
N GLY B 79 14.62 -14.15 10.82
CA GLY B 79 15.49 -15.06 10.06
C GLY B 79 14.77 -16.01 9.12
N ALA B 80 13.46 -15.85 8.94
CA ALA B 80 12.72 -16.70 8.03
C ALA B 80 11.43 -16.07 7.55
N HIS B 81 10.94 -16.58 6.42
CA HIS B 81 9.67 -16.14 5.83
C HIS B 81 8.45 -16.30 6.75
N1 LLP B 82 12.23 -22.84 5.52
C2 LLP B 82 12.37 -22.36 6.78
C2' LLP B 82 13.51 -21.42 7.11
C3 LLP B 82 11.40 -22.75 7.83
O3 LLP B 82 11.51 -22.27 9.10
C4 LLP B 82 10.29 -23.66 7.47
C4' LLP B 82 9.29 -24.05 8.54
C5 LLP B 82 10.25 -24.12 6.06
C6 LLP B 82 11.24 -23.68 5.16
C5' LLP B 82 9.20 -25.09 5.55
OP4 LLP B 82 7.90 -24.58 5.74
P LLP B 82 7.08 -24.13 4.43
OP1 LLP B 82 5.70 -23.84 4.98
OP2 LLP B 82 7.79 -22.89 3.92
OP3 LLP B 82 7.14 -25.28 3.45
N LLP B 82 8.54 -17.19 7.74
CA LLP B 82 7.39 -17.50 8.60
CB LLP B 82 7.71 -18.56 9.67
CG LLP B 82 8.37 -19.85 9.16
CD LLP B 82 7.42 -20.97 8.72
CE LLP B 82 7.64 -22.30 9.46
NZ LLP B 82 8.98 -22.87 9.36
C LLP B 82 6.83 -16.24 9.22
O LLP B 82 5.63 -16.17 9.50
N THR B 83 7.69 -15.23 9.44
CA THR B 83 7.27 -13.90 9.88
C THR B 83 6.17 -13.24 9.03
N ASN B 84 6.20 -13.42 7.71
CA ASN B 84 5.22 -12.77 6.82
C ASN B 84 3.79 -13.18 7.18
N ASN B 85 3.64 -14.46 7.50
CA ASN B 85 2.36 -15.03 7.85
C ASN B 85 1.93 -14.66 9.26
N ALA B 86 2.87 -14.71 10.21
CA ALA B 86 2.55 -14.42 11.62
C ALA B 86 2.03 -12.99 11.79
N ILE B 87 2.71 -12.06 11.15
CA ILE B 87 2.35 -10.63 11.18
C ILE B 87 1.10 -10.30 10.33
N GLY B 88 0.74 -11.19 9.41
CA GLY B 88 -0.53 -11.07 8.67
C GLY B 88 -1.74 -11.51 9.49
N GLN B 89 -1.62 -12.67 10.13
CA GLN B 89 -2.71 -13.27 10.88
C GLN B 89 -2.97 -12.59 12.22
N ALA B 90 -1.91 -12.18 12.92
CA ALA B 90 -2.05 -11.65 14.27
C ALA B 90 -2.94 -10.40 14.39
N PRO B 91 -2.78 -9.42 13.48
CA PRO B 91 -3.70 -8.26 13.50
C PRO B 91 -5.13 -8.63 13.09
N LEU B 92 -5.28 -9.65 12.24
CA LEU B 92 -6.59 -10.15 11.88
C LEU B 92 -7.32 -10.64 13.13
N ALA B 93 -6.65 -11.52 13.88
CA ALA B 93 -7.19 -12.03 15.14
C ALA B 93 -7.60 -10.90 16.08
N LYS B 94 -6.74 -9.91 16.24
CA LYS B 94 -7.03 -8.76 17.11
C LYS B 94 -8.29 -8.02 16.66
N LEU B 95 -8.41 -7.76 15.36
CA LEU B 95 -9.62 -7.15 14.78
C LEU B 95 -10.86 -7.99 15.05
N MET B 96 -10.72 -9.31 15.01
CA MET B 96 -11.83 -10.21 15.30
C MET B 96 -12.24 -10.25 16.77
N GLY B 97 -11.43 -9.64 17.64
CA GLY B 97 -11.74 -9.56 19.08
C GLY B 97 -11.04 -10.61 19.93
N LYS B 98 -10.04 -11.28 19.35
CA LYS B 98 -9.26 -12.27 20.08
C LYS B 98 -8.17 -11.56 20.89
N THR B 99 -7.79 -12.18 22.00
CA THR B 99 -6.79 -11.66 22.92
C THR B 99 -5.62 -12.62 23.05
N ARG B 100 -5.65 -13.71 22.28
CA ARG B 100 -4.77 -14.84 22.53
C ARG B 100 -4.47 -15.57 21.24
N LEU B 101 -3.19 -15.85 21.02
CA LEU B 101 -2.73 -16.60 19.87
C LEU B 101 -2.20 -17.94 20.34
N ILE B 102 -2.55 -19.00 19.62
CA ILE B 102 -1.90 -20.29 19.83
C ILE B 102 -1.35 -20.75 18.51
N ALA B 103 -0.40 -21.69 18.58
CA ALA B 103 0.26 -22.18 17.37
C ALA B 103 1.07 -23.45 17.65
N GLU B 104 1.31 -24.19 16.56
CA GLU B 104 2.22 -25.33 16.53
C GLU B 104 3.59 -24.82 16.13
N THR B 105 4.65 -25.61 16.32
CA THR B 105 5.95 -25.30 15.69
C THR B 105 6.85 -26.52 15.51
N GLY B 106 7.49 -26.59 14.35
CA GLY B 106 8.41 -27.68 14.03
C GLY B 106 9.85 -27.26 14.28
N ALA B 107 10.35 -26.40 13.40
CA ALA B 107 11.72 -25.89 13.48
C ALA B 107 11.85 -24.75 14.49
N GLY B 108 10.71 -24.30 15.04
CA GLY B 108 10.70 -23.23 16.02
C GLY B 108 10.61 -21.84 15.40
N GLN B 109 10.79 -21.74 14.08
CA GLN B 109 10.73 -20.44 13.40
C GLN B 109 9.31 -19.91 13.38
N HIS B 110 8.30 -20.79 13.26
CA HIS B 110 6.91 -20.35 13.36
C HIS B 110 6.55 -20.02 14.80
N GLY B 111 6.98 -20.89 15.71
CA GLY B 111 6.80 -20.66 17.15
C GLY B 111 7.33 -19.31 17.54
N VAL B 112 8.55 -19.02 17.07
CA VAL B 112 9.18 -17.73 17.33
C VAL B 112 8.48 -16.60 16.56
N ALA B 113 8.14 -16.84 15.30
CA ALA B 113 7.43 -15.84 14.49
C ALA B 113 6.11 -15.45 15.11
N THR B 114 5.39 -16.44 15.62
CA THR B 114 4.14 -16.21 16.32
C THR B 114 4.38 -15.42 17.61
N ALA B 115 5.39 -15.83 18.38
CA ALA B 115 5.75 -15.14 19.60
C ALA B 115 6.12 -13.67 19.34
N MET B 116 6.89 -13.46 18.28
CA MET B 116 7.28 -12.11 17.88
C MET B 116 6.08 -11.24 17.53
N ALA B 117 5.17 -11.78 16.71
CA ALA B 117 3.95 -11.07 16.35
C ALA B 117 3.09 -10.77 17.57
N GLY B 118 3.00 -11.75 18.47
CA GLY B 118 2.22 -11.59 19.70
C GLY B 118 2.76 -10.53 20.63
N ALA B 119 4.08 -10.48 20.74
CA ALA B 119 4.75 -9.44 21.51
C ALA B 119 4.46 -8.08 20.88
N LEU B 120 4.61 -7.99 19.57
CA LEU B 120 4.37 -6.74 18.83
C LEU B 120 2.96 -6.18 19.07
N LEU B 121 1.97 -7.06 19.05
CA LEU B 121 0.57 -6.65 19.10
C LEU B 121 -0.03 -6.74 20.50
N GLY B 122 0.79 -7.09 21.48
CA GLY B 122 0.36 -7.13 22.86
C GLY B 122 -0.68 -8.20 23.06
N MET B 123 -0.46 -9.35 22.44
CA MET B 123 -1.37 -10.49 22.56
C MET B 123 -0.68 -11.62 23.28
N LYS B 124 -1.44 -12.27 24.16
CA LYS B 124 -1.01 -13.47 24.86
C LYS B 124 -0.69 -14.57 23.84
N VAL B 125 0.37 -15.34 24.09
CA VAL B 125 0.81 -16.39 23.17
C VAL B 125 1.20 -17.68 23.89
N ASP B 126 0.52 -18.76 23.52
CA ASP B 126 0.84 -20.11 23.99
C ASP B 126 1.21 -20.95 22.78
N ILE B 127 2.35 -21.62 22.84
CA ILE B 127 2.90 -22.40 21.71
C ILE B 127 3.02 -23.89 22.05
N TYR B 128 2.65 -24.76 21.10
CA TYR B 128 2.80 -26.22 21.27
C TYR B 128 3.95 -26.75 20.40
N MET B 129 4.82 -27.57 20.99
CA MET B 129 5.88 -28.26 20.24
C MET B 129 6.40 -29.48 21.00
N GLU B 135 14.71 -28.61 21.74
CA GLU B 135 15.79 -29.58 21.88
C GLU B 135 16.60 -29.67 20.59
N ARG B 136 15.92 -29.99 19.49
CA ARG B 136 16.54 -30.01 18.17
C ARG B 136 16.79 -28.60 17.64
N GLN B 137 15.97 -27.64 18.10
CA GLN B 137 16.14 -26.22 17.78
C GLN B 137 16.03 -25.39 19.08
N LYS B 138 16.70 -25.87 20.14
CA LYS B 138 16.54 -25.34 21.52
C LYS B 138 16.87 -23.85 21.71
N MET B 139 17.59 -23.26 20.76
CA MET B 139 17.80 -21.82 20.74
C MET B 139 16.48 -21.10 20.46
N ASN B 140 15.67 -21.65 19.56
CA ASN B 140 14.35 -21.09 19.27
C ASN B 140 13.36 -21.23 20.45
N VAL B 141 13.55 -22.23 21.29
CA VAL B 141 12.69 -22.44 22.46
C VAL B 141 12.89 -21.34 23.51
N PHE B 142 14.15 -20.93 23.72
CA PHE B 142 14.44 -19.85 24.66
C PHE B 142 14.11 -18.49 24.05
N ARG B 143 14.27 -18.36 22.72
CA ARG B 143 13.82 -17.16 22.00
CA ARG B 143 13.83 -17.16 22.01
C ARG B 143 12.35 -16.90 22.28
N MET B 144 11.53 -17.95 22.21
CA MET B 144 10.09 -17.86 22.49
C MET B 144 9.82 -17.38 23.92
N LYS B 145 10.54 -17.96 24.88
CA LYS B 145 10.41 -17.58 26.28
C LYS B 145 10.75 -16.10 26.45
N LEU B 146 11.89 -15.68 25.89
CA LEU B 146 12.31 -14.28 25.94
C LEU B 146 11.27 -13.35 25.35
N LEU B 147 10.59 -13.80 24.30
CA LEU B 147 9.55 -13.01 23.62
C LEU B 147 8.21 -12.93 24.38
N GLY B 148 8.12 -13.59 25.53
CA GLY B 148 6.93 -13.51 26.38
C GLY B 148 5.90 -14.60 26.13
N ALA B 149 6.21 -15.56 25.27
CA ALA B 149 5.30 -16.67 24.97
C ALA B 149 5.49 -17.77 25.99
N ASN B 150 4.45 -18.60 26.16
CA ASN B 150 4.54 -19.82 26.96
C ASN B 150 4.66 -21.00 26.01
N VAL B 151 5.69 -21.82 26.22
CA VAL B 151 5.87 -23.03 25.40
C VAL B 151 5.29 -24.21 26.17
N ILE B 152 4.40 -24.95 25.51
CA ILE B 152 3.75 -26.11 26.11
C ILE B 152 4.39 -27.36 25.48
N PRO B 153 5.33 -28.01 26.20
CA PRO B 153 5.91 -29.23 25.66
C PRO B 153 4.90 -30.36 25.81
N VAL B 154 4.83 -31.26 24.83
CA VAL B 154 3.71 -32.20 24.76
C VAL B 154 4.05 -33.62 25.22
N ASN B 155 3.11 -34.21 25.95
CA ASN B 155 3.29 -35.53 26.56
C ASN B 155 1.93 -36.21 26.74
N SER B 158 2.96 -39.82 21.98
CA SER B 158 3.93 -39.72 20.90
C SER B 158 5.05 -38.75 21.23
N ARG B 159 4.68 -37.58 21.75
CA ARG B 159 5.62 -36.49 22.01
C ARG B 159 6.32 -36.05 20.71
N THR B 160 5.55 -35.97 19.63
CA THR B 160 6.08 -35.66 18.29
C THR B 160 5.56 -34.32 17.78
N ALA B 161 6.19 -33.83 16.71
CA ALA B 161 5.90 -32.50 16.15
C ALA B 161 4.53 -32.41 15.47
N LYS B 162 4.08 -33.50 14.85
CA LYS B 162 2.74 -33.58 14.27
C LYS B 162 1.66 -33.52 15.36
N ASP B 163 2.02 -33.97 16.57
CA ASP B 163 1.14 -33.88 17.74
C ASP B 163 0.97 -32.45 18.27
N ALA B 164 1.78 -31.51 17.78
CA ALA B 164 1.59 -30.09 18.05
C ALA B 164 0.35 -29.58 17.31
N ILE B 165 0.28 -29.88 16.01
CA ILE B 165 -0.90 -29.56 15.20
C ILE B 165 -2.15 -30.22 15.77
N ASN B 166 -1.98 -31.43 16.33
CA ASN B 166 -3.08 -32.13 16.99
C ASN B 166 -3.52 -31.39 18.26
N GLU B 167 -2.56 -31.10 19.13
CA GLU B 167 -2.86 -30.47 20.44
C GLU B 167 -3.44 -29.06 20.32
N ALA B 168 -2.95 -28.28 19.37
CA ALA B 168 -3.43 -26.91 19.14
C ALA B 168 -4.92 -26.87 18.79
N LEU B 169 -5.36 -27.84 17.98
CA LEU B 169 -6.78 -27.94 17.59
C LEU B 169 -7.67 -28.18 18.80
N ARG B 170 -7.25 -29.13 19.64
CA ARG B 170 -7.96 -29.44 20.89
C ARG B 170 -8.18 -28.18 21.74
N ASP B 171 -7.11 -27.40 21.93
CA ASP B 171 -7.18 -26.15 22.69
C ASP B 171 -8.16 -25.18 22.04
N TRP B 172 -8.06 -25.03 20.72
CA TRP B 172 -8.84 -24.05 19.98
C TRP B 172 -10.35 -24.32 20.01
N GLU B 173 -10.73 -25.60 20.09
CA GLU B 173 -12.15 -25.96 20.23
C GLU B 173 -12.80 -25.25 21.42
N ALA B 174 -12.11 -25.28 22.56
CA ALA B 174 -12.61 -24.68 23.79
C ALA B 174 -12.53 -23.16 23.78
N THR B 175 -11.42 -22.63 23.29
CA THR B 175 -11.07 -21.21 23.50
C THR B 175 -11.32 -20.26 22.33
N PHE B 176 -11.93 -20.75 21.24
CA PHE B 176 -12.03 -19.94 20.01
C PHE B 176 -12.71 -18.58 20.21
N GLU B 177 -13.57 -18.45 21.24
CA GLU B 177 -14.25 -17.18 21.52
C GLU B 177 -13.26 -16.01 21.69
N TYR B 178 -12.10 -16.29 22.26
CA TYR B 178 -11.06 -15.28 22.46
C TYR B 178 -9.66 -15.70 21.96
N THR B 179 -9.57 -16.84 21.28
CA THR B 179 -8.29 -17.38 20.84
C THR B 179 -8.25 -17.61 19.32
N HIS B 180 -7.20 -17.13 18.67
CA HIS B 180 -6.96 -17.44 17.26
C HIS B 180 -5.88 -18.51 17.17
N TYR B 181 -6.18 -19.56 16.41
CA TYR B 181 -5.20 -20.60 16.11
C TYR B 181 -4.38 -20.16 14.92
N LEU B 182 -3.15 -19.74 15.17
CA LEU B 182 -2.27 -19.21 14.15
C LEU B 182 -1.46 -20.33 13.48
N ILE B 183 -1.99 -20.84 12.36
CA ILE B 183 -1.36 -21.93 11.62
C ILE B 183 -0.19 -21.40 10.81
N GLY B 184 0.90 -22.17 10.79
CA GLY B 184 2.18 -21.71 10.24
C GLY B 184 2.52 -22.09 8.82
N SER B 185 1.76 -22.99 8.20
CA SER B 185 1.97 -23.31 6.78
C SER B 185 0.64 -23.38 6.01
N VAL B 186 0.72 -23.71 4.71
CA VAL B 186 -0.45 -23.73 3.83
C VAL B 186 -1.23 -25.04 3.96
N VAL B 187 -1.56 -25.35 5.20
CA VAL B 187 -2.13 -26.63 5.58
C VAL B 187 -3.36 -26.37 6.43
N GLY B 188 -4.06 -27.44 6.79
CA GLY B 188 -5.22 -27.33 7.65
C GLY B 188 -6.50 -27.09 6.86
N PRO B 189 -7.62 -26.93 7.57
CA PRO B 189 -8.90 -26.72 6.91
C PRO B 189 -8.98 -25.34 6.30
N HIS B 190 -9.74 -25.20 5.22
CA HIS B 190 -10.09 -23.90 4.66
C HIS B 190 -10.60 -23.02 5.81
N PRO B 191 -10.20 -21.75 5.90
CA PRO B 191 -9.48 -21.02 4.86
C PRO B 191 -7.97 -20.91 5.05
N TYR B 192 -7.38 -21.71 5.93
CA TYR B 192 -5.96 -21.53 6.28
C TYR B 192 -4.96 -21.66 5.12
N PRO B 193 -5.11 -22.69 4.25
CA PRO B 193 -4.15 -22.79 3.14
C PRO B 193 -4.18 -21.55 2.21
N THR B 194 -5.36 -20.96 2.04
CA THR B 194 -5.51 -19.74 1.23
C THR B 194 -4.90 -18.54 1.97
N ILE B 195 -5.27 -18.37 3.23
CA ILE B 195 -4.79 -17.24 4.03
C ILE B 195 -3.27 -17.19 4.10
N VAL B 196 -2.64 -18.31 4.44
CA VAL B 196 -1.17 -18.35 4.59
C VAL B 196 -0.47 -18.10 3.25
N ARG B 197 -0.98 -18.70 2.17
CA ARG B 197 -0.48 -18.46 0.81
C ARG B 197 -0.57 -16.97 0.47
N ASP B 198 -1.71 -16.35 0.77
CA ASP B 198 -1.92 -14.94 0.49
C ASP B 198 -0.91 -14.08 1.23
N PHE B 199 -0.66 -14.41 2.50
CA PHE B 199 0.27 -13.63 3.31
C PHE B 199 1.72 -13.88 2.93
N GLN B 200 2.01 -14.99 2.26
CA GLN B 200 3.38 -15.26 1.79
C GLN B 200 3.62 -14.77 0.37
N SER B 201 2.54 -14.44 -0.33
CA SER B 201 2.64 -14.04 -1.74
C SER B 201 3.43 -12.74 -1.96
N VAL B 202 3.60 -11.95 -0.90
CA VAL B 202 4.47 -10.77 -0.96
C VAL B 202 5.87 -11.16 -1.44
N ILE B 203 6.32 -12.37 -1.13
CA ILE B 203 7.63 -12.85 -1.57
C ILE B 203 7.70 -12.85 -3.09
N GLY B 204 6.72 -13.47 -3.73
CA GLY B 204 6.68 -13.55 -5.19
C GLY B 204 6.41 -12.22 -5.87
N ARG B 205 5.62 -11.35 -5.24
CA ARG B 205 5.33 -10.03 -5.82
C ARG B 205 6.60 -9.18 -5.85
N GLU B 206 7.38 -9.25 -4.78
CA GLU B 206 8.69 -8.59 -4.73
C GLU B 206 9.64 -9.20 -5.76
N ALA B 207 9.74 -10.53 -5.78
CA ALA B 207 10.68 -11.22 -6.67
C ALA B 207 10.43 -10.91 -8.14
N LYS B 208 9.16 -10.89 -8.55
CA LYS B 208 8.80 -10.54 -9.92
C LYS B 208 9.27 -9.14 -10.29
N ALA B 209 8.97 -8.16 -9.45
CA ALA B 209 9.42 -6.78 -9.70
C ALA B 209 10.94 -6.68 -9.71
N GLN B 210 11.60 -7.40 -8.79
CA GLN B 210 13.07 -7.38 -8.68
C GLN B 210 13.78 -8.05 -9.87
N ILE B 211 13.24 -9.18 -10.32
CA ILE B 211 13.86 -9.88 -11.45
C ILE B 211 13.64 -9.13 -12.78
N LEU B 212 12.50 -8.44 -12.90
CA LEU B 212 12.25 -7.57 -14.06
C LEU B 212 13.18 -6.36 -14.04
N GLU B 213 13.42 -5.81 -12.86
CA GLU B 213 14.36 -4.70 -12.69
C GLU B 213 15.75 -5.14 -13.10
N ALA B 214 16.17 -6.32 -12.63
CA ALA B 214 17.55 -6.81 -12.80
C ALA B 214 17.86 -7.39 -14.17
N GLU B 215 16.92 -8.15 -14.73
CA GLU B 215 17.16 -8.87 -16.00
C GLU B 215 16.25 -8.47 -17.17
N GLY B 216 15.24 -7.66 -16.91
CA GLY B 216 14.28 -7.26 -17.96
C GLY B 216 13.34 -8.35 -18.44
N GLN B 217 13.23 -9.44 -17.68
CA GLN B 217 12.39 -10.56 -18.06
C GLN B 217 12.04 -11.41 -16.85
N LEU B 218 11.04 -12.26 -17.02
CA LEU B 218 10.65 -13.23 -15.99
C LEU B 218 11.68 -14.37 -15.94
N PRO B 219 11.80 -15.06 -14.79
CA PRO B 219 12.75 -16.16 -14.67
C PRO B 219 12.29 -17.39 -15.42
N ASP B 220 13.24 -18.26 -15.74
CA ASP B 220 12.92 -19.51 -16.40
C ASP B 220 12.45 -20.57 -15.39
N VAL B 221 13.02 -20.54 -14.17
CA VAL B 221 12.62 -21.48 -13.12
C VAL B 221 12.63 -20.82 -11.75
N ILE B 222 11.63 -21.15 -10.94
CA ILE B 222 11.64 -20.80 -9.53
C ILE B 222 11.74 -22.10 -8.74
N VAL B 223 12.71 -22.16 -7.83
CA VAL B 223 12.97 -23.35 -7.02
C VAL B 223 12.77 -22.98 -5.56
N ALA B 224 11.92 -23.72 -4.86
CA ALA B 224 11.73 -23.48 -3.43
C ALA B 224 11.59 -24.79 -2.69
N CYS B 225 12.14 -24.86 -1.48
CA CYS B 225 11.93 -26.07 -0.67
C CYS B 225 10.46 -26.17 -0.25
N VAL B 226 10.01 -27.38 0.01
CA VAL B 226 8.60 -27.63 0.33
C VAL B 226 8.51 -28.55 1.55
N GLY B 227 8.08 -27.98 2.67
CA GLY B 227 7.63 -28.74 3.82
C GLY B 227 6.12 -28.83 3.76
N GLY B 228 5.44 -28.01 4.54
CA GLY B 228 3.99 -27.83 4.38
C GLY B 228 3.70 -27.09 3.09
N GLY B 229 4.59 -26.18 2.71
CA GLY B 229 4.58 -25.57 1.39
C GLY B 229 4.39 -24.06 1.29
N SER B 230 4.51 -23.34 2.41
CA SER B 230 4.16 -21.91 2.46
C SER B 230 5.18 -20.99 1.75
N ASN B 231 6.47 -21.14 2.02
CA ASN B 231 7.46 -20.30 1.34
C ASN B 231 7.40 -20.55 -0.16
N ALA B 232 7.15 -21.80 -0.57
CA ALA B 232 7.03 -22.14 -1.98
C ALA B 232 5.80 -21.52 -2.63
N MET B 233 4.63 -21.62 -1.97
CA MET B 233 3.43 -20.98 -2.51
C MET B 233 3.63 -19.46 -2.57
N GLY B 234 4.26 -18.89 -1.55
CA GLY B 234 4.53 -17.45 -1.51
C GLY B 234 5.25 -16.93 -2.73
N ILE B 235 6.30 -17.65 -3.16
CA ILE B 235 7.08 -17.22 -4.31
C ILE B 235 6.46 -17.67 -5.63
N PHE B 236 5.81 -18.84 -5.63
CA PHE B 236 5.17 -19.42 -6.82
C PHE B 236 3.98 -18.61 -7.31
N TYR B 237 3.10 -18.28 -6.36
CA TYR B 237 1.72 -17.88 -6.66
C TYR B 237 1.60 -16.72 -7.64
N PRO B 238 2.41 -15.66 -7.46
CA PRO B 238 2.33 -14.56 -8.43
C PRO B 238 2.80 -14.90 -9.86
N PHE B 239 3.54 -16.00 -10.01
CA PHE B 239 3.97 -16.46 -11.34
C PHE B 239 3.10 -17.58 -11.95
N VAL B 240 2.13 -18.11 -11.21
CA VAL B 240 1.30 -19.23 -11.69
C VAL B 240 0.72 -18.94 -13.09
N ASN B 241 0.27 -17.72 -13.32
CA ASN B 241 -0.34 -17.36 -14.62
C ASN B 241 0.68 -16.93 -15.68
N ASP B 242 1.97 -16.94 -15.35
CA ASP B 242 3.03 -16.74 -16.33
C ASP B 242 3.48 -18.12 -16.82
N LYS B 243 2.95 -18.52 -17.97
CA LYS B 243 3.06 -19.90 -18.48
C LYS B 243 4.49 -20.42 -18.63
N LYS B 244 5.39 -19.57 -19.13
CA LYS B 244 6.79 -19.95 -19.38
C LYS B 244 7.66 -20.14 -18.13
N VAL B 245 7.22 -19.61 -16.98
CA VAL B 245 7.97 -19.76 -15.73
C VAL B 245 7.70 -21.16 -15.15
N LYS B 246 8.72 -22.01 -15.17
CA LYS B 246 8.64 -23.32 -14.54
C LYS B 246 8.74 -23.17 -13.03
N LEU B 247 7.96 -23.97 -12.31
CA LEU B 247 7.93 -23.94 -10.85
C LEU B 247 8.33 -25.31 -10.31
N VAL B 248 9.33 -25.33 -9.44
CA VAL B 248 9.86 -26.58 -8.91
C VAL B 248 9.89 -26.56 -7.39
N GLY B 249 9.25 -27.55 -6.78
CA GLY B 249 9.26 -27.70 -5.32
C GLY B 249 10.19 -28.82 -4.91
N VAL B 250 11.03 -28.56 -3.90
CA VAL B 250 12.01 -29.52 -3.43
C VAL B 250 11.64 -30.05 -2.05
N GLU B 251 11.31 -31.33 -2.00
CA GLU B 251 10.92 -31.97 -0.75
C GLU B 251 12.13 -32.61 -0.11
N ALA B 252 12.00 -32.95 1.15
CA ALA B 252 13.10 -33.57 1.89
C ALA B 252 13.22 -35.05 1.53
N GLY B 253 14.35 -35.41 0.92
CA GLY B 253 14.68 -36.80 0.59
C GLY B 253 15.26 -37.60 1.73
N GLY B 254 15.68 -36.91 2.79
CA GLY B 254 16.13 -37.55 4.02
C GLY B 254 17.34 -38.46 3.84
N LYS B 255 17.22 -39.69 4.32
CA LYS B 255 18.26 -40.70 4.18
C LYS B 255 18.13 -41.48 2.86
N GLY B 256 17.28 -40.99 1.96
CA GLY B 256 17.03 -41.62 0.67
C GLY B 256 15.60 -42.10 0.63
N LEU B 257 14.99 -42.01 -0.55
CA LEU B 257 13.61 -42.46 -0.73
C LEU B 257 13.46 -43.95 -0.38
N GLU B 258 14.45 -44.75 -0.76
CA GLU B 258 14.43 -46.19 -0.48
C GLU B 258 14.56 -46.52 1.02
N SER B 259 15.10 -45.60 1.81
CA SER B 259 15.23 -45.78 3.26
C SER B 259 13.92 -45.64 4.02
N GLY B 260 12.93 -44.99 3.42
CA GLY B 260 11.66 -44.74 4.09
C GLY B 260 11.70 -43.62 5.12
N LYS B 261 12.88 -43.06 5.39
CA LYS B 261 13.04 -41.98 6.36
C LYS B 261 13.22 -40.67 5.60
N HIS B 262 12.08 -40.06 5.26
CA HIS B 262 12.05 -38.80 4.48
C HIS B 262 10.75 -38.05 4.80
N SER B 263 10.51 -36.94 4.10
CA SER B 263 9.27 -36.16 4.26
C SER B 263 8.68 -35.77 2.89
N ALA B 264 8.96 -36.60 1.89
CA ALA B 264 8.54 -36.34 0.52
C ALA B 264 7.10 -36.80 0.30
N SER B 265 6.17 -36.03 0.86
CA SER B 265 4.74 -36.35 0.85
C SER B 265 4.20 -36.44 -0.57
N LEU B 266 4.49 -35.44 -1.39
CA LEU B 266 4.01 -35.41 -2.78
C LEU B 266 4.66 -36.51 -3.63
N ASN B 267 5.93 -36.77 -3.37
CA ASN B 267 6.70 -37.73 -4.17
C ASN B 267 6.38 -39.20 -3.87
N ALA B 268 6.21 -39.52 -2.60
CA ALA B 268 6.03 -40.92 -2.16
C ALA B 268 4.88 -41.14 -1.19
N GLY B 269 4.09 -40.09 -0.91
CA GLY B 269 2.98 -40.21 0.02
C GLY B 269 1.72 -40.63 -0.71
N GLN B 270 0.63 -40.72 0.05
CA GLN B 270 -0.66 -41.17 -0.48
C GLN B 270 -1.71 -40.15 -0.11
N VAL B 271 -2.74 -40.01 -0.94
CA VAL B 271 -3.81 -39.05 -0.67
C VAL B 271 -4.64 -39.54 0.51
N GLY B 272 -5.02 -38.62 1.38
CA GLY B 272 -5.82 -38.95 2.55
C GLY B 272 -6.28 -37.70 3.27
N VAL B 273 -6.92 -37.89 4.42
CA VAL B 273 -7.44 -36.79 5.22
C VAL B 273 -6.64 -36.67 6.51
N LEU B 274 -6.14 -35.47 6.79
CA LEU B 274 -5.52 -35.19 8.10
C LEU B 274 -5.49 -33.70 8.39
N HIS B 275 -5.73 -33.36 9.66
CA HIS B 275 -5.79 -31.97 10.11
C HIS B 275 -6.76 -31.12 9.28
N GLY B 276 -7.90 -31.71 8.93
CA GLY B 276 -8.98 -30.99 8.26
C GLY B 276 -8.87 -30.82 6.76
N MET B 277 -7.88 -31.46 6.14
CA MET B 277 -7.64 -31.25 4.71
C MET B 277 -7.44 -32.57 3.97
N LEU B 278 -7.86 -32.60 2.70
CA LEU B 278 -7.48 -33.68 1.80
C LEU B 278 -6.21 -33.27 1.08
N SER B 279 -5.16 -34.06 1.25
CA SER B 279 -3.87 -33.84 0.58
C SER B 279 -3.02 -35.11 0.65
N TYR B 280 -1.75 -35.00 0.27
CA TYR B 280 -0.81 -36.11 0.36
C TYR B 280 -0.15 -36.18 1.73
N PHE B 281 -0.01 -37.41 2.25
CA PHE B 281 0.65 -37.69 3.52
C PHE B 281 1.46 -38.97 3.41
N LEU B 282 2.52 -39.09 4.22
CA LEU B 282 3.25 -40.34 4.29
C LEU B 282 2.42 -41.35 5.06
N GLN B 283 2.21 -42.51 4.45
CA GLN B 283 1.35 -43.55 5.03
C GLN B 283 2.02 -44.91 4.97
N ASP B 284 1.70 -45.76 5.96
CA ASP B 284 2.24 -47.12 6.01
C ASP B 284 1.52 -48.04 5.02
N GLU B 286 -1.06 -49.98 5.40
CA GLU B 286 -2.36 -49.97 6.10
C GLU B 286 -3.10 -48.64 5.96
N GLY B 287 -2.52 -47.70 5.20
CA GLY B 287 -3.14 -46.39 4.97
C GLY B 287 -3.07 -45.41 6.15
N GLN B 288 -2.30 -45.74 7.18
CA GLN B 288 -2.24 -44.92 8.40
C GLN B 288 -1.06 -43.95 8.34
N ILE B 289 -1.25 -42.76 8.92
CA ILE B 289 -0.22 -41.71 8.93
C ILE B 289 1.11 -42.24 9.46
N LYS B 290 2.19 -41.88 8.77
CA LYS B 290 3.51 -42.46 9.01
C LYS B 290 4.51 -41.36 9.43
N PRO B 291 5.42 -41.66 10.38
CA PRO B 291 6.41 -40.66 10.78
C PRO B 291 7.36 -40.26 9.65
N SER B 292 7.75 -38.99 9.64
CA SER B 292 8.68 -38.46 8.66
C SER B 292 10.05 -38.23 9.29
N HIS B 293 11.02 -37.86 8.47
CA HIS B 293 12.33 -37.42 8.96
C HIS B 293 12.99 -36.48 7.96
N SER B 294 13.69 -35.48 8.49
CA SER B 294 14.65 -34.71 7.72
C SER B 294 15.65 -34.08 8.66
N ILE B 295 16.89 -33.96 8.19
CA ILE B 295 17.91 -33.19 8.90
C ILE B 295 17.48 -31.72 9.02
N ALA B 296 16.69 -31.25 8.07
CA ALA B 296 16.09 -29.93 8.13
C ALA B 296 14.77 -29.99 8.92
N PRO B 297 14.76 -29.51 10.18
CA PRO B 297 13.58 -29.67 11.04
C PRO B 297 12.28 -29.09 10.47
N GLY B 298 12.40 -28.00 9.71
CA GLY B 298 11.25 -27.36 9.07
C GLY B 298 10.57 -28.19 7.99
N LEU B 299 11.28 -29.15 7.42
CA LEU B 299 10.72 -30.06 6.42
C LEU B 299 10.20 -31.37 7.04
N ASP B 300 10.36 -31.53 8.34
CA ASP B 300 10.07 -32.79 9.02
C ASP B 300 8.58 -32.86 9.40
N TYR B 301 7.75 -33.01 8.37
CA TYR B 301 6.30 -33.08 8.51
C TYR B 301 5.77 -34.07 7.47
N PRO B 302 4.96 -35.06 7.92
CA PRO B 302 4.51 -36.11 7.00
C PRO B 302 3.54 -35.65 5.90
N GLY B 303 2.87 -34.51 6.12
CA GLY B 303 1.89 -33.98 5.15
C GLY B 303 2.39 -32.83 4.30
N VAL B 304 1.50 -32.32 3.45
CA VAL B 304 1.82 -31.23 2.52
C VAL B 304 0.53 -30.50 2.16
N GLY B 305 0.66 -29.24 1.78
CA GLY B 305 -0.49 -28.38 1.47
C GLY B 305 -1.26 -28.79 0.23
N PRO B 306 -2.59 -28.63 0.25
CA PRO B 306 -3.43 -29.05 -0.87
C PRO B 306 -3.18 -28.28 -2.17
N GLU B 307 -2.71 -27.04 -2.09
CA GLU B 307 -2.50 -26.27 -3.32
C GLU B 307 -1.34 -26.83 -4.14
N HIS B 308 -0.38 -27.45 -3.47
CA HIS B 308 0.74 -28.13 -4.14
C HIS B 308 0.29 -29.46 -4.70
N ALA B 309 -0.58 -30.16 -3.95
CA ALA B 309 -1.17 -31.40 -4.47
C ALA B 309 -1.87 -31.10 -5.79
N TYR B 310 -2.65 -30.02 -5.80
CA TYR B 310 -3.33 -29.52 -7.00
C TYR B 310 -2.34 -29.17 -8.10
N LEU B 311 -1.35 -28.34 -7.78
CA LEU B 311 -0.38 -27.91 -8.78
C LEU B 311 0.36 -29.07 -9.44
N LYS B 312 0.65 -30.09 -8.64
CA LYS B 312 1.29 -31.31 -9.13
C LYS B 312 0.37 -32.06 -10.08
N LYS B 313 -0.89 -32.22 -9.69
CA LYS B 313 -1.82 -33.00 -10.51
C LYS B 313 -2.07 -32.36 -11.88
N ILE B 314 -2.17 -31.03 -11.94
CA ILE B 314 -2.34 -30.34 -13.22
C ILE B 314 -1.00 -30.07 -13.90
N GLN B 315 0.08 -30.47 -13.24
CA GLN B 315 1.44 -30.40 -13.77
C GLN B 315 1.92 -28.97 -14.03
N ARG B 316 1.41 -28.03 -13.24
CA ARG B 316 1.86 -26.65 -13.30
C ARG B 316 3.21 -26.53 -12.60
N ALA B 317 3.40 -27.35 -11.57
CA ALA B 317 4.66 -27.41 -10.85
C ALA B 317 5.17 -28.84 -10.78
N GLU B 318 6.49 -28.97 -10.81
CA GLU B 318 7.18 -30.25 -10.69
C GLU B 318 7.78 -30.35 -9.29
N TYR B 319 7.64 -31.51 -8.66
CA TYR B 319 8.15 -31.71 -7.31
C TYR B 319 9.23 -32.79 -7.28
N VAL B 320 10.38 -32.43 -6.71
CA VAL B 320 11.57 -33.28 -6.69
C VAL B 320 12.02 -33.48 -5.24
N THR B 321 13.06 -34.28 -5.02
CA THR B 321 13.61 -34.49 -3.68
C THR B 321 15.13 -34.32 -3.65
N VAL B 322 15.62 -33.90 -2.49
CA VAL B 322 17.05 -33.71 -2.22
C VAL B 322 17.33 -34.40 -0.88
N THR B 323 18.41 -35.16 -0.82
CA THR B 323 18.74 -35.94 0.39
C THR B 323 19.39 -35.05 1.46
N ASP B 324 19.47 -35.59 2.66
CA ASP B 324 20.13 -34.91 3.79
C ASP B 324 21.55 -34.49 3.42
N GLU B 325 22.29 -35.44 2.85
CA GLU B 325 23.68 -35.24 2.46
C GLU B 325 23.80 -34.13 1.42
N GLU B 326 22.96 -34.18 0.40
CA GLU B 326 22.97 -33.14 -0.65
C GLU B 326 22.66 -31.75 -0.08
N ALA B 327 21.68 -31.67 0.81
CA ALA B 327 21.36 -30.44 1.50
C ALA B 327 22.56 -29.92 2.31
N LEU B 328 23.25 -30.81 2.99
CA LEU B 328 24.44 -30.44 3.76
C LEU B 328 25.54 -29.88 2.87
N LYS B 329 25.79 -30.52 1.74
CA LYS B 329 26.80 -30.01 0.81
C LYS B 329 26.44 -28.59 0.35
N ALA B 330 25.17 -28.36 0.02
CA ALA B 330 24.72 -27.03 -0.42
C ALA B 330 24.82 -25.97 0.67
N PHE B 331 24.62 -26.37 1.92
CA PHE B 331 24.77 -25.49 3.07
C PHE B 331 26.19 -24.95 3.11
N HIS B 332 27.16 -25.85 3.08
CA HIS B 332 28.59 -25.48 3.12
C HIS B 332 28.98 -24.69 1.86
N GLU B 333 28.46 -25.12 0.72
CA GLU B 333 28.74 -24.46 -0.56
C GLU B 333 28.31 -23.00 -0.55
N LEU B 334 27.07 -22.73 -0.20
CA LEU B 334 26.59 -21.35 -0.22
C LEU B 334 27.36 -20.49 0.77
N SER B 335 27.59 -21.02 1.97
CA SER B 335 28.37 -20.33 2.97
C SER B 335 29.77 -19.93 2.47
N ARG B 336 30.46 -20.86 1.84
CA ARG B 336 31.84 -20.65 1.38
C ARG B 336 31.94 -19.81 0.11
N THR B 337 30.95 -19.94 -0.75
CA THR B 337 31.02 -19.33 -2.07
C THR B 337 30.39 -17.94 -2.11
N GLU B 338 29.29 -17.75 -1.37
CA GLU B 338 28.60 -16.46 -1.38
C GLU B 338 28.55 -15.73 -0.03
N GLY B 339 29.07 -16.35 1.03
CA GLY B 339 29.07 -15.74 2.36
C GLY B 339 27.68 -15.60 2.95
N ILE B 340 26.79 -16.53 2.59
CA ILE B 340 25.43 -16.59 3.09
C ILE B 340 25.24 -17.98 3.68
N ILE B 341 24.98 -18.04 4.99
CA ILE B 341 24.72 -19.30 5.68
C ILE B 341 23.21 -19.53 5.66
N PRO B 342 22.75 -20.48 4.83
CA PRO B 342 21.31 -20.67 4.64
C PRO B 342 20.72 -21.63 5.64
N ALA B 343 19.42 -21.54 5.87
CA ALA B 343 18.70 -22.55 6.64
C ALA B 343 18.81 -23.89 5.92
N LEU B 344 18.85 -24.98 6.69
CA LEU B 344 18.97 -26.32 6.11
C LEU B 344 17.79 -26.64 5.22
N GLU B 345 16.61 -26.11 5.57
CA GLU B 345 15.41 -26.25 4.72
C GLU B 345 15.72 -25.61 3.37
N SER B 346 16.19 -24.36 3.43
CA SER B 346 16.48 -23.56 2.24
C SER B 346 17.60 -24.22 1.43
N ALA B 347 18.52 -24.89 2.13
CA ALA B 347 19.63 -25.59 1.49
C ALA B 347 19.20 -26.72 0.54
N HIS B 348 18.01 -27.30 0.76
CA HIS B 348 17.47 -28.27 -0.19
C HIS B 348 17.21 -27.59 -1.53
N ALA B 349 16.67 -26.37 -1.49
CA ALA B 349 16.38 -25.61 -2.69
C ALA B 349 17.66 -25.23 -3.45
N VAL B 350 18.68 -24.83 -2.69
CA VAL B 350 19.96 -24.47 -3.29
C VAL B 350 20.59 -25.70 -3.96
N ALA B 351 20.54 -26.84 -3.27
CA ALA B 351 21.11 -28.08 -3.78
C ALA B 351 20.50 -28.51 -5.11
N TYR B 352 19.18 -28.43 -5.22
CA TYR B 352 18.52 -28.77 -6.48
C TYR B 352 18.80 -27.72 -7.56
N ALA B 353 18.83 -26.44 -7.17
CA ALA B 353 19.08 -25.37 -8.14
C ALA B 353 20.46 -25.51 -8.75
N MET B 354 21.40 -26.05 -7.98
CA MET B 354 22.78 -26.26 -8.45
C MET B 354 22.88 -27.37 -9.50
N LYS B 355 22.15 -28.47 -9.31
CA LYS B 355 22.10 -29.53 -10.32
C LYS B 355 21.40 -29.00 -11.58
N LEU B 356 20.23 -28.40 -11.38
CA LEU B 356 19.44 -27.88 -12.49
C LEU B 356 20.20 -26.82 -13.29
N ALA B 357 20.91 -25.93 -12.58
CA ALA B 357 21.69 -24.86 -13.22
C ALA B 357 22.70 -25.40 -14.22
N LYS B 358 23.30 -26.53 -13.88
CA LYS B 358 24.33 -27.15 -14.71
C LYS B 358 23.85 -27.57 -16.10
N GLU B 359 22.57 -27.92 -16.19
CA GLU B 359 21.97 -28.40 -17.43
C GLU B 359 21.60 -27.22 -18.34
N MET B 360 21.35 -26.07 -17.72
CA MET B 360 20.74 -24.93 -18.39
C MET B 360 21.78 -23.99 -19.01
N SER B 361 21.30 -23.09 -19.86
CA SER B 361 22.17 -22.17 -20.61
C SER B 361 22.52 -20.93 -19.80
N ARG B 362 23.64 -20.28 -20.17
CA ARG B 362 24.12 -19.08 -19.46
C ARG B 362 23.11 -17.92 -19.47
N ASP B 363 22.28 -17.86 -20.51
CA ASP B 363 21.24 -16.83 -20.61
C ASP B 363 20.02 -17.08 -19.73
N GLU B 364 19.85 -18.30 -19.23
CA GLU B 364 18.67 -18.65 -18.42
C GLU B 364 18.81 -18.23 -16.95
N ILE B 365 17.68 -18.15 -16.27
CA ILE B 365 17.59 -17.55 -14.94
C ILE B 365 16.80 -18.42 -13.97
N ILE B 366 17.41 -18.72 -12.82
CA ILE B 366 16.79 -19.46 -11.75
C ILE B 366 16.67 -18.56 -10.52
N ILE B 367 15.47 -18.46 -9.96
CA ILE B 367 15.28 -17.85 -8.65
C ILE B 367 15.08 -18.95 -7.60
N VAL B 368 15.94 -18.94 -6.57
CA VAL B 368 15.84 -19.84 -5.44
C VAL B 368 15.29 -19.03 -4.27
N ASN B 369 14.22 -19.53 -3.65
CA ASN B 369 13.70 -18.89 -2.45
C ASN B 369 14.60 -19.29 -1.29
N LEU B 370 15.40 -18.35 -0.80
CA LEU B 370 16.23 -18.65 0.38
C LEU B 370 15.40 -18.36 1.60
N SER B 371 14.66 -19.40 2.01
CA SER B 371 13.57 -19.24 2.96
C SER B 371 14.00 -18.78 4.35
N GLY B 372 15.24 -19.12 4.74
CA GLY B 372 15.76 -18.76 6.06
C GLY B 372 17.28 -18.68 6.16
N ARG B 373 17.74 -18.13 7.27
CA ARG B 373 19.16 -18.18 7.62
C ARG B 373 19.45 -19.43 8.47
N GLY B 374 20.70 -19.87 8.43
CA GLY B 374 21.11 -21.12 9.07
C GLY B 374 21.67 -21.02 10.47
N ASP B 375 21.45 -19.89 11.15
CA ASP B 375 21.96 -19.72 12.51
C ASP B 375 21.39 -20.77 13.46
N LYS B 376 20.12 -21.08 13.27
CA LYS B 376 19.43 -22.13 14.02
C LYS B 376 20.03 -23.54 13.85
N ASP B 377 20.67 -23.77 12.70
CA ASP B 377 21.15 -25.11 12.30
C ASP B 377 22.62 -25.41 12.58
N LEU B 378 23.31 -24.52 13.30
CA LEU B 378 24.76 -24.68 13.47
C LEU B 378 25.12 -25.95 14.23
N ASP B 379 24.41 -26.24 15.32
CA ASP B 379 24.65 -27.46 16.09
C ASP B 379 24.43 -28.73 15.25
N ILE B 380 23.35 -28.74 14.46
CA ILE B 380 23.06 -29.89 13.59
C ILE B 380 24.16 -30.10 12.57
N VAL B 381 24.63 -29.02 11.96
CA VAL B 381 25.68 -29.09 10.94
C VAL B 381 27.02 -29.47 11.59
N LEU B 382 27.21 -29.02 12.83
CA LEU B 382 28.41 -29.39 13.61
C LEU B 382 28.50 -30.89 13.84
N LYS B 383 27.43 -31.50 14.34
CA LYS B 383 27.38 -32.94 14.57
C LYS B 383 27.59 -33.76 13.29
N ALA B 384 27.13 -33.21 12.16
CA ALA B 384 27.41 -33.80 10.85
C ALA B 384 28.69 -33.20 10.29
N MET C 1 9.29 21.77 8.51
CA MET C 1 8.79 23.12 8.09
C MET C 1 9.34 23.55 6.73
N TRP C 2 10.56 23.13 6.42
CA TRP C 2 11.21 23.55 5.20
C TRP C 2 11.49 22.36 4.30
N PHE C 3 11.43 22.59 3.00
CA PHE C 3 11.88 21.62 2.01
C PHE C 3 13.05 22.29 1.30
N GLY C 4 14.25 22.05 1.81
CA GLY C 4 15.39 22.88 1.46
C GLY C 4 15.08 24.30 1.93
N GLU C 5 15.26 25.28 1.03
CA GLU C 5 15.03 26.69 1.38
C GLU C 5 13.59 27.13 1.22
N PHE C 6 12.70 26.22 0.82
CA PHE C 6 11.32 26.57 0.52
C PHE C 6 10.37 26.12 1.62
N GLY C 7 9.30 26.89 1.81
CA GLY C 7 8.27 26.59 2.78
C GLY C 7 8.23 27.66 3.86
N GLY C 8 8.42 27.24 5.10
CA GLY C 8 8.43 28.17 6.23
C GLY C 8 7.05 28.47 6.75
N GLN C 9 6.96 29.55 7.52
CA GLN C 9 5.75 29.87 8.27
C GLN C 9 5.69 31.38 8.45
N TYR C 10 5.40 32.07 7.35
CA TYR C 10 5.48 33.53 7.27
C TYR C 10 4.13 34.14 7.53
N VAL C 11 3.87 34.33 8.82
CA VAL C 11 2.54 34.59 9.29
C VAL C 11 2.65 35.61 10.44
N PRO C 12 1.57 36.36 10.70
CA PRO C 12 1.58 37.15 11.92
C PRO C 12 1.82 36.29 13.15
N GLU C 13 2.53 36.83 14.12
CA GLU C 13 2.91 36.12 15.35
C GLU C 13 1.71 35.51 16.07
N THR C 14 0.53 36.10 15.87
CA THR C 14 -0.70 35.60 16.46
C THR C 14 -1.16 34.23 15.94
N LEU C 15 -0.71 33.85 14.75
CA LEU C 15 -1.08 32.56 14.18
C LEU C 15 0.00 31.48 14.39
N VAL C 16 1.11 31.87 15.02
CA VAL C 16 2.19 30.92 15.31
C VAL C 16 1.72 29.87 16.31
N GLY C 17 1.00 30.30 17.34
CA GLY C 17 0.40 29.40 18.31
C GLY C 17 -0.58 28.43 17.67
N PRO C 18 -1.61 28.94 17.01
CA PRO C 18 -2.60 28.11 16.30
C PRO C 18 -2.00 27.10 15.32
N LEU C 19 -0.96 27.50 14.59
CA LEU C 19 -0.24 26.58 13.72
C LEU C 19 0.52 25.49 14.48
N LYS C 20 1.09 25.82 15.63
CA LYS C 20 1.73 24.81 16.50
C LYS C 20 0.73 23.79 17.01
N GLU C 21 -0.45 24.25 17.40
CA GLU C 21 -1.48 23.36 17.93
C GLU C 21 -2.02 22.43 16.83
N LEU C 22 -2.10 22.95 15.60
CA LEU C 22 -2.53 22.17 14.46
C LEU C 22 -1.50 21.08 14.17
N GLU C 23 -0.23 21.46 14.14
CA GLU C 23 0.85 20.50 13.94
C GLU C 23 0.87 19.40 15.01
N LYS C 24 0.73 19.80 16.26
CA LYS C 24 0.74 18.85 17.39
C LYS C 24 -0.47 17.93 17.34
N ALA C 25 -1.64 18.50 17.07
CA ALA C 25 -2.87 17.71 16.92
C ALA C 25 -2.77 16.75 15.75
N TYR C 26 -2.23 17.24 14.63
CA TYR C 26 -2.11 16.42 13.44
C TYR C 26 -1.17 15.23 13.67
N LYS C 27 -0.01 15.48 14.25
CA LYS C 27 0.93 14.40 14.60
C LYS C 27 0.34 13.41 15.60
N ARG C 28 -0.46 13.92 16.53
CA ARG C 28 -1.22 13.08 17.45
C ARG C 28 -2.19 12.15 16.70
N PHE C 29 -2.97 12.71 15.77
CA PHE C 29 -4.03 11.94 15.09
C PHE C 29 -3.58 11.12 13.89
N LYS C 30 -2.50 11.51 13.21
CA LYS C 30 -2.11 10.89 11.95
C LYS C 30 -1.77 9.41 12.06
N ASP C 31 -1.30 8.98 13.23
CA ASP C 31 -1.01 7.59 13.49
C ASP C 31 -1.87 7.09 14.67
N ASP C 32 -3.10 7.60 14.75
CA ASP C 32 -4.06 7.16 15.74
C ASP C 32 -4.98 6.12 15.10
N GLU C 33 -5.30 5.07 15.86
CA GLU C 33 -6.18 4.00 15.39
C GLU C 33 -7.55 4.55 14.96
N GLU C 34 -8.21 5.22 15.90
CA GLU C 34 -9.57 5.74 15.70
C GLU C 34 -9.67 6.73 14.54
N PHE C 35 -8.76 7.71 14.51
CA PHE C 35 -8.77 8.72 13.48
C PHE C 35 -8.66 8.12 12.07
N ASN C 36 -7.73 7.21 11.88
CA ASN C 36 -7.48 6.63 10.57
C ASN C 36 -8.59 5.69 10.12
N ARG C 37 -9.18 4.96 11.06
CA ARG C 37 -10.33 4.11 10.76
C ARG C 37 -11.51 4.95 10.26
N GLN C 38 -11.79 6.04 10.99
CA GLN C 38 -12.85 6.99 10.63
C GLN C 38 -12.58 7.63 9.25
N LEU C 39 -11.35 8.08 9.02
CA LEU C 39 -10.97 8.67 7.73
C LEU C 39 -11.19 7.68 6.60
N ASN C 40 -10.75 6.44 6.80
CA ASN C 40 -10.85 5.43 5.75
C ASN C 40 -12.30 5.05 5.48
N TYR C 41 -13.10 4.99 6.56
CA TYR C 41 -14.53 4.77 6.45
C TYR C 41 -15.20 5.83 5.57
N TYR C 42 -14.89 7.10 5.79
CA TYR C 42 -15.40 8.19 4.93
C TYR C 42 -14.87 8.11 3.49
N LEU C 43 -13.57 7.86 3.34
CA LEU C 43 -12.97 7.75 2.01
C LEU C 43 -13.60 6.63 1.20
N LYS C 44 -13.81 5.49 1.84
CA LYS C 44 -14.44 4.34 1.20
C LYS C 44 -15.95 4.57 0.94
N THR C 45 -16.74 4.71 2.00
CA THR C 45 -18.20 4.66 1.87
C THR C 45 -18.81 5.96 1.35
N TRP C 46 -18.18 7.10 1.63
CA TRP C 46 -18.71 8.39 1.20
C TRP C 46 -18.07 8.90 -0.08
N ALA C 47 -16.75 8.81 -0.18
CA ALA C 47 -16.01 9.30 -1.34
C ALA C 47 -15.83 8.26 -2.46
N GLY C 48 -15.96 6.97 -2.13
CA GLY C 48 -15.87 5.88 -3.11
C GLY C 48 -14.46 5.40 -3.45
N ARG C 49 -13.52 5.55 -2.52
CA ARG C 49 -12.17 5.02 -2.71
C ARG C 49 -12.15 3.50 -2.43
N PRO C 50 -11.24 2.74 -3.04
CA PRO C 50 -10.23 3.22 -3.96
C PRO C 50 -10.76 3.55 -5.35
N THR C 51 -10.13 4.52 -6.01
CA THR C 51 -10.46 4.81 -7.40
C THR C 51 -9.67 3.83 -8.25
N PRO C 52 -10.21 3.46 -9.41
CA PRO C 52 -9.49 2.48 -10.23
C PRO C 52 -8.28 3.06 -10.96
N LEU C 53 -7.39 2.18 -11.39
CA LEU C 53 -6.32 2.52 -12.28
C LEU C 53 -6.70 1.93 -13.64
N TYR C 54 -6.92 2.79 -14.62
CA TYR C 54 -7.52 2.40 -15.88
C TYR C 54 -6.46 2.37 -16.97
N TYR C 55 -6.41 1.27 -17.72
CA TYR C 55 -5.51 1.16 -18.85
C TYR C 55 -6.20 1.75 -20.08
N ALA C 56 -5.71 2.91 -20.53
CA ALA C 56 -6.23 3.56 -21.71
C ALA C 56 -5.67 2.85 -22.95
N LYS C 57 -6.24 1.68 -23.23
CA LYS C 57 -5.77 0.80 -24.31
C LYS C 57 -5.86 1.47 -25.67
N ARG C 58 -6.99 2.12 -25.92
CA ARG C 58 -7.25 2.72 -27.23
C ARG C 58 -6.40 3.98 -27.48
N LEU C 59 -6.20 4.77 -26.44
CA LEU C 59 -5.31 5.94 -26.50
C LEU C 59 -3.87 5.47 -26.72
N THR C 60 -3.45 4.47 -25.94
CA THR C 60 -2.14 3.86 -26.04
C THR C 60 -1.82 3.34 -27.46
N GLU C 61 -2.73 2.58 -28.05
CA GLU C 61 -2.51 1.99 -29.38
C GLU C 61 -2.52 3.03 -30.51
N LYS C 62 -3.24 4.13 -30.30
CA LYS C 62 -3.30 5.25 -31.26
C LYS C 62 -1.98 6.02 -31.32
N ILE C 63 -1.29 6.14 -30.18
CA ILE C 63 0.03 6.80 -30.11
C ILE C 63 1.15 5.79 -30.43
N GLY C 64 0.94 4.54 -30.06
CA GLY C 64 1.83 3.44 -30.44
C GLY C 64 3.14 3.39 -29.66
N GLY C 65 3.15 3.97 -28.46
CA GLY C 65 4.34 4.01 -27.62
C GLY C 65 4.09 3.38 -26.26
N ALA C 66 4.56 4.04 -25.20
CA ALA C 66 4.33 3.56 -23.83
C ALA C 66 2.86 3.35 -23.50
N LYS C 67 2.62 2.38 -22.61
CA LYS C 67 1.30 2.14 -22.07
C LYS C 67 0.87 3.32 -21.21
N ILE C 68 -0.35 3.80 -21.42
CA ILE C 68 -0.90 4.92 -20.66
C ILE C 68 -1.98 4.40 -19.72
N TYR C 69 -1.71 4.49 -18.43
CA TYR C 69 -2.67 4.17 -17.39
C TYR C 69 -3.14 5.49 -16.81
N LEU C 70 -4.40 5.53 -16.37
CA LEU C 70 -4.98 6.73 -15.78
C LEU C 70 -5.45 6.40 -14.37
N LYS C 71 -4.92 7.11 -13.38
CA LYS C 71 -5.44 7.02 -12.02
C LYS C 71 -6.70 7.87 -11.96
N ARG C 72 -7.84 7.22 -11.71
CA ARG C 72 -9.16 7.81 -11.97
C ARG C 72 -9.74 8.64 -10.82
N GLU C 73 -9.04 9.71 -10.46
CA GLU C 73 -9.57 10.61 -9.41
C GLU C 73 -10.84 11.32 -9.82
N ASP C 74 -11.11 11.35 -11.12
CA ASP C 74 -12.36 11.86 -11.65
C ASP C 74 -13.62 11.17 -11.08
N LEU C 75 -13.45 9.96 -10.52
CA LEU C 75 -14.54 9.16 -9.96
C LEU C 75 -14.73 9.36 -8.48
N VAL C 76 -13.86 10.15 -7.84
CA VAL C 76 -14.01 10.49 -6.42
C VAL C 76 -15.29 11.30 -6.30
N HIS C 77 -16.03 11.11 -5.21
CA HIS C 77 -17.24 11.91 -4.93
C HIS C 77 -16.92 13.40 -5.03
N GLY C 78 -17.70 14.12 -5.84
CA GLY C 78 -17.45 15.54 -6.11
C GLY C 78 -16.74 15.77 -7.42
N GLY C 79 -16.09 14.73 -7.93
CA GLY C 79 -15.47 14.78 -9.26
C GLY C 79 -14.02 15.20 -9.30
N ALA C 80 -13.37 15.35 -8.15
CA ALA C 80 -11.96 15.75 -8.11
C ALA C 80 -11.23 15.26 -6.87
N HIS C 81 -9.91 15.14 -7.00
CA HIS C 81 -9.06 14.70 -5.88
C HIS C 81 -9.19 15.58 -4.64
N1 LLP C 82 -7.06 19.24 -10.98
C2 LLP C 82 -8.33 19.50 -10.59
C2' LLP C 82 -9.48 18.63 -11.07
C3 LLP C 82 -8.60 20.62 -9.66
O3 LLP C 82 -9.86 20.92 -9.22
C4 LLP C 82 -7.46 21.43 -9.18
C4' LLP C 82 -7.71 22.59 -8.25
C5 LLP C 82 -6.11 21.07 -9.70
C6 LLP C 82 -5.99 19.98 -10.57
C5' LLP C 82 -4.88 21.86 -9.28
OP4 LLP C 82 -4.66 21.76 -7.89
P LLP C 82 -3.45 20.90 -7.27
OP1 LLP C 82 -3.81 19.45 -7.53
OP2 LLP C 82 -2.20 21.35 -7.99
OP3 LLP C 82 -3.47 21.31 -5.83
N LLP C 82 -9.64 16.82 -4.81
CA LLP C 82 -9.78 17.77 -3.69
CB LLP C 82 -10.45 19.04 -4.19
CG LLP C 82 -9.44 19.83 -5.03
CD LLP C 82 -9.96 21.20 -5.47
CE LLP C 82 -8.81 22.03 -6.04
NZ LLP C 82 -8.89 22.28 -7.47
C LLP C 82 -10.50 17.17 -2.51
O LLP C 82 -10.22 17.49 -1.36
N THR C 83 -11.45 16.29 -2.79
CA THR C 83 -12.22 15.66 -1.72
C THR C 83 -11.35 14.91 -0.71
N ASN C 84 -10.30 14.24 -1.16
CA ASN C 84 -9.42 13.47 -0.25
C ASN C 84 -8.86 14.33 0.88
N ASN C 85 -8.47 15.55 0.55
CA ASN C 85 -7.89 16.50 1.50
C ASN C 85 -8.96 17.10 2.40
N ALA C 86 -10.09 17.47 1.82
CA ALA C 86 -11.19 18.07 2.60
C ALA C 86 -11.71 17.11 3.66
N ILE C 87 -11.82 15.82 3.29
CA ILE C 87 -12.31 14.80 4.23
C ILE C 87 -11.24 14.34 5.22
N GLY C 88 -9.97 14.63 4.94
CA GLY C 88 -8.91 14.42 5.92
C GLY C 88 -8.90 15.53 6.96
N GLN C 89 -8.95 16.78 6.49
CA GLN C 89 -8.83 17.94 7.37
C GLN C 89 -10.07 18.22 8.23
N ALA C 90 -11.27 18.05 7.67
CA ALA C 90 -12.47 18.50 8.40
C ALA C 90 -12.75 17.71 9.69
N PRO C 91 -12.61 16.37 9.66
CA PRO C 91 -12.74 15.62 10.91
C PRO C 91 -11.62 15.95 11.90
N LEU C 92 -10.42 16.27 11.41
CA LEU C 92 -9.33 16.68 12.30
C LEU C 92 -9.75 17.95 13.04
N ALA C 93 -10.25 18.92 12.27
CA ALA C 93 -10.73 20.19 12.82
C ALA C 93 -11.78 19.95 13.89
N LYS C 94 -12.72 19.04 13.60
CA LYS C 94 -13.78 18.75 14.56
C LYS C 94 -13.22 18.13 15.84
N LEU C 95 -12.26 17.22 15.72
CA LEU C 95 -11.59 16.64 16.89
C LEU C 95 -10.85 17.70 17.70
N MET C 96 -10.34 18.71 17.03
CA MET C 96 -9.67 19.83 17.70
C MET C 96 -10.62 20.82 18.36
N GLY C 97 -11.93 20.63 18.18
CA GLY C 97 -12.92 21.46 18.87
C GLY C 97 -13.39 22.65 18.05
N LYS C 98 -13.07 22.64 16.76
CA LYS C 98 -13.52 23.70 15.86
C LYS C 98 -14.93 23.37 15.41
N THR C 99 -15.70 24.40 15.08
CA THR C 99 -17.09 24.26 14.64
C THR C 99 -17.34 24.88 13.27
N ARG C 100 -16.29 25.44 12.67
CA ARG C 100 -16.41 26.18 11.44
C ARG C 100 -15.19 25.95 10.58
N LEU C 101 -15.44 25.73 9.29
CA LEU C 101 -14.36 25.59 8.31
C LEU C 101 -14.41 26.82 7.45
N ILE C 102 -13.24 27.38 7.16
CA ILE C 102 -13.14 28.40 6.12
C ILE C 102 -12.18 27.91 5.05
N ALA C 103 -12.39 28.42 3.84
CA ALA C 103 -11.52 28.07 2.74
C ALA C 103 -11.54 29.11 1.64
N GLU C 104 -10.50 29.02 0.83
CA GLU C 104 -10.26 29.87 -0.31
C GLU C 104 -10.67 29.08 -1.55
N THR C 105 -11.19 29.74 -2.57
CA THR C 105 -11.40 29.08 -3.85
C THR C 105 -11.35 30.05 -5.02
N GLY C 106 -10.70 29.64 -6.10
CA GLY C 106 -10.66 30.40 -7.33
C GLY C 106 -11.95 30.15 -8.10
N ALA C 107 -11.98 29.03 -8.82
CA ALA C 107 -13.14 28.65 -9.62
C ALA C 107 -14.31 28.19 -8.76
N GLY C 108 -14.01 27.54 -7.63
CA GLY C 108 -15.06 27.01 -6.77
C GLY C 108 -14.93 25.54 -6.41
N GLN C 109 -13.96 24.84 -7.01
CA GLN C 109 -13.87 23.39 -6.84
C GLN C 109 -13.38 22.96 -5.46
N HIS C 110 -12.41 23.68 -4.87
CA HIS C 110 -12.05 23.42 -3.48
C HIS C 110 -13.16 23.91 -2.54
N GLY C 111 -13.85 24.96 -2.94
CA GLY C 111 -15.01 25.45 -2.20
C GLY C 111 -16.11 24.42 -2.12
N VAL C 112 -16.38 23.75 -3.23
CA VAL C 112 -17.38 22.66 -3.26
C VAL C 112 -16.93 21.49 -2.38
N ALA C 113 -15.65 21.10 -2.46
CA ALA C 113 -15.14 19.97 -1.66
C ALA C 113 -15.19 20.27 -0.16
N THR C 114 -14.85 21.50 0.20
CA THR C 114 -14.95 21.93 1.59
C THR C 114 -16.40 21.95 2.06
N ALA C 115 -17.28 22.50 1.22
CA ALA C 115 -18.72 22.54 1.53
C ALA C 115 -19.30 21.14 1.71
N MET C 116 -18.85 20.19 0.89
CA MET C 116 -19.30 18.80 0.99
C MET C 116 -18.89 18.17 2.31
N ALA C 117 -17.62 18.34 2.69
CA ALA C 117 -17.12 17.74 3.92
C ALA C 117 -17.78 18.38 5.14
N GLY C 118 -17.94 19.70 5.10
CA GLY C 118 -18.62 20.41 6.19
C GLY C 118 -20.06 19.96 6.39
N ALA C 119 -20.78 19.76 5.28
CA ALA C 119 -22.13 19.23 5.33
C ALA C 119 -22.14 17.85 5.99
N LEU C 120 -21.27 16.96 5.51
CA LEU C 120 -21.10 15.63 6.08
C LEU C 120 -20.90 15.72 7.59
N LEU C 121 -19.96 16.56 8.01
CA LEU C 121 -19.61 16.66 9.43
C LEU C 121 -20.44 17.62 10.28
N GLY C 122 -21.48 18.21 9.69
CA GLY C 122 -22.36 19.13 10.41
C GLY C 122 -21.69 20.40 10.88
N MET C 123 -20.69 20.85 10.13
CA MET C 123 -19.95 22.07 10.49
C MET C 123 -20.39 23.23 9.61
N LYS C 124 -20.20 24.45 10.12
CA LYS C 124 -20.43 25.65 9.33
C LYS C 124 -19.28 25.82 8.34
N VAL C 125 -19.58 26.41 7.19
CA VAL C 125 -18.60 26.59 6.13
C VAL C 125 -18.76 27.96 5.48
N ASP C 126 -17.65 28.72 5.48
CA ASP C 126 -17.54 29.98 4.76
C ASP C 126 -16.45 29.85 3.72
N ILE C 127 -16.79 30.12 2.48
CA ILE C 127 -15.84 30.04 1.38
C ILE C 127 -15.56 31.45 0.88
N TYR C 128 -14.30 31.87 0.97
CA TYR C 128 -13.87 33.15 0.44
C TYR C 128 -13.52 33.02 -1.02
N MET C 129 -14.14 33.85 -1.85
CA MET C 129 -14.06 33.71 -3.29
C MET C 129 -13.98 35.06 -3.98
N GLY C 130 -13.04 35.19 -4.92
CA GLY C 130 -12.87 36.43 -5.67
C GLY C 130 -14.09 36.74 -6.49
N ALA C 131 -14.58 37.99 -6.42
CA ALA C 131 -15.81 38.40 -7.12
C ALA C 131 -15.74 38.16 -8.62
N GLU C 132 -14.55 38.34 -9.21
CA GLU C 132 -14.33 38.03 -10.63
C GLU C 132 -14.46 36.53 -10.86
N ASP C 133 -13.86 35.75 -9.97
CA ASP C 133 -13.98 34.30 -10.02
C ASP C 133 -15.39 33.82 -9.67
N VAL C 134 -16.10 34.59 -8.83
CA VAL C 134 -17.51 34.31 -8.49
C VAL C 134 -18.43 34.43 -9.71
N GLU C 135 -18.27 35.52 -10.47
CA GLU C 135 -19.09 35.77 -11.65
C GLU C 135 -18.82 34.76 -12.76
N ARG C 136 -17.55 34.33 -12.87
CA ARG C 136 -17.15 33.37 -13.89
C ARG C 136 -17.67 31.96 -13.60
N GLN C 137 -17.96 31.69 -12.33
CA GLN C 137 -18.33 30.36 -11.88
C GLN C 137 -19.60 30.42 -11.01
N LYS C 138 -20.71 30.76 -11.66
CA LYS C 138 -22.00 30.93 -10.98
C LYS C 138 -22.63 29.62 -10.48
N MET C 139 -22.33 28.51 -11.14
CA MET C 139 -22.92 27.21 -10.79
C MET C 139 -22.31 26.62 -9.52
N ASN C 140 -20.99 26.73 -9.42
CA ASN C 140 -20.29 26.25 -8.22
C ASN C 140 -20.72 27.05 -6.98
N VAL C 141 -21.10 28.31 -7.17
CA VAL C 141 -21.69 29.08 -6.08
C VAL C 141 -22.97 28.40 -5.61
N PHE C 142 -23.82 28.02 -6.56
CA PHE C 142 -25.08 27.36 -6.23
C PHE C 142 -24.84 26.02 -5.54
N ARG C 143 -23.90 25.23 -6.05
CA ARG C 143 -23.49 23.99 -5.40
C ARG C 143 -23.11 24.20 -3.94
N MET C 144 -22.25 25.18 -3.69
CA MET C 144 -21.82 25.48 -2.33
C MET C 144 -23.03 25.89 -1.48
N LYS C 145 -23.91 26.72 -2.06
CA LYS C 145 -25.15 27.12 -1.38
C LYS C 145 -26.04 25.92 -1.05
N LEU C 146 -26.29 25.07 -2.04
CA LEU C 146 -27.05 23.82 -1.84
C LEU C 146 -26.47 22.97 -0.70
N LEU C 147 -25.14 22.93 -0.62
CA LEU C 147 -24.44 22.17 0.42
C LEU C 147 -24.46 22.83 1.81
N GLY C 148 -25.07 24.01 1.93
CA GLY C 148 -25.18 24.70 3.22
C GLY C 148 -24.06 25.68 3.51
N ALA C 149 -23.17 25.89 2.55
CA ALA C 149 -22.04 26.79 2.74
C ALA C 149 -22.38 28.23 2.32
N ASN C 150 -21.68 29.19 2.92
CA ASN C 150 -21.77 30.60 2.55
C ASN C 150 -20.60 30.96 1.64
N VAL C 151 -20.89 31.70 0.57
CA VAL C 151 -19.86 32.24 -0.30
C VAL C 151 -19.72 33.73 0.00
N ILE C 152 -18.50 34.14 0.34
CA ILE C 152 -18.21 35.52 0.70
C ILE C 152 -17.38 36.11 -0.42
N PRO C 153 -17.95 37.06 -1.18
CA PRO C 153 -17.16 37.71 -2.24
C PRO C 153 -16.02 38.57 -1.70
N VAL C 154 -14.94 38.65 -2.47
CA VAL C 154 -13.79 39.47 -2.12
C VAL C 154 -13.57 40.46 -3.27
N ASN C 155 -13.52 41.76 -2.95
CA ASN C 155 -13.39 42.81 -3.95
C ASN C 155 -12.08 43.61 -3.81
N SER C 156 -11.04 42.95 -3.28
CA SER C 156 -9.76 43.62 -3.00
C SER C 156 -9.03 44.10 -4.26
N ASP C 163 -6.25 37.06 -3.79
CA ASP C 163 -7.02 38.02 -3.02
C ASP C 163 -7.89 37.31 -1.98
N ALA C 164 -8.53 36.23 -2.40
CA ALA C 164 -9.33 35.39 -1.50
C ALA C 164 -8.48 34.80 -0.37
N ILE C 165 -7.26 34.40 -0.69
CA ILE C 165 -6.35 33.79 0.29
C ILE C 165 -5.96 34.80 1.38
N ASN C 166 -5.79 36.07 1.02
CA ASN C 166 -5.51 37.13 1.98
C ASN C 166 -6.67 37.30 2.99
N GLU C 167 -7.89 37.38 2.49
CA GLU C 167 -9.08 37.55 3.33
C GLU C 167 -9.29 36.40 4.30
N ALA C 168 -9.08 35.18 3.82
CA ALA C 168 -9.23 33.99 4.64
C ALA C 168 -8.19 33.96 5.77
N LEU C 169 -6.93 34.26 5.44
CA LEU C 169 -5.89 34.35 6.46
C LEU C 169 -6.23 35.39 7.54
N ARG C 170 -6.83 36.49 7.11
CA ARG C 170 -7.27 37.55 8.01
C ARG C 170 -8.40 37.07 8.91
N ASP C 171 -9.42 36.47 8.29
CA ASP C 171 -10.52 35.82 9.03
C ASP C 171 -9.96 34.86 10.07
N TRP C 172 -9.11 33.92 9.63
CA TRP C 172 -8.57 32.89 10.54
C TRP C 172 -7.81 33.52 11.71
N GLU C 173 -7.04 34.58 11.44
CA GLU C 173 -6.31 35.32 12.48
C GLU C 173 -7.21 35.73 13.66
N ALA C 174 -8.45 36.11 13.36
CA ALA C 174 -9.42 36.53 14.38
C ALA C 174 -10.38 35.43 14.89
N THR C 175 -10.44 34.26 14.23
CA THR C 175 -11.43 33.25 14.60
C THR C 175 -10.85 31.86 14.93
N PHE C 176 -9.53 31.75 15.03
CA PHE C 176 -8.87 30.43 15.13
C PHE C 176 -9.37 29.55 16.29
N GLU C 177 -9.88 30.19 17.36
CA GLU C 177 -10.39 29.45 18.52
C GLU C 177 -11.44 28.41 18.14
N TYR C 178 -12.31 28.75 17.18
CA TYR C 178 -13.37 27.84 16.76
C TYR C 178 -13.37 27.54 15.25
N THR C 179 -12.43 28.11 14.51
CA THR C 179 -12.38 27.98 13.07
C THR C 179 -11.10 27.26 12.62
N HIS C 180 -11.26 26.31 11.70
CA HIS C 180 -10.14 25.70 11.00
C HIS C 180 -10.10 26.23 9.58
N TYR C 181 -8.90 26.62 9.13
CA TYR C 181 -8.71 27.10 7.77
C TYR C 181 -8.29 25.92 6.92
N LEU C 182 -9.21 25.46 6.06
CA LEU C 182 -9.00 24.24 5.28
C LEU C 182 -8.36 24.62 3.97
N ILE C 183 -7.04 24.65 3.97
CA ILE C 183 -6.26 25.00 2.79
C ILE C 183 -6.37 23.85 1.80
N GLY C 184 -6.55 24.18 0.52
CA GLY C 184 -6.92 23.24 -0.54
C GLY C 184 -5.82 22.72 -1.46
N SER C 185 -4.57 23.17 -1.27
CA SER C 185 -3.43 22.60 -1.98
C SER C 185 -2.22 22.54 -1.04
N VAL C 186 -1.08 22.09 -1.58
CA VAL C 186 0.14 21.95 -0.76
C VAL C 186 0.86 23.28 -0.65
N VAL C 187 0.14 24.27 -0.12
CA VAL C 187 0.59 25.63 -0.05
C VAL C 187 0.29 26.15 1.36
N GLY C 188 0.64 27.39 1.61
CA GLY C 188 0.41 28.00 2.90
C GLY C 188 1.56 27.72 3.84
N PRO C 189 1.42 28.18 5.09
CA PRO C 189 2.47 28.01 6.09
C PRO C 189 2.50 26.59 6.62
N HIS C 190 3.65 26.14 7.10
CA HIS C 190 3.74 24.86 7.77
C HIS C 190 2.66 24.88 8.86
N PRO C 191 1.92 23.78 9.07
CA PRO C 191 2.17 22.46 8.49
C PRO C 191 1.30 22.08 7.27
N TYR C 192 0.69 23.04 6.59
CA TYR C 192 -0.28 22.75 5.54
C TYR C 192 0.27 21.98 4.33
N PRO C 193 1.41 22.41 3.77
CA PRO C 193 1.98 21.66 2.66
C PRO C 193 2.20 20.19 3.00
N THR C 194 2.64 19.91 4.23
CA THR C 194 2.87 18.54 4.66
C THR C 194 1.55 17.78 4.86
N ILE C 195 0.59 18.40 5.53
CA ILE C 195 -0.72 17.77 5.79
C ILE C 195 -1.45 17.43 4.50
N VAL C 196 -1.46 18.36 3.55
CA VAL C 196 -2.23 18.17 2.32
C VAL C 196 -1.58 17.07 1.47
N ARG C 197 -0.26 17.05 1.44
CA ARG C 197 0.49 16.00 0.78
C ARG C 197 0.17 14.64 1.41
N ASP C 198 0.12 14.59 2.74
CA ASP C 198 -0.18 13.36 3.45
C ASP C 198 -1.59 12.86 3.15
N PHE C 199 -2.55 13.77 3.14
CA PHE C 199 -3.93 13.38 2.84
C PHE C 199 -4.18 13.02 1.39
N GLN C 200 -3.31 13.46 0.48
CA GLN C 200 -3.44 13.10 -0.94
C GLN C 200 -2.61 11.86 -1.32
N SER C 201 -1.76 11.39 -0.41
CA SER C 201 -0.84 10.28 -0.65
C SER C 201 -1.57 8.96 -0.89
N VAL C 202 -2.81 8.87 -0.42
CA VAL C 202 -3.66 7.73 -0.69
C VAL C 202 -3.72 7.43 -2.19
N ILE C 203 -3.68 8.47 -3.02
CA ILE C 203 -3.68 8.32 -4.45
C ILE C 203 -2.49 7.47 -4.91
N GLY C 204 -1.28 7.87 -4.50
CA GLY C 204 -0.08 7.13 -4.89
C GLY C 204 0.02 5.75 -4.27
N ARG C 205 -0.46 5.61 -3.03
CA ARG C 205 -0.45 4.31 -2.36
C ARG C 205 -1.34 3.31 -3.12
N GLU C 206 -2.53 3.74 -3.50
CA GLU C 206 -3.44 2.88 -4.27
C GLU C 206 -2.82 2.56 -5.63
N ALA C 207 -2.37 3.60 -6.32
CA ALA C 207 -1.77 3.45 -7.64
C ALA C 207 -0.59 2.49 -7.63
N LYS C 208 0.23 2.52 -6.58
CA LYS C 208 1.35 1.59 -6.46
C LYS C 208 0.88 0.12 -6.39
N ALA C 209 -0.09 -0.15 -5.52
CA ALA C 209 -0.66 -1.52 -5.44
C ALA C 209 -1.29 -1.93 -6.77
N GLN C 210 -2.01 -1.00 -7.38
CA GLN C 210 -2.78 -1.30 -8.60
C GLN C 210 -1.87 -1.57 -9.80
N ILE C 211 -0.81 -0.77 -9.97
CA ILE C 211 0.10 -1.01 -11.09
C ILE C 211 0.89 -2.30 -10.89
N LEU C 212 1.20 -2.63 -9.64
CA LEU C 212 1.84 -3.91 -9.35
C LEU C 212 0.93 -5.08 -9.75
N GLU C 213 -0.37 -4.95 -9.50
CA GLU C 213 -1.32 -5.98 -9.95
C GLU C 213 -1.41 -6.07 -11.46
N ALA C 214 -1.47 -4.93 -12.14
CA ALA C 214 -1.68 -4.90 -13.58
C ALA C 214 -0.46 -5.36 -14.36
N GLU C 215 0.72 -4.95 -13.91
CA GLU C 215 1.95 -5.09 -14.70
C GLU C 215 3.10 -5.84 -14.00
N GLY C 216 2.99 -6.07 -12.69
CA GLY C 216 4.02 -6.77 -11.94
C GLY C 216 5.24 -5.91 -11.61
N GLN C 217 5.20 -4.63 -11.98
CA GLN C 217 6.29 -3.71 -11.70
C GLN C 217 5.81 -2.26 -11.57
N LEU C 218 6.69 -1.40 -11.08
CA LEU C 218 6.39 0.01 -10.90
C LEU C 218 6.42 0.72 -12.26
N PRO C 219 5.79 1.89 -12.37
CA PRO C 219 5.79 2.58 -13.65
C PRO C 219 7.12 3.26 -13.93
N ASP C 220 7.38 3.52 -15.20
CA ASP C 220 8.60 4.21 -15.61
C ASP C 220 8.48 5.70 -15.34
N VAL C 221 7.27 6.22 -15.53
CA VAL C 221 7.00 7.66 -15.35
C VAL C 221 5.62 7.89 -14.76
N ILE C 222 5.53 8.83 -13.81
CA ILE C 222 4.23 9.29 -13.30
C ILE C 222 4.06 10.75 -13.73
N VAL C 223 2.93 11.04 -14.35
CA VAL C 223 2.65 12.39 -14.87
C VAL C 223 1.43 12.97 -14.17
N ALA C 224 1.55 14.20 -13.67
CA ALA C 224 0.45 14.87 -13.00
C ALA C 224 0.49 16.36 -13.27
N CYS C 225 -0.68 16.99 -13.37
CA CYS C 225 -0.71 18.44 -13.52
C CYS C 225 -0.38 19.10 -12.19
N VAL C 226 0.19 20.30 -12.26
CA VAL C 226 0.65 21.03 -11.08
C VAL C 226 0.09 22.44 -11.11
N GLY C 227 -0.83 22.73 -10.20
CA GLY C 227 -1.22 24.11 -9.90
C GLY C 227 -0.46 24.48 -8.65
N GLY C 228 -1.12 24.40 -7.50
CA GLY C 228 -0.45 24.47 -6.21
C GLY C 228 0.36 23.22 -5.94
N GLY C 229 -0.10 22.08 -6.47
CA GLY C 229 0.67 20.87 -6.46
C GLY C 229 0.16 19.65 -5.69
N SER C 230 -1.08 19.68 -5.18
CA SER C 230 -1.56 18.61 -4.29
C SER C 230 -1.85 17.27 -4.98
N ASN C 231 -2.50 17.28 -6.14
CA ASN C 231 -2.76 16.01 -6.83
C ASN C 231 -1.44 15.37 -7.25
N ALA C 232 -0.47 16.20 -7.66
CA ALA C 232 0.87 15.73 -8.04
C ALA C 232 1.64 15.14 -6.84
N MET C 233 1.71 15.85 -5.72
CA MET C 233 2.34 15.30 -4.51
C MET C 233 1.65 14.02 -4.04
N GLY C 234 0.32 13.98 -4.08
CA GLY C 234 -0.42 12.78 -3.67
C GLY C 234 -0.01 11.53 -4.39
N ILE C 235 0.13 11.64 -5.71
CA ILE C 235 0.55 10.49 -6.50
C ILE C 235 2.09 10.31 -6.55
N PHE C 236 2.87 11.39 -6.48
CA PHE C 236 4.35 11.30 -6.43
C PHE C 236 4.91 10.70 -5.14
N TYR C 237 4.40 11.17 -4.00
CA TYR C 237 5.09 10.97 -2.74
C TYR C 237 5.41 9.52 -2.42
N PRO C 238 4.44 8.60 -2.58
CA PRO C 238 4.79 7.23 -2.24
C PRO C 238 5.82 6.57 -3.16
N PHE C 239 6.12 7.20 -4.29
CA PHE C 239 7.16 6.72 -5.21
C PHE C 239 8.53 7.44 -5.10
N VAL C 240 8.65 8.45 -4.25
CA VAL C 240 9.90 9.23 -4.16
C VAL C 240 11.14 8.34 -3.93
N ASN C 241 11.00 7.33 -3.07
CA ASN C 241 12.12 6.43 -2.76
C ASN C 241 12.31 5.29 -3.76
N ASP C 242 11.41 5.18 -4.74
CA ASP C 242 11.59 4.22 -5.83
C ASP C 242 12.33 4.97 -6.96
N LYS C 243 13.66 4.97 -6.86
CA LYS C 243 14.53 5.87 -7.65
C LYS C 243 14.33 5.78 -9.16
N LYS C 244 13.97 4.60 -9.64
CA LYS C 244 13.84 4.38 -11.07
C LYS C 244 12.52 4.88 -11.66
N VAL C 245 11.63 5.39 -10.81
CA VAL C 245 10.36 5.94 -11.26
C VAL C 245 10.52 7.43 -11.49
N LYS C 246 10.35 7.87 -12.72
CA LYS C 246 10.43 9.30 -13.07
C LYS C 246 9.13 10.01 -12.72
N LEU C 247 9.26 11.21 -12.15
CA LEU C 247 8.11 12.01 -11.73
C LEU C 247 8.12 13.30 -12.56
N VAL C 248 7.03 13.55 -13.28
CA VAL C 248 6.93 14.71 -14.15
C VAL C 248 5.71 15.55 -13.81
N GLY C 249 5.93 16.80 -13.46
CA GLY C 249 4.85 17.73 -13.15
C GLY C 249 4.57 18.64 -14.33
N VAL C 250 3.29 18.87 -14.62
CA VAL C 250 2.89 19.62 -15.81
C VAL C 250 2.16 20.89 -15.40
N GLU C 251 2.83 22.03 -15.57
CA GLU C 251 2.22 23.32 -15.27
C GLU C 251 1.54 23.90 -16.50
N ALA C 252 0.66 24.86 -16.24
CA ALA C 252 -0.07 25.55 -17.29
C ALA C 252 0.85 26.49 -18.06
N GLY C 253 1.11 26.13 -19.32
CA GLY C 253 1.81 27.01 -20.25
C GLY C 253 0.95 28.15 -20.81
N GLY C 254 -0.36 28.09 -20.58
CA GLY C 254 -1.27 29.19 -20.95
C GLY C 254 -1.31 29.45 -22.44
N LYS C 255 -1.07 30.70 -22.84
CA LYS C 255 -1.00 31.07 -24.25
C LYS C 255 0.40 30.89 -24.84
N GLY C 256 1.30 30.30 -24.05
CA GLY C 256 2.71 30.14 -24.42
C GLY C 256 3.58 30.78 -23.35
N LEU C 257 4.73 30.18 -23.07
CA LEU C 257 5.60 30.69 -22.02
C LEU C 257 6.12 32.12 -22.29
N GLU C 258 6.26 32.48 -23.56
CA GLU C 258 6.69 33.83 -23.96
C GLU C 258 5.53 34.84 -24.07
N SER C 259 4.30 34.37 -23.88
CA SER C 259 3.10 35.21 -24.03
C SER C 259 2.88 36.15 -22.85
N GLY C 260 3.41 35.80 -21.68
CA GLY C 260 3.09 36.52 -20.44
C GLY C 260 1.67 36.23 -19.95
N LYS C 261 1.12 35.08 -20.35
CA LYS C 261 -0.22 34.67 -19.91
C LYS C 261 -0.19 33.16 -19.66
N HIS C 262 0.31 32.79 -18.48
CA HIS C 262 0.45 31.39 -18.11
C HIS C 262 0.47 31.27 -16.58
N SER C 263 0.71 30.07 -16.06
CA SER C 263 0.81 29.87 -14.61
C SER C 263 1.92 28.91 -14.24
N ALA C 264 3.06 29.05 -14.92
CA ALA C 264 4.17 28.14 -14.79
C ALA C 264 5.21 28.68 -13.78
N SER C 265 4.80 28.67 -12.51
CA SER C 265 5.58 29.22 -11.41
C SER C 265 6.97 28.59 -11.29
N LEU C 266 7.02 27.26 -11.31
CA LEU C 266 8.30 26.55 -11.29
C LEU C 266 9.17 26.86 -12.52
N ASN C 267 8.55 26.89 -13.69
CA ASN C 267 9.27 27.16 -14.94
C ASN C 267 9.91 28.56 -14.93
N ALA C 268 9.17 29.57 -14.45
CA ALA C 268 9.69 30.94 -14.36
C ALA C 268 10.81 31.07 -13.32
N GLY C 269 10.64 30.38 -12.19
CA GLY C 269 11.69 30.29 -11.18
C GLY C 269 11.94 31.57 -10.40
N GLN C 270 10.89 32.34 -10.12
CA GLN C 270 11.06 33.60 -9.37
C GLN C 270 10.57 33.41 -7.94
N VAL C 271 11.49 33.56 -6.99
CA VAL C 271 11.21 33.34 -5.58
C VAL C 271 10.37 34.50 -5.02
N GLY C 272 9.49 34.17 -4.07
CA GLY C 272 8.69 35.18 -3.38
C GLY C 272 8.10 34.62 -2.11
N VAL C 273 7.51 35.48 -1.30
CA VAL C 273 6.88 35.07 -0.06
C VAL C 273 5.45 35.61 -0.03
N LEU C 274 4.50 34.68 -0.03
CA LEU C 274 3.10 35.02 -0.08
C LEU C 274 2.31 33.91 0.55
N HIS C 275 1.23 34.28 1.24
CA HIS C 275 0.30 33.34 1.81
C HIS C 275 0.98 32.35 2.77
N GLY C 276 2.02 32.82 3.44
CA GLY C 276 2.69 32.07 4.50
C GLY C 276 3.88 31.22 4.09
N MET C 277 4.23 31.21 2.80
CA MET C 277 5.30 30.35 2.33
C MET C 277 6.29 31.08 1.43
N LEU C 278 7.53 30.61 1.48
CA LEU C 278 8.55 31.00 0.53
C LEU C 278 8.58 29.90 -0.52
N SER C 279 8.30 30.28 -1.76
CA SER C 279 8.29 29.35 -2.89
C SER C 279 8.44 30.15 -4.17
N TYR C 280 8.03 29.59 -5.31
CA TYR C 280 8.08 30.31 -6.57
C TYR C 280 6.74 30.97 -6.84
N PHE C 281 6.76 32.27 -7.13
CA PHE C 281 5.55 33.02 -7.52
C PHE C 281 5.82 33.80 -8.79
N LEU C 282 4.86 33.81 -9.71
CA LEU C 282 4.99 34.58 -10.95
C LEU C 282 5.01 36.07 -10.64
N GLN C 283 5.95 36.79 -11.26
CA GLN C 283 6.17 38.21 -10.99
C GLN C 283 6.46 39.02 -12.24
N ASP C 284 6.10 40.30 -12.20
CA ASP C 284 6.33 41.22 -13.33
C ASP C 284 7.75 41.81 -13.29
N GLU C 285 8.01 42.77 -14.18
CA GLU C 285 9.30 43.48 -14.24
C GLU C 285 9.65 44.17 -12.91
N GLU C 286 8.66 44.83 -12.31
CA GLU C 286 8.87 45.60 -11.07
C GLU C 286 8.91 44.76 -9.78
N GLY C 287 8.92 43.44 -9.89
CA GLY C 287 8.96 42.56 -8.72
C GLY C 287 7.62 42.41 -8.01
N GLN C 288 6.52 42.71 -8.70
CA GLN C 288 5.17 42.56 -8.17
C GLN C 288 4.57 41.25 -8.67
N ILE C 289 3.83 40.57 -7.81
CA ILE C 289 3.14 39.34 -8.19
C ILE C 289 2.13 39.66 -9.29
N LYS C 290 2.27 39.01 -10.44
CA LYS C 290 1.40 39.27 -11.59
C LYS C 290 0.33 38.19 -11.72
N PRO C 291 -0.81 38.53 -12.33
CA PRO C 291 -1.87 37.54 -12.46
C PRO C 291 -1.52 36.43 -13.44
N SER C 292 -1.99 35.23 -13.15
CA SER C 292 -1.76 34.09 -14.00
C SER C 292 -2.92 33.94 -14.97
N HIS C 293 -2.75 33.08 -15.96
CA HIS C 293 -3.83 32.66 -16.82
C HIS C 293 -3.68 31.18 -17.14
N SER C 294 -4.81 30.50 -17.20
CA SER C 294 -4.90 29.19 -17.81
C SER C 294 -6.35 28.97 -18.21
N ILE C 295 -6.54 28.25 -19.31
CA ILE C 295 -7.88 27.81 -19.69
C ILE C 295 -8.45 26.95 -18.57
N ALA C 296 -7.57 26.24 -17.87
CA ALA C 296 -7.94 25.45 -16.70
C ALA C 296 -7.96 26.34 -15.46
N PRO C 297 -9.15 26.66 -14.94
CA PRO C 297 -9.25 27.64 -13.86
C PRO C 297 -8.60 27.15 -12.54
N GLY C 298 -8.52 25.84 -12.36
CA GLY C 298 -7.84 25.26 -11.20
C GLY C 298 -6.31 25.42 -11.21
N LEU C 299 -5.73 25.71 -12.37
CA LEU C 299 -4.29 25.98 -12.49
C LEU C 299 -4.01 27.48 -12.52
N ASP C 300 -4.96 28.30 -12.06
CA ASP C 300 -4.84 29.75 -12.12
C ASP C 300 -4.38 30.34 -10.78
N TYR C 301 -3.31 29.79 -10.22
CA TYR C 301 -2.70 30.28 -8.99
C TYR C 301 -1.26 30.70 -9.30
N PRO C 302 -0.86 31.93 -8.89
CA PRO C 302 0.44 32.47 -9.29
C PRO C 302 1.66 31.77 -8.66
N GLY C 303 1.45 31.00 -7.60
CA GLY C 303 2.52 30.26 -6.94
C GLY C 303 2.46 28.76 -7.06
N VAL C 304 3.29 28.09 -6.27
CA VAL C 304 3.37 26.64 -6.29
C VAL C 304 3.89 26.17 -4.94
N GLY C 305 3.51 24.97 -4.53
CA GLY C 305 3.89 24.42 -3.22
C GLY C 305 5.39 24.26 -3.03
N PRO C 306 5.89 24.48 -1.80
CA PRO C 306 7.34 24.41 -1.57
C PRO C 306 7.96 23.04 -1.82
N GLU C 307 7.18 21.96 -1.68
CA GLU C 307 7.78 20.64 -1.83
C GLU C 307 8.17 20.35 -3.28
N HIS C 308 7.42 20.91 -4.24
CA HIS C 308 7.79 20.80 -5.66
C HIS C 308 9.04 21.63 -5.96
N ALA C 309 9.13 22.82 -5.38
CA ALA C 309 10.36 23.63 -5.47
C ALA C 309 11.58 22.80 -5.06
N TYR C 310 11.41 22.01 -4.00
CA TYR C 310 12.47 21.16 -3.47
C TYR C 310 12.76 19.96 -4.37
N LEU C 311 11.71 19.28 -4.84
CA LEU C 311 11.89 18.17 -5.78
C LEU C 311 12.53 18.63 -7.09
N LYS C 312 12.18 19.84 -7.53
CA LYS C 312 12.83 20.43 -8.70
C LYS C 312 14.31 20.67 -8.42
N LYS C 313 14.61 21.29 -7.28
CA LYS C 313 15.97 21.63 -6.89
C LYS C 313 16.88 20.41 -6.81
N ILE C 314 16.41 19.32 -6.20
CA ILE C 314 17.24 18.11 -6.10
C ILE C 314 17.12 17.22 -7.35
N GLN C 315 16.36 17.69 -8.33
CA GLN C 315 16.14 17.00 -9.61
C GLN C 315 15.48 15.62 -9.46
N ARG C 316 14.69 15.44 -8.41
CA ARG C 316 13.94 14.19 -8.20
C ARG C 316 12.71 14.16 -9.11
N ALA C 317 12.15 15.33 -9.40
CA ALA C 317 11.08 15.45 -10.38
C ALA C 317 11.44 16.46 -11.45
N GLU C 318 10.89 16.23 -12.64
CA GLU C 318 11.02 17.15 -13.76
C GLU C 318 9.71 17.91 -13.89
N TYR C 319 9.81 19.19 -14.25
CA TYR C 319 8.60 19.99 -14.47
C TYR C 319 8.60 20.55 -15.88
N VAL C 320 7.48 20.35 -16.57
CA VAL C 320 7.29 20.77 -17.96
C VAL C 320 6.07 21.65 -18.02
N THR C 321 5.76 22.16 -19.21
CA THR C 321 4.50 22.89 -19.41
C THR C 321 3.77 22.43 -20.66
N VAL C 322 2.47 22.69 -20.65
CA VAL C 322 1.57 22.38 -21.75
C VAL C 322 0.65 23.59 -21.93
N THR C 323 0.33 23.93 -23.17
CA THR C 323 -0.47 25.13 -23.45
C THR C 323 -1.98 24.87 -23.34
N ASP C 324 -2.75 25.96 -23.35
CA ASP C 324 -4.22 25.91 -23.41
C ASP C 324 -4.68 25.02 -24.58
N GLU C 325 -4.15 25.33 -25.76
CA GLU C 325 -4.46 24.61 -26.99
C GLU C 325 -4.18 23.10 -26.86
N GLU C 326 -3.03 22.74 -26.30
CA GLU C 326 -2.67 21.32 -26.14
C GLU C 326 -3.60 20.60 -25.14
N ALA C 327 -3.95 21.31 -24.07
CA ALA C 327 -4.87 20.77 -23.06
C ALA C 327 -6.26 20.56 -23.64
N LEU C 328 -6.75 21.56 -24.37
CA LEU C 328 -8.07 21.47 -25.00
C LEU C 328 -8.14 20.30 -25.98
N LYS C 329 -7.05 20.10 -26.72
CA LYS C 329 -6.88 18.96 -27.62
C LYS C 329 -6.98 17.62 -26.89
N ALA C 330 -6.26 17.47 -25.79
CA ALA C 330 -6.27 16.23 -25.00
C ALA C 330 -7.64 16.00 -24.33
N PHE C 331 -8.29 17.09 -23.93
CA PHE C 331 -9.66 17.05 -23.43
C PHE C 331 -10.58 16.33 -24.44
N HIS C 332 -10.65 16.86 -25.66
CA HIS C 332 -11.49 16.27 -26.72
C HIS C 332 -11.08 14.84 -27.05
N GLU C 333 -9.76 14.62 -27.16
CA GLU C 333 -9.19 13.32 -27.49
C GLU C 333 -9.54 12.25 -26.47
N LEU C 334 -9.35 12.55 -25.18
CA LEU C 334 -9.68 11.57 -24.15
C LEU C 334 -11.19 11.25 -24.17
N SER C 335 -12.01 12.27 -24.37
CA SER C 335 -13.46 12.10 -24.41
C SER C 335 -13.86 11.12 -25.52
N ARG C 336 -13.29 11.32 -26.70
CA ARG C 336 -13.65 10.57 -27.91
C ARG C 336 -13.10 9.15 -27.95
N THR C 337 -11.95 8.96 -27.31
CA THR C 337 -11.17 7.73 -27.47
C THR C 337 -11.39 6.74 -26.33
N GLU C 338 -11.57 7.25 -25.11
CA GLU C 338 -11.78 6.40 -23.94
C GLU C 338 -13.14 6.60 -23.26
N GLY C 339 -13.93 7.57 -23.74
CA GLY C 339 -15.23 7.86 -23.14
C GLY C 339 -15.15 8.44 -21.75
N ILE C 340 -14.06 9.15 -21.47
CA ILE C 340 -13.85 9.82 -20.19
C ILE C 340 -13.64 11.30 -20.47
N ILE C 341 -14.51 12.14 -19.94
CA ILE C 341 -14.36 13.59 -20.07
C ILE C 341 -13.54 14.08 -18.89
N PRO C 342 -12.28 14.49 -19.13
CA PRO C 342 -11.39 14.93 -18.06
C PRO C 342 -11.61 16.39 -17.69
N ALA C 343 -11.26 16.77 -16.47
CA ALA C 343 -11.14 18.19 -16.11
C ALA C 343 -10.03 18.79 -16.98
N LEU C 344 -10.16 20.06 -17.33
CA LEU C 344 -9.14 20.76 -18.12
C LEU C 344 -7.76 20.76 -17.43
N GLU C 345 -7.75 20.76 -16.10
CA GLU C 345 -6.52 20.68 -15.32
C GLU C 345 -5.82 19.36 -15.63
N SER C 346 -6.56 18.27 -15.45
CA SER C 346 -6.08 16.93 -15.73
C SER C 346 -5.69 16.75 -17.20
N ALA C 347 -6.39 17.45 -18.10
CA ALA C 347 -6.08 17.41 -19.52
C ALA C 347 -4.66 17.87 -19.84
N HIS C 348 -4.10 18.76 -19.03
CA HIS C 348 -2.69 19.14 -19.17
C HIS C 348 -1.78 17.93 -18.98
N ALA C 349 -2.07 17.13 -17.97
CA ALA C 349 -1.29 15.92 -17.69
C ALA C 349 -1.48 14.92 -18.82
N VAL C 350 -2.72 14.72 -19.26
CA VAL C 350 -3.00 13.82 -20.39
C VAL C 350 -2.27 14.28 -21.65
N ALA C 351 -2.34 15.58 -21.95
CA ALA C 351 -1.63 16.14 -23.11
C ALA C 351 -0.15 15.82 -23.10
N TYR C 352 0.51 16.01 -21.96
CA TYR C 352 1.94 15.75 -21.88
C TYR C 352 2.26 14.25 -21.93
N ALA C 353 1.46 13.42 -21.27
CA ALA C 353 1.67 11.98 -21.32
C ALA C 353 1.54 11.45 -22.75
N MET C 354 0.68 12.09 -23.55
CA MET C 354 0.51 11.72 -24.95
C MET C 354 1.75 12.03 -25.77
N LYS C 355 2.36 13.21 -25.57
CA LYS C 355 3.67 13.53 -26.14
C LYS C 355 4.74 12.55 -25.67
N LEU C 356 4.80 12.33 -24.37
CA LEU C 356 5.85 11.52 -23.78
C LEU C 356 5.75 10.05 -24.23
N ALA C 357 4.53 9.54 -24.31
CA ALA C 357 4.29 8.16 -24.72
C ALA C 357 4.83 7.90 -26.12
N LYS C 358 4.67 8.91 -27.00
CA LYS C 358 5.10 8.83 -28.39
C LYS C 358 6.61 8.60 -28.54
N GLU C 359 7.40 9.07 -27.58
CA GLU C 359 8.86 8.89 -27.59
C GLU C 359 9.37 7.81 -26.61
N MET C 360 8.46 7.01 -26.05
CA MET C 360 8.84 5.86 -25.20
C MET C 360 8.37 4.57 -25.87
N SER C 361 8.85 3.43 -25.39
CA SER C 361 8.55 2.14 -26.03
C SER C 361 7.32 1.50 -25.41
N ARG C 362 6.72 0.54 -26.12
CA ARG C 362 5.49 -0.14 -25.68
C ARG C 362 5.73 -0.97 -24.43
N ASP C 363 6.98 -1.36 -24.20
CA ASP C 363 7.41 -2.08 -22.99
C ASP C 363 7.22 -1.24 -21.72
N GLU C 364 7.25 0.09 -21.86
CA GLU C 364 7.29 1.00 -20.73
C GLU C 364 5.90 1.44 -20.30
N ILE C 365 5.84 2.08 -19.11
CA ILE C 365 4.58 2.34 -18.41
C ILE C 365 4.51 3.79 -17.90
N ILE C 366 3.43 4.46 -18.25
CA ILE C 366 3.15 5.80 -17.73
C ILE C 366 1.85 5.76 -16.93
N ILE C 367 1.87 6.33 -15.72
CA ILE C 367 0.63 6.56 -14.98
C ILE C 367 0.36 8.05 -15.01
N VAL C 368 -0.86 8.42 -15.42
CA VAL C 368 -1.31 9.80 -15.44
C VAL C 368 -2.29 9.95 -14.31
N ASN C 369 -2.15 11.01 -13.50
CA ASN C 369 -3.17 11.32 -12.52
C ASN C 369 -4.30 12.10 -13.19
N LEU C 370 -5.43 11.43 -13.41
CA LEU C 370 -6.61 12.14 -13.92
C LEU C 370 -7.31 12.77 -12.73
N SER C 371 -6.88 13.98 -12.38
CA SER C 371 -7.25 14.58 -11.12
C SER C 371 -8.74 14.92 -10.97
N GLY C 372 -9.44 15.12 -12.08
CA GLY C 372 -10.88 15.39 -12.03
C GLY C 372 -11.64 15.12 -13.31
N ARG C 373 -12.96 15.20 -13.23
CA ARG C 373 -13.84 15.10 -14.39
C ARG C 373 -14.13 16.48 -14.98
N GLY C 374 -14.56 16.48 -16.24
CA GLY C 374 -14.75 17.72 -16.98
C GLY C 374 -16.15 18.30 -17.02
N ASP C 375 -17.07 17.77 -16.20
CA ASP C 375 -18.45 18.28 -16.20
C ASP C 375 -18.49 19.78 -15.88
N LYS C 376 -17.63 20.19 -14.96
CA LYS C 376 -17.50 21.60 -14.55
C LYS C 376 -17.00 22.55 -15.66
N ASP C 377 -16.28 21.99 -16.64
CA ASP C 377 -15.62 22.77 -17.70
C ASP C 377 -16.39 22.85 -19.01
N LEU C 378 -17.65 22.42 -19.01
CA LEU C 378 -18.39 22.33 -20.27
C LEU C 378 -18.64 23.70 -20.91
N ASP C 379 -19.01 24.68 -20.10
CA ASP C 379 -19.20 26.06 -20.60
C ASP C 379 -17.92 26.65 -21.20
N ILE C 380 -16.78 26.40 -20.55
CA ILE C 380 -15.50 26.91 -21.06
C ILE C 380 -15.18 26.28 -22.42
N VAL C 381 -15.32 24.96 -22.52
CA VAL C 381 -15.00 24.24 -23.76
C VAL C 381 -16.04 24.55 -24.86
N LEU C 382 -17.23 25.00 -24.47
CA LEU C 382 -18.25 25.44 -25.42
C LEU C 382 -17.80 26.68 -26.21
N LYS C 383 -17.47 27.76 -25.50
CA LYS C 383 -17.14 29.05 -26.10
C LYS C 383 -15.95 28.97 -27.08
N MET D 1 -39.87 -14.05 -21.91
CA MET D 1 -40.67 -13.00 -22.64
C MET D 1 -41.79 -12.44 -21.78
N TRP D 2 -42.39 -13.30 -20.97
CA TRP D 2 -43.55 -12.94 -20.14
C TRP D 2 -43.19 -12.99 -18.67
N PHE D 3 -43.66 -11.99 -17.94
CA PHE D 3 -43.65 -12.01 -16.48
C PHE D 3 -45.12 -12.01 -16.07
N GLY D 4 -45.67 -13.20 -15.91
CA GLY D 4 -47.11 -13.37 -15.78
C GLY D 4 -47.81 -12.85 -17.03
N GLU D 5 -48.73 -11.92 -16.85
CA GLU D 5 -49.51 -11.36 -17.94
C GLU D 5 -48.86 -10.15 -18.64
N PHE D 6 -47.61 -9.86 -18.31
CA PHE D 6 -46.94 -8.65 -18.78
C PHE D 6 -45.65 -8.98 -19.53
N GLY D 7 -45.39 -8.24 -20.61
CA GLY D 7 -44.20 -8.43 -21.40
C GLY D 7 -44.55 -8.60 -22.85
N GLY D 8 -44.02 -9.65 -23.47
CA GLY D 8 -44.28 -9.94 -24.86
C GLY D 8 -43.29 -9.32 -25.82
N GLN D 9 -43.66 -9.33 -27.10
CA GLN D 9 -42.79 -8.90 -28.18
C GLN D 9 -43.66 -8.37 -29.32
N TYR D 10 -44.28 -7.21 -29.09
CA TYR D 10 -45.25 -6.66 -30.03
C TYR D 10 -44.61 -5.70 -31.03
N VAL D 11 -44.03 -6.28 -32.08
CA VAL D 11 -43.27 -5.53 -33.07
C VAL D 11 -43.67 -5.94 -34.48
N PRO D 12 -43.38 -5.08 -35.47
CA PRO D 12 -43.61 -5.46 -36.86
C PRO D 12 -42.75 -6.66 -37.25
N GLU D 13 -43.18 -7.39 -38.28
CA GLU D 13 -42.49 -8.62 -38.69
C GLU D 13 -41.00 -8.43 -38.96
N THR D 14 -40.61 -7.26 -39.48
CA THR D 14 -39.21 -6.98 -39.80
C THR D 14 -38.29 -7.00 -38.57
N LEU D 15 -38.82 -6.71 -37.39
CA LEU D 15 -38.02 -6.69 -36.15
C LEU D 15 -37.96 -8.03 -35.41
N VAL D 16 -38.75 -9.02 -35.82
CA VAL D 16 -38.82 -10.30 -35.11
C VAL D 16 -37.54 -11.13 -35.27
N GLY D 17 -36.98 -11.14 -36.48
CA GLY D 17 -35.70 -11.83 -36.74
C GLY D 17 -34.55 -11.25 -35.94
N PRO D 18 -34.36 -9.92 -36.01
CA PRO D 18 -33.41 -9.19 -35.17
C PRO D 18 -33.49 -9.49 -33.66
N LEU D 19 -34.70 -9.56 -33.12
CA LEU D 19 -34.88 -9.80 -31.68
C LEU D 19 -34.52 -11.23 -31.27
N LYS D 20 -34.76 -12.20 -32.15
CA LYS D 20 -34.38 -13.59 -31.88
C LYS D 20 -32.86 -13.79 -31.99
N GLU D 21 -32.23 -13.10 -32.94
CA GLU D 21 -30.76 -13.09 -33.03
C GLU D 21 -30.12 -12.35 -31.85
N LEU D 22 -30.81 -11.34 -31.32
CA LEU D 22 -30.34 -10.67 -30.10
C LEU D 22 -30.51 -11.62 -28.93
N GLU D 23 -31.68 -12.26 -28.84
CA GLU D 23 -31.94 -13.24 -27.79
C GLU D 23 -30.95 -14.40 -27.83
N LYS D 24 -30.65 -14.89 -29.04
CA LYS D 24 -29.72 -16.01 -29.23
C LYS D 24 -28.31 -15.63 -28.83
N ALA D 25 -27.83 -14.48 -29.32
CA ALA D 25 -26.50 -13.98 -28.96
C ALA D 25 -26.38 -13.67 -27.47
N TYR D 26 -27.45 -13.16 -26.87
CA TYR D 26 -27.45 -12.93 -25.44
C TYR D 26 -27.33 -14.25 -24.67
N LYS D 27 -28.16 -15.23 -25.00
CA LYS D 27 -28.10 -16.55 -24.38
C LYS D 27 -26.71 -17.18 -24.51
N ARG D 28 -26.06 -16.91 -25.64
CA ARG D 28 -24.73 -17.44 -25.91
C ARG D 28 -23.65 -16.75 -25.04
N PHE D 29 -23.72 -15.43 -24.91
CA PHE D 29 -22.64 -14.66 -24.26
C PHE D 29 -22.84 -14.33 -22.77
N LYS D 30 -24.07 -14.40 -22.27
CA LYS D 30 -24.39 -13.98 -20.89
C LYS D 30 -23.66 -14.78 -19.80
N ASP D 31 -23.40 -16.06 -20.06
CA ASP D 31 -22.69 -16.93 -19.12
C ASP D 31 -21.30 -17.32 -19.66
N ASP D 32 -20.85 -16.63 -20.70
CA ASP D 32 -19.55 -16.90 -21.33
C ASP D 32 -18.41 -16.35 -20.46
N GLU D 33 -17.35 -17.12 -20.31
CA GLU D 33 -16.21 -16.76 -19.43
C GLU D 33 -15.56 -15.44 -19.84
N GLU D 34 -15.26 -15.30 -21.12
CA GLU D 34 -14.53 -14.14 -21.64
C GLU D 34 -15.39 -12.87 -21.75
N PHE D 35 -16.68 -13.02 -22.08
CA PHE D 35 -17.59 -11.88 -22.13
C PHE D 35 -17.72 -11.26 -20.74
N ASN D 36 -17.87 -12.11 -19.73
CA ASN D 36 -18.05 -11.66 -18.35
C ASN D 36 -16.76 -11.14 -17.72
N ARG D 37 -15.62 -11.73 -18.08
CA ARG D 37 -14.34 -11.19 -17.65
C ARG D 37 -14.16 -9.77 -18.20
N GLN D 38 -14.46 -9.61 -19.48
CA GLN D 38 -14.35 -8.30 -20.15
C GLN D 38 -15.30 -7.29 -19.55
N LEU D 39 -16.57 -7.67 -19.38
CA LEU D 39 -17.57 -6.80 -18.77
C LEU D 39 -17.17 -6.36 -17.37
N ASN D 40 -16.78 -7.32 -16.53
CA ASN D 40 -16.39 -7.05 -15.14
C ASN D 40 -15.13 -6.16 -15.07
N TYR D 41 -14.23 -6.35 -16.03
CA TYR D 41 -13.02 -5.54 -16.16
C TYR D 41 -13.36 -4.07 -16.47
N TYR D 42 -14.21 -3.85 -17.47
CA TYR D 42 -14.72 -2.50 -17.75
C TYR D 42 -15.46 -1.90 -16.55
N LEU D 43 -16.32 -2.70 -15.92
CA LEU D 43 -17.08 -2.21 -14.77
C LEU D 43 -16.14 -1.78 -13.63
N LYS D 44 -15.07 -2.54 -13.42
CA LYS D 44 -14.13 -2.24 -12.35
C LYS D 44 -13.25 -1.02 -12.65
N THR D 45 -12.46 -1.12 -13.73
CA THR D 45 -11.42 -0.14 -14.02
C THR D 45 -11.93 1.09 -14.76
N TRP D 46 -12.99 0.95 -15.55
CA TRP D 46 -13.50 2.08 -16.34
C TRP D 46 -14.66 2.78 -15.62
N ALA D 47 -15.62 2.01 -15.13
CA ALA D 47 -16.81 2.56 -14.48
C ALA D 47 -16.63 2.80 -12.97
N GLY D 48 -15.69 2.08 -12.37
CA GLY D 48 -15.38 2.25 -10.96
C GLY D 48 -16.19 1.42 -9.98
N ARG D 49 -16.77 0.31 -10.47
CA ARG D 49 -17.50 -0.59 -9.59
C ARG D 49 -16.48 -1.35 -8.74
N PRO D 50 -16.85 -1.75 -7.51
CA PRO D 50 -18.17 -1.55 -6.92
C PRO D 50 -18.36 -0.15 -6.33
N THR D 51 -19.60 0.34 -6.40
CA THR D 51 -19.96 1.59 -5.74
C THR D 51 -20.21 1.29 -4.27
N PRO D 52 -19.94 2.26 -3.39
CA PRO D 52 -20.10 1.97 -1.97
C PRO D 52 -21.56 1.97 -1.52
N LEU D 53 -21.78 1.39 -0.33
CA LEU D 53 -23.04 1.50 0.38
C LEU D 53 -22.78 2.39 1.59
N TYR D 54 -23.45 3.53 1.63
CA TYR D 54 -23.15 4.59 2.56
C TYR D 54 -24.22 4.73 3.63
N TYR D 55 -23.80 4.68 4.90
CA TYR D 55 -24.73 4.94 6.01
C TYR D 55 -24.91 6.45 6.18
N ALA D 56 -26.12 6.93 5.91
CA ALA D 56 -26.46 8.36 6.06
C ALA D 56 -26.82 8.65 7.52
N LYS D 57 -25.77 8.70 8.35
CA LYS D 57 -25.89 8.83 9.80
C LYS D 57 -26.64 10.08 10.26
N ARG D 58 -26.27 11.25 9.72
CA ARG D 58 -26.84 12.52 10.17
C ARG D 58 -28.31 12.63 9.80
N LEU D 59 -28.64 12.21 8.58
CA LEU D 59 -30.02 12.18 8.12
C LEU D 59 -30.82 11.22 8.98
N THR D 60 -30.27 10.02 9.18
CA THR D 60 -30.89 8.99 10.01
C THR D 60 -31.26 9.53 11.38
N GLU D 61 -30.28 10.11 12.06
CA GLU D 61 -30.47 10.60 13.42
C GLU D 61 -31.43 11.79 13.47
N LYS D 62 -31.44 12.61 12.43
CA LYS D 62 -32.34 13.75 12.36
C LYS D 62 -33.80 13.28 12.35
N ILE D 63 -34.07 12.21 11.61
CA ILE D 63 -35.42 11.66 11.50
C ILE D 63 -35.75 10.81 12.74
N GLY D 64 -34.75 10.09 13.25
CA GLY D 64 -34.88 9.40 14.53
C GLY D 64 -35.63 8.08 14.49
N GLY D 65 -35.63 7.44 13.31
CA GLY D 65 -36.19 6.11 13.16
C GLY D 65 -35.16 5.19 12.53
N ALA D 66 -35.56 4.47 11.49
CA ALA D 66 -34.70 3.47 10.86
C ALA D 66 -33.44 4.06 10.22
N LYS D 67 -32.42 3.22 10.12
CA LYS D 67 -31.21 3.55 9.41
C LYS D 67 -31.44 3.67 7.90
N ILE D 68 -30.95 4.75 7.33
CA ILE D 68 -30.98 4.99 5.91
C ILE D 68 -29.58 4.77 5.36
N TYR D 69 -29.45 3.76 4.51
CA TYR D 69 -28.24 3.49 3.75
C TYR D 69 -28.50 3.89 2.31
N LEU D 70 -27.47 4.41 1.65
CA LEU D 70 -27.57 4.82 0.26
C LEU D 70 -26.62 3.99 -0.58
N LYS D 71 -27.18 3.30 -1.58
CA LYS D 71 -26.37 2.63 -2.60
C LYS D 71 -25.92 3.68 -3.63
N ARG D 72 -24.62 3.90 -3.72
CA ARG D 72 -24.09 5.11 -4.35
C ARG D 72 -23.82 4.97 -5.85
N GLU D 73 -24.89 4.74 -6.61
CA GLU D 73 -24.79 4.70 -8.07
C GLU D 73 -24.45 6.07 -8.67
N ASP D 74 -24.69 7.14 -7.91
CA ASP D 74 -24.23 8.48 -8.28
C ASP D 74 -22.73 8.58 -8.58
N LEU D 75 -21.95 7.65 -8.01
CA LEU D 75 -20.48 7.60 -8.18
C LEU D 75 -20.01 6.84 -9.41
N VAL D 76 -20.92 6.13 -10.09
CA VAL D 76 -20.55 5.42 -11.31
C VAL D 76 -20.10 6.43 -12.35
N HIS D 77 -19.08 6.07 -13.14
CA HIS D 77 -18.62 6.88 -14.27
C HIS D 77 -19.79 7.27 -15.15
N GLY D 78 -19.94 8.57 -15.37
CA GLY D 78 -21.11 9.10 -16.07
C GLY D 78 -22.12 9.74 -15.13
N GLY D 79 -22.15 9.28 -13.88
CA GLY D 79 -22.98 9.88 -12.84
C GLY D 79 -24.34 9.24 -12.63
N ALA D 80 -24.58 8.07 -13.21
CA ALA D 80 -25.81 7.31 -12.93
C ALA D 80 -25.64 5.82 -13.19
N HIS D 81 -26.59 5.04 -12.69
CA HIS D 81 -26.62 3.60 -12.92
C HIS D 81 -26.67 3.20 -14.40
N LYS D 82 -27.10 4.10 -15.29
CA LYS D 82 -27.27 3.76 -16.71
C LYS D 82 -26.03 3.14 -17.33
N THR D 83 -24.86 3.58 -16.89
CA THR D 83 -23.60 3.08 -17.43
C THR D 83 -23.44 1.56 -17.34
N ASN D 84 -23.98 0.94 -16.29
CA ASN D 84 -23.91 -0.53 -16.12
C ASN D 84 -24.51 -1.27 -17.32
N ASN D 85 -25.67 -0.79 -17.76
CA ASN D 85 -26.40 -1.41 -18.87
C ASN D 85 -25.76 -1.07 -20.20
N ALA D 86 -25.37 0.20 -20.37
CA ALA D 86 -24.70 0.66 -21.59
C ALA D 86 -23.44 -0.13 -21.89
N ILE D 87 -22.61 -0.35 -20.87
CA ILE D 87 -21.35 -1.09 -21.07
C ILE D 87 -21.60 -2.61 -21.10
N GLY D 88 -22.78 -3.04 -20.68
CA GLY D 88 -23.22 -4.43 -20.87
C GLY D 88 -23.58 -4.70 -22.32
N GLN D 89 -24.46 -3.89 -22.89
CA GLN D 89 -24.98 -4.11 -24.24
C GLN D 89 -24.04 -3.76 -25.39
N ALA D 90 -23.18 -2.77 -25.19
CA ALA D 90 -22.37 -2.26 -26.29
C ALA D 90 -21.35 -3.29 -26.80
N PRO D 91 -20.62 -3.97 -25.90
CA PRO D 91 -19.73 -5.04 -26.36
C PRO D 91 -20.48 -6.25 -26.94
N LEU D 92 -21.71 -6.48 -26.48
CA LEU D 92 -22.56 -7.52 -27.07
C LEU D 92 -22.90 -7.15 -28.52
N ALA D 93 -23.30 -5.91 -28.74
CA ALA D 93 -23.56 -5.40 -30.10
C ALA D 93 -22.35 -5.55 -31.01
N LYS D 94 -21.17 -5.23 -30.48
CA LYS D 94 -19.92 -5.35 -31.24
C LYS D 94 -19.61 -6.80 -31.64
N LEU D 95 -19.85 -7.75 -30.73
CA LEU D 95 -19.66 -9.18 -31.03
C LEU D 95 -20.66 -9.69 -32.07
N MET D 96 -21.82 -9.04 -32.14
CA MET D 96 -22.82 -9.33 -33.16
C MET D 96 -22.49 -8.68 -34.50
N GLY D 97 -21.35 -8.00 -34.58
CA GLY D 97 -20.89 -7.39 -35.83
C GLY D 97 -21.53 -6.06 -36.13
N LYS D 98 -22.15 -5.45 -35.12
CA LYS D 98 -22.80 -4.16 -35.28
C LYS D 98 -21.72 -3.09 -35.18
N THR D 99 -21.88 -2.02 -35.94
CA THR D 99 -20.91 -0.92 -35.95
C THR D 99 -21.46 0.40 -35.40
N ARG D 100 -22.76 0.42 -35.08
CA ARG D 100 -23.46 1.63 -34.69
C ARG D 100 -24.43 1.34 -33.55
N LEU D 101 -24.57 2.31 -32.64
CA LEU D 101 -25.51 2.24 -31.54
C LEU D 101 -26.47 3.40 -31.68
N ILE D 102 -27.76 3.14 -31.47
CA ILE D 102 -28.72 4.21 -31.25
C ILE D 102 -29.38 4.05 -29.89
N ALA D 103 -29.96 5.11 -29.37
CA ALA D 103 -30.63 5.07 -28.09
C ALA D 103 -31.58 6.24 -27.93
N GLU D 104 -32.52 6.10 -26.99
CA GLU D 104 -33.37 7.18 -26.52
C GLU D 104 -32.74 7.81 -25.29
N THR D 105 -33.12 9.03 -24.97
CA THR D 105 -32.80 9.59 -23.66
C THR D 105 -33.74 10.74 -23.28
N GLY D 106 -33.95 10.90 -21.98
CA GLY D 106 -34.77 11.99 -21.42
C GLY D 106 -33.95 12.84 -20.47
N ALA D 107 -33.46 12.21 -19.41
CA ALA D 107 -32.52 12.87 -18.48
C ALA D 107 -31.13 13.06 -19.11
N GLY D 108 -30.87 12.34 -20.21
CA GLY D 108 -29.59 12.44 -20.90
C GLY D 108 -28.53 11.55 -20.30
N GLN D 109 -28.86 10.84 -19.22
CA GLN D 109 -27.88 10.00 -18.54
C GLN D 109 -27.66 8.75 -19.38
N HIS D 110 -28.75 8.22 -19.96
CA HIS D 110 -28.62 7.06 -20.81
C HIS D 110 -27.94 7.43 -22.12
N GLY D 111 -28.30 8.59 -22.67
CA GLY D 111 -27.66 9.11 -23.86
C GLY D 111 -26.15 9.30 -23.68
N VAL D 112 -25.77 9.86 -22.54
CA VAL D 112 -24.36 10.00 -22.18
C VAL D 112 -23.72 8.63 -22.02
N ALA D 113 -24.39 7.74 -21.27
CA ALA D 113 -23.86 6.41 -21.02
C ALA D 113 -23.59 5.67 -22.33
N THR D 114 -24.54 5.73 -23.25
CA THR D 114 -24.42 5.10 -24.56
C THR D 114 -23.27 5.71 -25.36
N ALA D 115 -23.22 7.04 -25.37
CA ALA D 115 -22.15 7.78 -26.01
C ALA D 115 -20.78 7.44 -25.43
N MET D 116 -20.72 7.33 -24.10
CA MET D 116 -19.49 6.90 -23.42
C MET D 116 -19.07 5.52 -23.85
N ALA D 117 -20.01 4.57 -23.78
CA ALA D 117 -19.74 3.18 -24.19
C ALA D 117 -19.28 3.08 -25.64
N GLY D 118 -19.98 3.77 -26.53
CA GLY D 118 -19.61 3.83 -27.95
C GLY D 118 -18.22 4.43 -28.20
N ALA D 119 -17.90 5.49 -27.47
CA ALA D 119 -16.58 6.11 -27.58
C ALA D 119 -15.48 5.10 -27.22
N LEU D 120 -15.69 4.40 -26.10
CA LEU D 120 -14.76 3.39 -25.62
C LEU D 120 -14.49 2.28 -26.63
N LEU D 121 -15.54 1.86 -27.34
CA LEU D 121 -15.46 0.75 -28.28
C LEU D 121 -15.40 1.21 -29.73
N GLY D 122 -15.18 2.50 -29.95
CA GLY D 122 -15.04 3.05 -31.31
C GLY D 122 -16.21 2.76 -32.24
N MET D 123 -17.43 2.80 -31.69
CA MET D 123 -18.63 2.61 -32.50
C MET D 123 -19.29 3.96 -32.72
N LYS D 124 -20.04 4.07 -33.81
CA LYS D 124 -20.82 5.29 -34.07
C LYS D 124 -22.00 5.33 -33.11
N VAL D 125 -22.41 6.54 -32.72
CA VAL D 125 -23.52 6.73 -31.79
C VAL D 125 -24.44 7.85 -32.26
N ASP D 126 -25.72 7.53 -32.41
CA ASP D 126 -26.76 8.54 -32.63
C ASP D 126 -27.79 8.46 -31.52
N ILE D 127 -28.17 9.62 -30.99
CA ILE D 127 -29.01 9.70 -29.80
C ILE D 127 -30.28 10.50 -30.10
N TYR D 128 -31.44 9.88 -29.87
CA TYR D 128 -32.72 10.55 -30.01
C TYR D 128 -33.15 11.13 -28.66
N MET D 129 -33.44 12.42 -28.65
CA MET D 129 -33.76 13.17 -27.44
C MET D 129 -34.92 14.13 -27.69
N GLY D 130 -35.85 14.19 -26.74
CA GLY D 130 -36.95 15.15 -26.81
C GLY D 130 -36.44 16.57 -26.68
N ALA D 131 -36.98 17.49 -27.49
CA ALA D 131 -36.52 18.89 -27.51
C ALA D 131 -36.69 19.59 -26.16
N GLU D 132 -37.70 19.19 -25.39
CA GLU D 132 -37.92 19.73 -24.05
C GLU D 132 -36.80 19.26 -23.12
N ASP D 133 -36.40 17.99 -23.28
CA ASP D 133 -35.29 17.42 -22.50
C ASP D 133 -33.93 18.02 -22.91
N VAL D 134 -33.81 18.36 -24.19
CA VAL D 134 -32.63 19.06 -24.71
C VAL D 134 -32.38 20.33 -23.89
N GLU D 135 -33.45 21.09 -23.61
CA GLU D 135 -33.37 22.29 -22.78
C GLU D 135 -33.25 21.96 -21.28
N ARG D 136 -34.05 20.99 -20.81
CA ARG D 136 -34.05 20.57 -19.39
C ARG D 136 -32.68 20.10 -18.88
N GLN D 137 -31.97 19.35 -19.71
CA GLN D 137 -30.75 18.67 -19.32
C GLN D 137 -29.62 18.99 -20.32
N LYS D 138 -29.43 20.28 -20.58
CA LYS D 138 -28.41 20.78 -21.52
C LYS D 138 -26.98 20.30 -21.21
N MET D 139 -26.66 20.21 -19.92
CA MET D 139 -25.34 19.70 -19.50
C MET D 139 -25.05 18.37 -20.21
N ASN D 140 -26.03 17.46 -20.16
CA ASN D 140 -25.84 16.13 -20.74
C ASN D 140 -25.80 16.16 -22.27
N VAL D 141 -26.51 17.08 -22.90
CA VAL D 141 -26.41 17.28 -24.36
C VAL D 141 -24.97 17.64 -24.74
N PHE D 142 -24.38 18.58 -24.00
CA PHE D 142 -23.00 19.01 -24.26
C PHE D 142 -22.05 17.82 -24.17
N ARG D 143 -22.24 17.00 -23.13
CA ARG D 143 -21.39 15.83 -22.92
C ARG D 143 -21.47 14.83 -24.07
N MET D 144 -22.69 14.54 -24.53
CA MET D 144 -22.89 13.62 -25.65
C MET D 144 -22.12 14.07 -26.88
N LYS D 145 -22.16 15.36 -27.17
CA LYS D 145 -21.44 15.93 -28.31
C LYS D 145 -19.92 15.77 -28.17
N LEU D 146 -19.42 16.02 -26.97
CA LEU D 146 -17.98 15.86 -26.69
C LEU D 146 -17.49 14.42 -26.80
N LEU D 147 -18.37 13.47 -26.53
CA LEU D 147 -18.06 12.06 -26.58
C LEU D 147 -18.05 11.48 -28.01
N GLY D 148 -18.53 12.28 -28.99
CA GLY D 148 -18.55 11.88 -30.39
C GLY D 148 -19.90 11.42 -30.90
N ALA D 149 -20.91 11.40 -30.03
CA ALA D 149 -22.26 11.05 -30.45
C ALA D 149 -22.92 12.21 -31.18
N ASN D 150 -23.92 11.91 -31.99
CA ASN D 150 -24.77 12.93 -32.63
C ASN D 150 -26.12 12.96 -31.95
N VAL D 151 -26.49 14.11 -31.39
CA VAL D 151 -27.79 14.28 -30.73
C VAL D 151 -28.81 14.70 -31.77
N ILE D 152 -29.90 13.95 -31.89
CA ILE D 152 -30.98 14.25 -32.84
C ILE D 152 -32.23 14.67 -32.04
N PRO D 153 -32.54 15.99 -32.03
CA PRO D 153 -33.71 16.47 -31.28
C PRO D 153 -35.04 15.99 -31.87
N VAL D 154 -36.02 15.74 -31.01
CA VAL D 154 -37.35 15.32 -31.44
C VAL D 154 -38.38 16.38 -31.06
N ASN D 155 -39.08 16.91 -32.06
CA ASN D 155 -40.06 17.97 -31.87
C ASN D 155 -41.47 17.41 -31.67
N SER D 156 -41.71 16.22 -32.19
CA SER D 156 -43.06 15.66 -32.28
C SER D 156 -43.64 15.26 -30.92
N GLY D 157 -44.96 15.38 -30.79
CA GLY D 157 -45.67 14.99 -29.57
C GLY D 157 -45.35 15.87 -28.38
N SER D 158 -44.94 15.25 -27.28
CA SER D 158 -44.67 15.96 -26.02
C SER D 158 -43.20 16.38 -25.84
N ARG D 159 -42.36 16.13 -26.85
CA ARG D 159 -40.94 16.53 -26.83
C ARG D 159 -40.16 15.96 -25.64
N THR D 160 -40.52 14.74 -25.23
CA THR D 160 -39.90 14.07 -24.08
C THR D 160 -39.61 12.59 -24.42
N ALA D 161 -39.50 11.73 -23.40
CA ALA D 161 -38.98 10.36 -23.58
C ALA D 161 -39.80 9.49 -24.55
N LYS D 162 -41.12 9.52 -24.41
CA LYS D 162 -42.01 8.72 -25.27
C LYS D 162 -41.74 8.95 -26.76
N ASP D 163 -41.48 10.19 -27.13
CA ASP D 163 -41.29 10.59 -28.52
C ASP D 163 -39.92 10.17 -29.03
N ALA D 164 -38.92 10.24 -28.17
CA ALA D 164 -37.57 9.78 -28.50
C ALA D 164 -37.52 8.28 -28.78
N ILE D 165 -38.29 7.52 -28.01
CA ILE D 165 -38.42 6.07 -28.20
C ILE D 165 -39.11 5.77 -29.54
N ASN D 166 -40.16 6.54 -29.86
CA ASN D 166 -40.88 6.39 -31.14
C ASN D 166 -39.95 6.56 -32.35
N GLU D 167 -39.18 7.64 -32.35
CA GLU D 167 -38.26 7.94 -33.45
C GLU D 167 -37.14 6.91 -33.56
N ALA D 168 -36.64 6.49 -32.40
CA ALA D 168 -35.59 5.46 -32.33
C ALA D 168 -36.06 4.13 -32.92
N LEU D 169 -37.22 3.66 -32.46
CA LEU D 169 -37.79 2.41 -32.95
C LEU D 169 -37.95 2.42 -34.47
N ARG D 170 -38.32 3.58 -35.02
CA ARG D 170 -38.47 3.75 -36.46
C ARG D 170 -37.13 3.74 -37.20
N ASP D 171 -36.07 4.21 -36.53
CA ASP D 171 -34.70 4.15 -37.07
C ASP D 171 -34.22 2.70 -37.13
N TRP D 172 -34.36 1.98 -36.03
CA TRP D 172 -33.86 0.61 -35.93
C TRP D 172 -34.51 -0.34 -36.92
N GLU D 173 -35.83 -0.21 -37.09
CA GLU D 173 -36.57 -0.96 -38.10
C GLU D 173 -35.90 -0.84 -39.46
N ALA D 174 -35.34 0.34 -39.75
CA ALA D 174 -34.65 0.61 -41.01
C ALA D 174 -33.20 0.11 -41.05
N THR D 175 -32.46 0.27 -39.95
CA THR D 175 -31.00 0.08 -39.97
C THR D 175 -30.45 -1.09 -39.15
N PHE D 176 -31.27 -2.12 -38.90
CA PHE D 176 -30.91 -3.18 -37.95
C PHE D 176 -29.72 -4.08 -38.32
N GLU D 177 -29.31 -4.09 -39.60
CA GLU D 177 -28.19 -4.94 -40.04
C GLU D 177 -26.85 -4.59 -39.39
N TYR D 178 -26.60 -3.29 -39.22
CA TYR D 178 -25.36 -2.79 -38.64
C TYR D 178 -25.59 -1.95 -37.38
N THR D 179 -26.85 -1.85 -36.93
CA THR D 179 -27.20 -1.02 -35.78
C THR D 179 -27.88 -1.83 -34.69
N HIS D 180 -27.50 -1.53 -33.45
CA HIS D 180 -28.08 -2.15 -32.27
C HIS D 180 -28.81 -1.05 -31.51
N TYR D 181 -30.10 -1.24 -31.23
CA TYR D 181 -30.85 -0.26 -30.45
C TYR D 181 -30.58 -0.51 -28.98
N LEU D 182 -29.84 0.40 -28.36
CA LEU D 182 -29.45 0.28 -26.96
C LEU D 182 -30.51 0.92 -26.07
N ILE D 183 -31.53 0.14 -25.75
CA ILE D 183 -32.63 0.59 -24.88
C ILE D 183 -32.10 0.75 -23.46
N GLY D 184 -32.49 1.85 -22.83
CA GLY D 184 -31.91 2.28 -21.56
C GLY D 184 -32.65 1.91 -20.30
N SER D 185 -33.76 1.19 -20.42
CA SER D 185 -34.51 0.75 -19.25
C SER D 185 -35.08 -0.65 -19.45
N VAL D 186 -35.77 -1.17 -18.44
CA VAL D 186 -36.31 -2.54 -18.50
C VAL D 186 -37.64 -2.58 -19.27
N VAL D 187 -37.61 -2.01 -20.48
CA VAL D 187 -38.81 -1.77 -21.28
C VAL D 187 -38.56 -2.30 -22.68
N GLY D 188 -39.57 -2.18 -23.53
CA GLY D 188 -39.46 -2.61 -24.92
C GLY D 188 -39.80 -4.07 -25.10
N PRO D 189 -39.67 -4.57 -26.33
CA PRO D 189 -39.95 -5.96 -26.60
C PRO D 189 -38.86 -6.86 -26.01
N HIS D 190 -39.23 -8.09 -25.65
CA HIS D 190 -38.29 -9.14 -25.29
C HIS D 190 -37.22 -9.23 -26.39
N PRO D 191 -35.93 -9.37 -26.04
CA PRO D 191 -35.45 -9.69 -24.71
C PRO D 191 -34.94 -8.52 -23.86
N TYR D 192 -35.32 -7.29 -24.22
CA TYR D 192 -34.72 -6.10 -23.58
C TYR D 192 -35.02 -5.97 -22.08
N PRO D 193 -36.27 -6.15 -21.65
CA PRO D 193 -36.57 -6.07 -20.21
C PRO D 193 -35.76 -7.04 -19.35
N THR D 194 -35.49 -8.24 -19.87
CA THR D 194 -34.66 -9.22 -19.18
C THR D 194 -33.17 -8.81 -19.24
N ILE D 195 -32.70 -8.40 -20.41
CA ILE D 195 -31.29 -8.04 -20.59
C ILE D 195 -30.89 -6.84 -19.71
N VAL D 196 -31.69 -5.79 -19.73
CA VAL D 196 -31.37 -4.59 -18.94
C VAL D 196 -31.36 -4.92 -17.45
N ARG D 197 -32.35 -5.67 -16.99
CA ARG D 197 -32.44 -6.11 -15.59
C ARG D 197 -31.20 -6.91 -15.19
N ASP D 198 -30.77 -7.80 -16.08
CA ASP D 198 -29.58 -8.61 -15.82
C ASP D 198 -28.32 -7.74 -15.69
N PHE D 199 -28.19 -6.74 -16.55
CA PHE D 199 -27.00 -5.88 -16.53
C PHE D 199 -27.03 -4.85 -15.41
N GLN D 200 -28.18 -4.67 -14.76
CA GLN D 200 -28.29 -3.81 -13.59
C GLN D 200 -28.28 -4.57 -12.25
N SER D 201 -28.43 -5.90 -12.31
CA SER D 201 -28.51 -6.73 -11.10
C SER D 201 -27.25 -6.71 -10.25
N VAL D 202 -26.13 -6.30 -10.85
CA VAL D 202 -24.88 -6.07 -10.10
C VAL D 202 -25.10 -5.10 -8.92
N ILE D 203 -26.00 -4.13 -9.09
CA ILE D 203 -26.30 -3.17 -8.01
C ILE D 203 -26.78 -3.90 -6.76
N GLY D 204 -27.79 -4.76 -6.93
CA GLY D 204 -28.34 -5.49 -5.79
C GLY D 204 -27.37 -6.50 -5.21
N ARG D 205 -26.57 -7.13 -6.06
CA ARG D 205 -25.60 -8.12 -5.62
C ARG D 205 -24.54 -7.50 -4.72
N GLU D 206 -24.04 -6.33 -5.14
CA GLU D 206 -23.13 -5.55 -4.31
C GLU D 206 -23.82 -5.10 -3.02
N ALA D 207 -25.02 -4.54 -3.17
CA ALA D 207 -25.77 -4.02 -2.03
C ALA D 207 -26.00 -5.09 -0.97
N LYS D 208 -26.30 -6.32 -1.42
CA LYS D 208 -26.52 -7.45 -0.52
C LYS D 208 -25.25 -7.80 0.25
N ALA D 209 -24.15 -8.00 -0.48
CA ALA D 209 -22.87 -8.28 0.17
C ALA D 209 -22.48 -7.18 1.15
N GLN D 210 -22.71 -5.93 0.76
CA GLN D 210 -22.29 -4.77 1.55
C GLN D 210 -23.10 -4.58 2.83
N ILE D 211 -24.43 -4.74 2.74
CA ILE D 211 -25.27 -4.62 3.93
C ILE D 211 -25.05 -5.78 4.94
N LEU D 212 -24.77 -6.99 4.44
CA LEU D 212 -24.45 -8.13 5.31
C LEU D 212 -23.17 -7.83 6.08
N GLU D 213 -22.21 -7.24 5.38
CA GLU D 213 -20.93 -6.89 5.98
C GLU D 213 -21.06 -5.76 7.00
N ALA D 214 -21.90 -4.76 6.71
CA ALA D 214 -22.04 -3.61 7.62
C ALA D 214 -22.95 -3.87 8.80
N GLU D 215 -24.04 -4.62 8.59
CA GLU D 215 -25.06 -4.82 9.63
C GLU D 215 -25.25 -6.27 10.10
N GLY D 216 -24.66 -7.23 9.39
CA GLY D 216 -24.82 -8.64 9.75
C GLY D 216 -26.19 -9.23 9.44
N GLN D 217 -26.96 -8.55 8.57
CA GLN D 217 -28.29 -9.00 8.20
C GLN D 217 -28.83 -8.28 6.96
N LEU D 218 -29.85 -8.90 6.35
CA LEU D 218 -30.50 -8.34 5.18
C LEU D 218 -31.28 -7.08 5.59
N PRO D 219 -31.55 -6.19 4.63
CA PRO D 219 -32.33 -5.00 4.94
C PRO D 219 -33.81 -5.33 5.14
N ASP D 220 -34.50 -4.48 5.90
CA ASP D 220 -35.94 -4.61 6.10
C ASP D 220 -36.68 -4.10 4.88
N VAL D 221 -36.18 -3.03 4.27
CA VAL D 221 -36.81 -2.42 3.09
C VAL D 221 -35.77 -1.90 2.10
N ILE D 222 -36.04 -2.11 0.82
CA ILE D 222 -35.27 -1.49 -0.26
C ILE D 222 -36.18 -0.52 -1.01
N VAL D 223 -35.70 0.70 -1.21
CA VAL D 223 -36.49 1.77 -1.81
C VAL D 223 -35.75 2.30 -3.04
N ALA D 224 -36.45 2.36 -4.17
CA ALA D 224 -35.84 2.86 -5.41
C ALA D 224 -36.87 3.56 -6.27
N CYS D 225 -36.45 4.61 -6.96
CA CYS D 225 -37.36 5.31 -7.87
C CYS D 225 -37.57 4.46 -9.12
N VAL D 226 -38.75 4.60 -9.70
CA VAL D 226 -39.20 3.80 -10.84
C VAL D 226 -39.66 4.75 -11.95
N GLY D 227 -38.90 4.76 -13.05
CA GLY D 227 -39.34 5.32 -14.31
C GLY D 227 -39.80 4.17 -15.18
N GLY D 228 -38.93 3.73 -16.09
CA GLY D 228 -39.12 2.44 -16.78
C GLY D 228 -38.85 1.27 -15.85
N GLY D 229 -37.96 1.47 -14.88
CA GLY D 229 -37.77 0.52 -13.79
C GLY D 229 -36.42 -0.16 -13.65
N SER D 230 -35.41 0.28 -14.40
CA SER D 230 -34.12 -0.41 -14.42
C SER D 230 -33.31 -0.31 -13.12
N ASN D 231 -33.14 0.89 -12.54
CA ASN D 231 -32.36 0.96 -11.30
C ASN D 231 -33.07 0.20 -10.19
N ALA D 232 -34.41 0.24 -10.19
CA ALA D 232 -35.17 -0.50 -9.20
C ALA D 232 -35.04 -2.02 -9.40
N MET D 233 -35.19 -2.50 -10.63
CA MET D 233 -34.97 -3.93 -10.88
C MET D 233 -33.54 -4.34 -10.54
N GLY D 234 -32.57 -3.48 -10.87
CA GLY D 234 -31.15 -3.78 -10.59
C GLY D 234 -30.90 -4.06 -9.12
N ILE D 235 -31.47 -3.24 -8.25
CA ILE D 235 -31.28 -3.43 -6.81
C ILE D 235 -32.26 -4.46 -6.20
N PHE D 236 -33.49 -4.53 -6.74
CA PHE D 236 -34.50 -5.50 -6.24
C PHE D 236 -34.14 -6.95 -6.52
N TYR D 237 -33.69 -7.23 -7.74
CA TYR D 237 -33.71 -8.60 -8.27
C TYR D 237 -33.02 -9.64 -7.38
N PRO D 238 -31.80 -9.32 -6.90
CA PRO D 238 -31.11 -10.27 -6.02
C PRO D 238 -31.80 -10.53 -4.67
N PHE D 239 -32.73 -9.67 -4.25
CA PHE D 239 -33.48 -9.86 -3.01
C PHE D 239 -34.90 -10.45 -3.21
N VAL D 240 -35.32 -10.67 -4.44
CA VAL D 240 -36.72 -11.12 -4.69
C VAL D 240 -37.06 -12.41 -3.92
N ASN D 241 -36.11 -13.34 -3.83
CA ASN D 241 -36.33 -14.59 -3.10
C ASN D 241 -35.98 -14.51 -1.60
N ASP D 242 -35.56 -13.34 -1.14
CA ASP D 242 -35.47 -13.07 0.29
C ASP D 242 -36.81 -12.49 0.73
N LYS D 243 -37.70 -13.38 1.14
CA LYS D 243 -39.12 -13.06 1.31
C LYS D 243 -39.39 -11.94 2.31
N LYS D 244 -38.58 -11.81 3.35
CA LYS D 244 -38.79 -10.80 4.40
C LYS D 244 -38.26 -9.40 4.04
N VAL D 245 -37.55 -9.28 2.91
CA VAL D 245 -37.11 -7.97 2.42
C VAL D 245 -38.24 -7.30 1.65
N LYS D 246 -38.72 -6.18 2.16
CA LYS D 246 -39.75 -5.39 1.47
C LYS D 246 -39.11 -4.61 0.33
N LEU D 247 -39.82 -4.55 -0.79
CA LEU D 247 -39.36 -3.82 -1.97
C LEU D 247 -40.38 -2.74 -2.27
N VAL D 248 -39.91 -1.50 -2.33
CA VAL D 248 -40.77 -0.34 -2.59
C VAL D 248 -40.24 0.45 -3.77
N GLY D 249 -41.06 0.58 -4.81
CA GLY D 249 -40.75 1.39 -5.96
C GLY D 249 -41.44 2.73 -5.82
N VAL D 250 -40.75 3.80 -6.18
CA VAL D 250 -41.30 5.14 -6.03
C VAL D 250 -41.44 5.77 -7.41
N GLU D 251 -42.69 6.00 -7.80
CA GLU D 251 -43.01 6.64 -9.07
C GLU D 251 -43.16 8.13 -8.88
N ALA D 252 -43.11 8.85 -9.99
CA ALA D 252 -43.26 10.29 -9.96
C ALA D 252 -44.73 10.66 -9.81
N GLY D 253 -45.07 11.27 -8.67
CA GLY D 253 -46.39 11.83 -8.42
C GLY D 253 -46.61 13.20 -9.05
N GLY D 254 -45.54 13.82 -9.55
CA GLY D 254 -45.63 15.07 -10.28
C GLY D 254 -46.25 16.20 -9.48
N LYS D 255 -47.31 16.80 -10.02
CA LYS D 255 -48.05 17.84 -9.32
C LYS D 255 -49.11 17.26 -8.38
N GLY D 256 -49.23 15.94 -8.35
CA GLY D 256 -50.22 15.24 -7.54
C GLY D 256 -50.96 14.23 -8.38
N LEU D 257 -51.34 13.11 -7.77
CA LEU D 257 -52.09 12.08 -8.48
C LEU D 257 -53.42 12.59 -9.05
N GLU D 258 -54.10 13.43 -8.29
CA GLU D 258 -55.40 13.99 -8.69
C GLU D 258 -55.26 15.00 -9.84
N SER D 259 -54.07 15.56 -10.03
CA SER D 259 -53.83 16.53 -11.10
C SER D 259 -53.76 15.91 -12.50
N GLY D 260 -53.51 14.61 -12.60
CA GLY D 260 -53.27 13.99 -13.90
C GLY D 260 -51.89 14.31 -14.49
N LYS D 261 -51.13 15.21 -13.86
CA LYS D 261 -49.79 15.59 -14.30
C LYS D 261 -48.74 14.85 -13.47
N HIS D 262 -48.40 13.63 -13.90
CA HIS D 262 -47.49 12.74 -13.19
C HIS D 262 -47.00 11.65 -14.14
N SER D 263 -46.18 10.72 -13.65
CA SER D 263 -45.70 9.61 -14.47
C SER D 263 -45.86 8.27 -13.75
N ALA D 264 -46.86 8.21 -12.88
CA ALA D 264 -47.12 7.04 -12.06
C ALA D 264 -47.94 6.01 -12.83
N SER D 265 -47.25 5.27 -13.71
CA SER D 265 -47.86 4.26 -14.58
C SER D 265 -48.49 3.10 -13.81
N LEU D 266 -47.77 2.56 -12.85
CA LEU D 266 -48.26 1.45 -12.03
C LEU D 266 -49.44 1.87 -11.16
N ASN D 267 -49.36 3.07 -10.59
CA ASN D 267 -50.44 3.60 -9.74
C ASN D 267 -51.72 3.93 -10.51
N ALA D 268 -51.60 4.63 -11.64
CA ALA D 268 -52.79 5.17 -12.33
C ALA D 268 -52.96 4.75 -13.79
N GLY D 269 -51.98 4.01 -14.32
CA GLY D 269 -52.03 3.59 -15.71
C GLY D 269 -52.94 2.39 -15.92
N GLN D 270 -53.23 2.10 -17.18
CA GLN D 270 -53.97 0.91 -17.54
C GLN D 270 -53.12 0.03 -18.44
N VAL D 271 -53.46 -1.26 -18.45
CA VAL D 271 -52.69 -2.24 -19.18
C VAL D 271 -52.99 -2.12 -20.67
N GLY D 272 -51.92 -2.13 -21.47
CA GLY D 272 -52.03 -2.05 -22.92
C GLY D 272 -50.67 -2.17 -23.59
N VAL D 273 -50.65 -2.20 -24.92
CA VAL D 273 -49.40 -2.35 -25.66
C VAL D 273 -48.79 -0.99 -25.98
N LEU D 274 -47.52 -0.81 -25.64
CA LEU D 274 -46.75 0.38 -25.99
C LEU D 274 -45.27 0.01 -26.14
N HIS D 275 -44.67 0.44 -27.25
CA HIS D 275 -43.24 0.21 -27.49
C HIS D 275 -42.81 -1.24 -27.35
N GLY D 276 -43.59 -2.15 -27.94
CA GLY D 276 -43.23 -3.56 -28.00
C GLY D 276 -43.57 -4.41 -26.78
N MET D 277 -44.19 -3.80 -25.75
CA MET D 277 -44.45 -4.50 -24.51
C MET D 277 -45.89 -4.31 -24.00
N LEU D 278 -46.42 -5.37 -23.37
CA LEU D 278 -47.69 -5.29 -22.66
C LEU D 278 -47.41 -5.00 -21.17
N SER D 279 -47.80 -3.81 -20.74
CA SER D 279 -47.52 -3.33 -19.39
C SER D 279 -48.45 -2.16 -19.10
N TYR D 280 -48.25 -1.48 -17.98
CA TYR D 280 -49.09 -0.34 -17.61
C TYR D 280 -48.61 0.94 -18.28
N PHE D 281 -49.55 1.73 -18.80
CA PHE D 281 -49.23 3.08 -19.23
C PHE D 281 -50.40 4.04 -19.09
N LEU D 282 -50.07 5.32 -18.92
CA LEU D 282 -51.08 6.34 -18.67
C LEU D 282 -51.90 6.60 -19.92
N GLN D 283 -53.22 6.69 -19.75
CA GLN D 283 -54.16 6.86 -20.85
C GLN D 283 -55.15 8.00 -20.61
N ASP D 284 -55.58 8.64 -21.69
CA ASP D 284 -56.53 9.76 -21.61
C ASP D 284 -57.98 9.26 -21.58
N GLU D 285 -58.94 10.19 -21.59
CA GLU D 285 -60.38 9.88 -21.55
C GLU D 285 -60.87 8.97 -22.69
N GLU D 286 -60.23 9.04 -23.85
CA GLU D 286 -60.56 8.18 -25.00
C GLU D 286 -59.70 6.91 -25.12
N GLY D 287 -58.80 6.68 -24.16
CA GLY D 287 -57.99 5.46 -24.11
C GLY D 287 -56.64 5.52 -24.82
N GLN D 288 -56.28 6.68 -25.37
CA GLN D 288 -55.00 6.84 -26.06
C GLN D 288 -53.86 7.05 -25.06
N ILE D 289 -52.62 6.83 -25.51
CA ILE D 289 -51.42 7.17 -24.74
C ILE D 289 -51.49 8.63 -24.28
N LYS D 290 -51.25 8.86 -22.99
CA LYS D 290 -51.38 10.18 -22.39
C LYS D 290 -50.00 10.71 -21.99
N PRO D 291 -49.70 11.98 -22.32
CA PRO D 291 -48.38 12.52 -21.96
C PRO D 291 -48.17 12.61 -20.45
N SER D 292 -46.96 12.33 -20.00
CA SER D 292 -46.64 12.30 -18.57
C SER D 292 -46.02 13.62 -18.11
N HIS D 293 -45.72 13.69 -16.82
CA HIS D 293 -44.98 14.79 -16.25
C HIS D 293 -44.18 14.38 -15.03
N SER D 294 -42.99 14.95 -14.92
CA SER D 294 -42.22 14.93 -13.68
C SER D 294 -41.20 16.06 -13.74
N ILE D 295 -40.90 16.64 -12.59
CA ILE D 295 -39.80 17.58 -12.50
C ILE D 295 -38.48 16.86 -12.83
N ALA D 296 -38.42 15.58 -12.48
CA ALA D 296 -37.25 14.76 -12.75
C ALA D 296 -37.36 14.22 -14.18
N PRO D 297 -36.52 14.70 -15.11
CA PRO D 297 -36.72 14.30 -16.50
C PRO D 297 -36.59 12.80 -16.75
N GLY D 298 -35.80 12.12 -15.92
CA GLY D 298 -35.61 10.68 -16.03
C GLY D 298 -36.84 9.85 -15.74
N LEU D 299 -37.79 10.42 -14.99
CA LEU D 299 -39.05 9.74 -14.66
C LEU D 299 -40.22 10.13 -15.57
N ASP D 300 -39.97 11.03 -16.53
CA ASP D 300 -41.03 11.57 -17.38
C ASP D 300 -41.27 10.64 -18.56
N TYR D 301 -42.04 9.59 -18.32
CA TYR D 301 -42.41 8.59 -19.35
C TYR D 301 -43.73 7.93 -18.96
N PRO D 302 -44.67 7.83 -19.91
CA PRO D 302 -45.99 7.31 -19.53
C PRO D 302 -46.04 5.83 -19.16
N GLY D 303 -45.04 5.06 -19.57
CA GLY D 303 -45.03 3.61 -19.33
C GLY D 303 -44.09 3.11 -18.24
N VAL D 304 -44.12 1.80 -18.03
CA VAL D 304 -43.31 1.15 -17.00
C VAL D 304 -43.00 -0.29 -17.42
N GLY D 305 -41.85 -0.81 -16.97
CA GLY D 305 -41.40 -2.14 -17.37
C GLY D 305 -42.31 -3.27 -16.93
N PRO D 306 -42.47 -4.31 -17.78
CA PRO D 306 -43.40 -5.40 -17.45
C PRO D 306 -43.05 -6.18 -16.16
N GLU D 307 -41.77 -6.28 -15.83
CA GLU D 307 -41.40 -7.01 -14.62
C GLU D 307 -41.89 -6.32 -13.33
N HIS D 308 -41.98 -4.98 -13.32
CA HIS D 308 -42.62 -4.28 -12.19
C HIS D 308 -44.15 -4.50 -12.16
N ALA D 309 -44.78 -4.44 -13.33
CA ALA D 309 -46.21 -4.76 -13.42
C ALA D 309 -46.47 -6.10 -12.76
N TYR D 310 -45.63 -7.09 -13.08
CA TYR D 310 -45.66 -8.43 -12.48
C TYR D 310 -45.42 -8.45 -10.98
N LEU D 311 -44.37 -7.79 -10.53
CA LEU D 311 -44.06 -7.70 -9.09
C LEU D 311 -45.18 -7.04 -8.29
N LYS D 312 -45.82 -6.07 -8.91
CA LYS D 312 -46.98 -5.43 -8.33
C LYS D 312 -48.16 -6.41 -8.28
N LYS D 313 -48.40 -7.10 -9.39
CA LYS D 313 -49.51 -8.05 -9.49
C LYS D 313 -49.45 -9.10 -8.39
N ILE D 314 -48.29 -9.76 -8.27
CA ILE D 314 -48.08 -10.78 -7.22
C ILE D 314 -47.78 -10.20 -5.83
N GLN D 315 -47.83 -8.87 -5.73
CA GLN D 315 -47.66 -8.13 -4.47
C GLN D 315 -46.32 -8.38 -3.78
N ARG D 316 -45.29 -8.68 -4.55
CA ARG D 316 -43.94 -8.87 -4.00
C ARG D 316 -43.32 -7.50 -3.71
N ALA D 317 -43.65 -6.51 -4.54
CA ALA D 317 -43.22 -5.13 -4.31
C ALA D 317 -44.42 -4.17 -4.18
N GLU D 318 -44.24 -3.16 -3.34
CA GLU D 318 -45.22 -2.09 -3.17
C GLU D 318 -44.78 -0.86 -3.96
N TYR D 319 -45.71 -0.22 -4.65
CA TYR D 319 -45.39 0.96 -5.41
C TYR D 319 -46.12 2.17 -4.87
N VAL D 320 -45.38 3.26 -4.70
CA VAL D 320 -45.88 4.48 -4.10
C VAL D 320 -45.55 5.65 -5.02
N THR D 321 -45.99 6.84 -4.66
CA THR D 321 -45.61 8.04 -5.40
C THR D 321 -45.14 9.15 -4.47
N VAL D 322 -44.29 10.01 -5.02
CA VAL D 322 -43.77 11.18 -4.33
C VAL D 322 -43.88 12.34 -5.31
N THR D 323 -44.30 13.50 -4.83
CA THR D 323 -44.53 14.66 -5.71
C THR D 323 -43.24 15.37 -6.07
N ASP D 324 -43.33 16.22 -7.10
CA ASP D 324 -42.25 17.15 -7.45
C ASP D 324 -41.75 17.89 -6.22
N GLU D 325 -42.67 18.45 -5.43
CA GLU D 325 -42.31 19.27 -4.28
C GLU D 325 -41.55 18.45 -3.23
N GLU D 326 -42.00 17.23 -2.98
CA GLU D 326 -41.35 16.36 -2.00
C GLU D 326 -39.95 15.93 -2.48
N ALA D 327 -39.82 15.68 -3.77
CA ALA D 327 -38.52 15.27 -4.33
C ALA D 327 -37.52 16.42 -4.21
N LEU D 328 -37.93 17.61 -4.63
CA LEU D 328 -37.11 18.83 -4.48
C LEU D 328 -36.65 19.02 -3.05
N LYS D 329 -37.57 18.89 -2.11
CA LYS D 329 -37.27 18.96 -0.68
C LYS D 329 -36.16 17.96 -0.30
N ALA D 330 -36.27 16.74 -0.80
CA ALA D 330 -35.29 15.70 -0.53
C ALA D 330 -33.92 16.01 -1.17
N PHE D 331 -33.96 16.61 -2.35
CA PHE D 331 -32.75 17.06 -3.05
C PHE D 331 -31.98 18.05 -2.16
N HIS D 332 -32.69 19.01 -1.58
CA HIS D 332 -32.04 19.97 -0.67
C HIS D 332 -31.54 19.31 0.61
N GLU D 333 -32.37 18.46 1.19
CA GLU D 333 -32.06 17.82 2.47
C GLU D 333 -30.83 16.93 2.43
N LEU D 334 -30.72 16.08 1.40
CA LEU D 334 -29.58 15.19 1.29
C LEU D 334 -28.30 15.99 1.02
N SER D 335 -28.40 17.02 0.18
CA SER D 335 -27.25 17.89 -0.11
C SER D 335 -26.72 18.53 1.18
N ARG D 336 -27.65 19.03 2.00
CA ARG D 336 -27.32 19.77 3.22
C ARG D 336 -26.85 18.89 4.37
N THR D 337 -27.40 17.70 4.48
CA THR D 337 -27.22 16.84 5.65
C THR D 337 -26.07 15.84 5.46
N GLU D 338 -25.85 15.40 4.22
CA GLU D 338 -24.85 14.37 3.93
C GLU D 338 -23.79 14.80 2.90
N GLY D 339 -23.95 15.97 2.29
CA GLY D 339 -22.98 16.47 1.31
C GLY D 339 -23.00 15.66 0.03
N ILE D 340 -24.19 15.17 -0.33
CA ILE D 340 -24.41 14.42 -1.57
C ILE D 340 -25.54 15.07 -2.34
N ILE D 341 -25.24 15.60 -3.52
CA ILE D 341 -26.25 16.20 -4.37
C ILE D 341 -26.83 15.12 -5.27
N PRO D 342 -28.08 14.69 -5.00
CA PRO D 342 -28.67 13.56 -5.72
C PRO D 342 -29.37 13.99 -7.00
N ALA D 343 -29.46 13.08 -7.98
CA ALA D 343 -30.32 13.30 -9.13
C ALA D 343 -31.75 13.48 -8.67
N LEU D 344 -32.52 14.29 -9.39
CA LEU D 344 -33.92 14.53 -9.04
C LEU D 344 -34.74 13.24 -9.07
N GLU D 345 -34.35 12.28 -9.91
CA GLU D 345 -35.00 10.97 -9.98
C GLU D 345 -34.81 10.25 -8.65
N SER D 346 -33.52 10.14 -8.25
CA SER D 346 -33.10 9.53 -7.00
C SER D 346 -33.72 10.18 -5.77
N ALA D 347 -33.89 11.49 -5.84
CA ALA D 347 -34.51 12.27 -4.76
C ALA D 347 -35.95 11.87 -4.47
N HIS D 348 -36.65 11.28 -5.45
CA HIS D 348 -37.99 10.72 -5.18
C HIS D 348 -37.89 9.56 -4.19
N ALA D 349 -36.91 8.67 -4.41
CA ALA D 349 -36.62 7.56 -3.49
C ALA D 349 -36.15 8.05 -2.11
N VAL D 350 -35.29 9.05 -2.09
CA VAL D 350 -34.81 9.60 -0.83
C VAL D 350 -36.00 10.15 -0.05
N ALA D 351 -36.83 10.92 -0.75
CA ALA D 351 -38.05 11.50 -0.15
C ALA D 351 -38.92 10.45 0.52
N TYR D 352 -39.19 9.35 -0.18
CA TYR D 352 -40.05 8.32 0.39
C TYR D 352 -39.38 7.65 1.58
N ALA D 353 -38.09 7.36 1.44
CA ALA D 353 -37.31 6.74 2.51
C ALA D 353 -37.33 7.58 3.78
N MET D 354 -37.33 8.91 3.64
CA MET D 354 -37.38 9.79 4.81
C MET D 354 -38.72 9.69 5.54
N LYS D 355 -39.81 9.65 4.78
CA LYS D 355 -41.14 9.36 5.35
C LYS D 355 -41.15 8.01 6.03
N LEU D 356 -40.73 6.99 5.30
CA LEU D 356 -40.80 5.60 5.78
C LEU D 356 -39.97 5.38 7.05
N ALA D 357 -38.77 5.95 7.08
CA ALA D 357 -37.86 5.80 8.23
C ALA D 357 -38.47 6.31 9.52
N LYS D 358 -39.23 7.41 9.44
CA LYS D 358 -39.85 8.00 10.64
C LYS D 358 -40.83 7.05 11.31
N GLU D 359 -41.52 6.23 10.52
CA GLU D 359 -42.50 5.30 11.08
C GLU D 359 -41.93 3.91 11.35
N MET D 360 -40.61 3.77 11.25
CA MET D 360 -39.93 2.52 11.55
C MET D 360 -39.07 2.70 12.80
N SER D 361 -38.47 1.60 13.25
CA SER D 361 -37.69 1.58 14.50
C SER D 361 -36.19 1.82 14.26
N ARG D 362 -35.53 2.40 15.27
CA ARG D 362 -34.11 2.77 15.18
C ARG D 362 -33.17 1.66 14.69
N ASP D 363 -33.51 0.42 15.05
CA ASP D 363 -32.66 -0.73 14.70
C ASP D 363 -32.83 -1.19 13.24
N GLU D 364 -33.96 -0.85 12.62
CA GLU D 364 -34.30 -1.35 11.28
C GLU D 364 -33.51 -0.66 10.16
N ILE D 365 -33.45 -1.32 9.00
CA ILE D 365 -32.57 -0.92 7.91
C ILE D 365 -33.35 -0.63 6.62
N ILE D 366 -33.13 0.56 6.05
CA ILE D 366 -33.61 0.91 4.70
C ILE D 366 -32.40 1.10 3.78
N ILE D 367 -32.43 0.49 2.60
CA ILE D 367 -31.46 0.80 1.55
C ILE D 367 -32.19 1.57 0.44
N VAL D 368 -31.68 2.75 0.15
CA VAL D 368 -32.18 3.57 -0.93
C VAL D 368 -31.20 3.48 -2.08
N ASN D 369 -31.71 3.25 -3.29
CA ASN D 369 -30.83 3.26 -4.46
C ASN D 369 -30.65 4.71 -4.89
N LEU D 370 -29.46 5.27 -4.65
CA LEU D 370 -29.18 6.63 -5.12
C LEU D 370 -28.69 6.51 -6.55
N SER D 371 -29.65 6.50 -7.46
CA SER D 371 -29.43 6.12 -8.86
C SER D 371 -28.51 7.05 -9.65
N GLY D 372 -28.48 8.34 -9.33
CA GLY D 372 -27.51 9.24 -9.96
C GLY D 372 -27.18 10.47 -9.13
N ARG D 373 -26.21 11.26 -9.60
CA ARG D 373 -25.86 12.56 -9.00
C ARG D 373 -26.65 13.68 -9.67
N GLY D 374 -26.81 14.80 -8.98
CA GLY D 374 -27.69 15.88 -9.42
C GLY D 374 -27.07 17.09 -10.11
N ASP D 375 -25.84 16.98 -10.60
CA ASP D 375 -25.21 18.08 -11.33
C ASP D 375 -26.09 18.54 -12.49
N LYS D 376 -26.68 17.55 -13.17
CA LYS D 376 -27.54 17.79 -14.32
C LYS D 376 -28.82 18.58 -14.01
N ASP D 377 -29.24 18.59 -12.74
CA ASP D 377 -30.53 19.19 -12.33
C ASP D 377 -30.43 20.54 -11.62
N LEU D 378 -29.22 21.11 -11.56
CA LEU D 378 -28.99 22.34 -10.81
C LEU D 378 -29.81 23.51 -11.34
N ASP D 379 -29.87 23.66 -12.67
CA ASP D 379 -30.72 24.68 -13.30
C ASP D 379 -32.20 24.46 -13.00
N ILE D 380 -32.64 23.20 -13.06
CA ILE D 380 -34.03 22.86 -12.72
C ILE D 380 -34.33 23.30 -11.30
N VAL D 381 -33.46 22.91 -10.37
CA VAL D 381 -33.70 23.20 -8.95
C VAL D 381 -33.68 24.71 -8.69
N LEU D 382 -32.76 25.41 -9.35
CA LEU D 382 -32.67 26.86 -9.28
C LEU D 382 -33.98 27.54 -9.71
N LYS D 383 -34.52 27.11 -10.86
CA LYS D 383 -35.77 27.67 -11.40
C LYS D 383 -36.95 27.42 -10.46
N ALA D 384 -36.97 26.26 -9.80
CA ALA D 384 -37.99 25.95 -8.81
C ALA D 384 -38.02 26.97 -7.66
N SER D 385 -36.90 27.18 -6.99
CA SER D 385 -36.82 28.21 -5.95
C SER D 385 -36.53 29.57 -6.57
NA NA E . 35.91 0.80 25.44
NA NA F . 15.59 -4.44 3.54
OAL FEV G . 30.04 -0.26 17.04
PAK FEV G . 31.43 -0.48 17.83
OAN FEV G . 32.59 -0.26 16.95
OAM FEV G . 31.37 0.56 19.06
OAJ FEV G . 31.40 -1.97 18.45
CAI FEV G . 30.52 -2.32 19.49
CAA FEV G . 29.60 -3.27 18.94
CAB FEV G . 28.25 -2.91 18.87
NAC FEV G . 27.29 -3.79 18.35
CAD FEV G . 27.63 -5.02 17.91
CAH FEV G . 26.64 -5.86 17.41
CAE FEV G . 28.97 -5.39 17.99
OAG FEV G . 29.31 -6.64 17.56
CAF FEV G . 29.98 -4.54 18.50
CAO FEV G . 31.32 -4.96 18.56
NAP FEV G . 31.74 -6.12 18.00
CAQ FEV G . 33.03 -6.55 18.08
CAR FEV G . 33.38 -7.87 17.36
OAU FEV G . 32.49 -8.50 16.74
OAT FEV G . 34.53 -8.33 17.40
CAS FEV G . 34.13 -5.78 18.84
CAV FEV G . 35.55 -6.31 18.92
CAW FEV G . 36.41 -5.15 19.45
NA NA H . 6.14 -33.08 3.92
NA NA I . 1.15 28.09 -10.52
P PO4 J . -10.20 26.03 -7.11
O1 PO4 J . -9.89 27.46 -7.49
O2 PO4 J . -8.96 25.19 -7.32
O3 PO4 J . -10.61 25.97 -5.67
O4 PO4 J . -11.32 25.52 -7.98
NA NA K . -43.65 5.85 -15.92
NA NA L . -15.35 2.50 -6.20
OAL FEV M . -36.47 3.58 -13.75
PAK FEV M . -34.99 3.74 -14.40
OAN FEV M . -34.94 2.79 -15.69
OAM FEV M . -33.95 3.34 -13.43
OAJ FEV M . -34.87 5.25 -14.93
CAI FEV M . -35.16 6.35 -14.10
CAA FEV M . -33.94 7.01 -13.81
CAB FEV M . -33.44 6.96 -12.50
NAC FEV M . -32.24 7.62 -12.15
CAD FEV M . -31.54 8.32 -13.05
CAH FEV M . -30.36 8.95 -12.64
CAE FEV M . -32.03 8.38 -14.36
OAG FEV M . -31.31 9.09 -15.27
CAF FEV M . -33.22 7.74 -14.75
CAO FEV M . -33.68 7.84 -16.06
NAP FEV M . -32.88 8.26 -17.05
CAQ FEV M . -33.32 8.34 -18.33
CAR FEV M . -32.29 8.82 -19.35
OAU FEV M . -32.59 8.94 -20.56
OAT FEV M . -31.13 9.14 -18.98
CAS FEV M . -34.75 7.96 -18.78
CAV FEV M . -35.17 8.08 -20.23
CAW FEV M . -36.60 7.55 -20.29
#